data_9CD3
#
_entry.id   9CD3
#
_cell.length_a   1.00
_cell.length_b   1.00
_cell.length_c   1.00
_cell.angle_alpha   90.00
_cell.angle_beta   90.00
_cell.angle_gamma   90.00
#
_symmetry.space_group_name_H-M   'P 1'
#
loop_
_entity.id
_entity.type
_entity.pdbx_description
1 polymer 'Phosphoketolase family protein'
2 non-polymer 'THIAMINE DIPHOSPHATE'
#
_entity_poly.entity_id   1
_entity_poly.type   'polypeptide(L)'
_entity_poly.pdbx_seq_one_letter_code
;MWSHPQFEKGGSGNSGQNLENIKKFIRAANYLTVSQIFLQDNFLLERPLTFEDIKPRLLGHWGSCPGVNWVYAHLLNIQK
QLEFAKSGLKAAFMLGPGHAFPALQANLFMEETLSKVDKKATRNAQGIEYISKNFSWPGGFPSSASPFTPGVILEGGELG
YSLSTAFGAILDNPNLVMTTLIGDGEAETGSIAAAWHLSKLIDPVKNGVVLPVLHLNGYKISGPTIFGSMSDFELIQFFH
GAGWEPKIVDEYSAEDFDLELSNAFSNAFRDISRIKFGRNSKFIRLPMIIMRSKKGSSGVKENNGQKIEGNSLAHQVPLL
KAKTDKNELEKLENWMKSYKFDELFDYERGEFKWWINDFLPENSSRIGRNRFVDANLNFKELKLPEITEGFGEKSLAMNA
VGSLLEKVFEKNPDNFRFFSPDETYSNKLDAIFEATSRSWQREIKPWEKDLAKNGRVTEILSENCLQGLLQGYILTGRYG
VLTSYEAFAPVISSMMDQYAKFLAQSKEVKWRGDLASLNYILTSTGWRQDHNGFNHQNPSFIDEVLRRENGIGQIFLPAD
DNSAVAAISKMLKTRNNINVLVAGKTPEPRYFSLESAQKQLENGGIFVFDSWKNQKITDWDSISEDDEPDLILAASGDYV
FKETVAALQVLLHDVAQVKIRLVYIQALCGKGIGTFENTLSKSDFVKIFTKDKPVIFAFHGYAKTLKSILFDYENPARIQ
INGYEEKGSTTTPFDMLARNKVSRYDITVRALKSVSEGDKVFGSLVKEYRKRQDDALRFAQENSVDAPEIENWDYLRFF
;
_entity_poly.pdbx_strand_id   A,B
#
loop_
_chem_comp.id
_chem_comp.type
_chem_comp.name
_chem_comp.formula
TPP non-polymer 'THIAMINE DIPHOSPHATE' 'C12 H19 N4 O7 P2 S 1'
#
# COMPACT_ATOMS: atom_id res chain seq x y z
N SER A 15 29.17 40.02 3.82
CA SER A 15 28.75 39.22 2.69
C SER A 15 29.92 38.93 1.76
N GLY A 16 30.80 39.92 1.58
CA GLY A 16 31.96 39.72 0.73
C GLY A 16 32.90 38.66 1.25
N GLN A 17 33.14 38.66 2.56
CA GLN A 17 34.00 37.62 3.15
C GLN A 17 33.27 36.30 3.30
N ASN A 18 31.93 36.34 3.41
CA ASN A 18 31.17 35.11 3.68
C ASN A 18 31.17 34.17 2.48
N LEU A 19 31.13 34.71 1.27
CA LEU A 19 31.02 33.87 0.08
C LEU A 19 32.24 32.97 -0.07
N GLU A 20 33.43 33.50 0.19
CA GLU A 20 34.64 32.69 0.14
C GLU A 20 34.60 31.56 1.18
N ASN A 21 34.09 31.86 2.38
CA ASN A 21 34.00 30.83 3.40
C ASN A 21 33.01 29.74 2.99
N ILE A 22 31.89 30.12 2.37
CA ILE A 22 30.94 29.12 1.87
C ILE A 22 31.59 28.26 0.80
N LYS A 23 32.35 28.89 -0.10
CA LYS A 23 33.03 28.12 -1.15
C LYS A 23 34.03 27.14 -0.56
N LYS A 24 34.80 27.58 0.44
CA LYS A 24 35.74 26.68 1.10
C LYS A 24 35.03 25.53 1.78
N PHE A 25 33.90 25.82 2.44
CA PHE A 25 33.13 24.76 3.08
C PHE A 25 32.64 23.73 2.07
N ILE A 26 32.13 24.20 0.94
CA ILE A 26 31.63 23.29 -0.09
C ILE A 26 32.77 22.45 -0.66
N ARG A 27 33.92 23.08 -0.90
CA ARG A 27 35.07 22.34 -1.41
C ARG A 27 35.50 21.24 -0.45
N ALA A 28 35.57 21.57 0.84
CA ALA A 28 35.97 20.56 1.83
C ALA A 28 34.95 19.43 1.90
N ALA A 29 33.66 19.76 1.86
CA ALA A 29 32.62 18.73 1.91
C ALA A 29 32.71 17.81 0.70
N ASN A 30 32.94 18.38 -0.50
CA ASN A 30 33.08 17.56 -1.69
C ASN A 30 34.28 16.64 -1.60
N TYR A 31 35.42 17.17 -1.13
CA TYR A 31 36.61 16.35 -0.98
C TYR A 31 36.36 15.19 -0.02
N LEU A 32 35.72 15.47 1.12
CA LEU A 32 35.46 14.41 2.09
C LEU A 32 34.48 13.38 1.53
N THR A 33 33.48 13.82 0.75
CA THR A 33 32.55 12.88 0.14
C THR A 33 33.28 11.93 -0.80
N VAL A 34 34.15 12.47 -1.66
CA VAL A 34 34.90 11.62 -2.58
C VAL A 34 35.81 10.67 -1.81
N SER A 35 36.45 11.17 -0.74
CA SER A 35 37.30 10.32 0.07
C SER A 35 36.52 9.15 0.65
N GLN A 36 35.34 9.42 1.22
CA GLN A 36 34.52 8.36 1.77
C GLN A 36 34.11 7.35 0.71
N ILE A 37 33.75 7.84 -0.49
CA ILE A 37 33.30 6.93 -1.54
C ILE A 37 34.42 6.00 -1.97
N PHE A 38 35.63 6.53 -2.16
CA PHE A 38 36.68 5.77 -2.83
C PHE A 38 37.78 5.23 -1.92
N LEU A 39 38.40 6.07 -1.10
CA LEU A 39 39.71 5.73 -0.55
C LEU A 39 39.60 4.79 0.65
N GLN A 40 40.62 3.93 0.79
CA GLN A 40 40.84 3.14 1.99
C GLN A 40 42.19 3.45 2.65
N ASP A 41 43.02 4.26 2.01
CA ASP A 41 44.32 4.66 2.54
C ASP A 41 44.76 5.91 1.78
N ASN A 42 45.76 6.60 2.34
CA ASN A 42 46.34 7.80 1.74
C ASN A 42 45.27 8.87 1.50
N PHE A 43 44.53 9.18 2.55
CA PHE A 43 43.38 10.08 2.41
C PHE A 43 43.82 11.51 2.12
N LEU A 44 44.97 11.92 2.67
CA LEU A 44 45.45 13.29 2.49
C LEU A 44 46.21 13.48 1.19
N LEU A 45 46.47 12.41 0.45
CA LEU A 45 47.15 12.46 -0.85
C LEU A 45 48.56 13.07 -0.71
N GLU A 46 49.36 12.46 0.16
CA GLU A 46 50.76 12.85 0.28
C GLU A 46 51.62 12.16 -0.78
N ARG A 47 51.60 10.84 -0.80
CA ARG A 47 52.26 10.06 -1.83
C ARG A 47 51.30 9.81 -2.99
N PRO A 48 51.82 9.58 -4.19
CA PRO A 48 50.94 9.37 -5.35
C PRO A 48 50.02 8.17 -5.16
N LEU A 49 48.81 8.29 -5.71
CA LEU A 49 47.81 7.25 -5.56
C LEU A 49 48.20 6.00 -6.33
N THR A 50 47.98 4.83 -5.72
CA THR A 50 48.26 3.55 -6.35
C THR A 50 47.03 2.65 -6.33
N PHE A 51 47.18 1.42 -6.80
CA PHE A 51 46.08 0.46 -6.81
C PHE A 51 45.76 -0.08 -5.43
N GLU A 52 46.63 0.10 -4.45
CA GLU A 52 46.41 -0.43 -3.11
C GLU A 52 45.62 0.50 -2.21
N ASP A 53 45.34 1.73 -2.67
CA ASP A 53 44.59 2.71 -1.89
C ASP A 53 43.15 2.84 -2.35
N ILE A 54 42.59 1.79 -2.94
CA ILE A 54 41.22 1.79 -3.45
C ILE A 54 40.46 0.66 -2.77
N LYS A 55 39.20 0.92 -2.43
CA LYS A 55 38.40 -0.08 -1.73
C LYS A 55 38.21 -1.32 -2.60
N PRO A 56 38.24 -2.52 -2.02
CA PRO A 56 38.01 -3.74 -2.83
C PRO A 56 36.60 -3.81 -3.41
N ARG A 57 35.63 -3.11 -2.83
CA ARG A 57 34.27 -3.08 -3.34
C ARG A 57 33.77 -1.65 -3.27
N LEU A 58 33.56 -1.04 -4.43
CA LEU A 58 33.08 0.34 -4.49
C LEU A 58 31.57 0.34 -4.38
N LEU A 59 31.04 1.03 -3.37
CA LEU A 59 29.62 1.15 -3.15
C LEU A 59 29.29 2.60 -2.83
N GLY A 60 28.07 3.00 -3.15
CA GLY A 60 27.59 4.33 -2.85
C GLY A 60 27.04 5.03 -4.08
N HIS A 61 26.69 6.30 -3.88
CA HIS A 61 26.10 7.14 -4.92
C HIS A 61 26.78 8.51 -4.88
N TRP A 62 26.84 9.18 -6.03
CA TRP A 62 27.51 10.46 -6.13
C TRP A 62 26.70 11.54 -6.83
N GLY A 63 25.70 11.17 -7.63
CA GLY A 63 25.07 12.15 -8.50
C GLY A 63 24.42 13.30 -7.75
N SER A 64 23.73 13.00 -6.66
CA SER A 64 22.99 14.01 -5.90
C SER A 64 23.81 14.63 -4.77
N CYS A 65 25.01 14.12 -4.50
CA CYS A 65 25.79 14.62 -3.37
C CYS A 65 26.14 16.10 -3.46
N PRO A 66 26.55 16.67 -4.61
CA PRO A 66 26.92 18.10 -4.61
C PRO A 66 25.82 19.05 -4.18
N GLY A 67 24.55 18.73 -4.44
CA GLY A 67 23.47 19.62 -4.03
C GLY A 67 23.32 19.72 -2.52
N VAL A 68 23.49 18.59 -1.83
CA VAL A 68 23.37 18.57 -0.38
C VAL A 68 24.38 19.50 0.26
N ASN A 69 25.61 19.50 -0.25
CA ASN A 69 26.64 20.37 0.30
C ASN A 69 26.28 21.84 0.14
N TRP A 70 25.79 22.21 -1.05
CA TRP A 70 25.35 23.58 -1.28
C TRP A 70 24.27 23.99 -0.29
N VAL A 71 23.24 23.15 -0.17
CA VAL A 71 22.12 23.49 0.70
C VAL A 71 22.58 23.63 2.15
N TYR A 72 23.39 22.68 2.63
CA TYR A 72 23.82 22.71 4.01
C TYR A 72 24.69 23.93 4.31
N ALA A 73 25.63 24.26 3.41
CA ALA A 73 26.49 25.41 3.65
C ALA A 73 25.69 26.70 3.67
N HIS A 74 24.76 26.86 2.72
CA HIS A 74 23.97 28.09 2.71
C HIS A 74 23.04 28.16 3.93
N LEU A 75 22.52 27.02 4.39
CA LEU A 75 21.71 27.02 5.60
C LEU A 75 22.53 27.41 6.82
N LEU A 76 23.78 26.94 6.90
CA LEU A 76 24.65 27.33 8.01
C LEU A 76 24.92 28.83 8.01
N ASN A 77 25.19 29.39 6.82
CA ASN A 77 25.40 30.84 6.73
C ASN A 77 24.15 31.61 7.16
N ILE A 78 22.98 31.15 6.72
CA ILE A 78 21.74 31.81 7.07
C ILE A 78 21.50 31.74 8.59
N GLN A 79 21.79 30.58 9.19
CA GLN A 79 21.59 30.43 10.63
C GLN A 79 22.52 31.36 11.41
N LYS A 80 23.77 31.49 10.97
CA LYS A 80 24.68 32.41 11.64
C LYS A 80 24.18 33.85 11.52
N GLN A 81 23.70 34.23 10.34
CA GLN A 81 23.15 35.57 10.18
C GLN A 81 21.93 35.80 11.06
N LEU A 82 21.05 34.79 11.17
CA LEU A 82 19.87 34.92 12.02
C LEU A 82 20.26 35.06 13.49
N GLU A 83 21.23 34.26 13.94
CA GLU A 83 21.70 34.37 15.31
C GLU A 83 22.32 35.73 15.59
N PHE A 84 22.97 36.35 14.59
CA PHE A 84 23.55 37.67 14.79
C PHE A 84 22.48 38.72 15.10
N ALA A 85 21.31 38.62 14.46
CA ALA A 85 20.29 39.67 14.52
C ALA A 85 19.25 39.42 15.62
N LYS A 86 19.59 38.64 16.64
CA LYS A 86 18.71 38.37 17.78
C LYS A 86 17.33 37.90 17.33
N SER A 87 17.31 36.74 16.69
CA SER A 87 16.08 36.10 16.26
C SER A 87 15.96 34.71 16.87
N GLY A 88 14.73 34.28 17.12
CA GLY A 88 14.48 33.02 17.77
C GLY A 88 14.24 31.85 16.83
N LEU A 89 14.41 32.08 15.53
CA LEU A 89 14.16 31.05 14.53
C LEU A 89 15.33 30.07 14.50
N LYS A 90 15.03 28.78 14.51
CA LYS A 90 16.04 27.73 14.44
C LYS A 90 15.74 26.82 13.25
N ALA A 91 16.75 26.58 12.42
CA ALA A 91 16.58 25.83 11.18
C ALA A 91 17.10 24.40 11.35
N ALA A 92 16.43 23.47 10.67
CA ALA A 92 16.82 22.06 10.66
C ALA A 92 16.97 21.61 9.21
N PHE A 93 17.42 20.37 9.03
CA PHE A 93 17.65 19.82 7.71
C PHE A 93 16.98 18.46 7.58
N MET A 94 16.34 18.24 6.44
CA MET A 94 15.65 16.99 6.14
C MET A 94 16.17 16.44 4.81
N LEU A 95 16.64 15.20 4.82
CA LEU A 95 17.25 14.59 3.65
C LEU A 95 16.27 13.60 3.03
N GLY A 96 15.68 13.98 1.90
CA GLY A 96 14.80 13.12 1.15
C GLY A 96 15.52 12.02 0.40
N PRO A 97 16.49 12.39 -0.44
CA PRO A 97 17.31 11.38 -1.11
C PRO A 97 18.29 10.70 -0.15
N GLY A 98 17.81 9.68 0.56
CA GLY A 98 18.61 8.99 1.56
C GLY A 98 19.84 8.29 1.02
N HIS A 99 19.97 8.18 -0.30
CA HIS A 99 21.17 7.59 -0.89
C HIS A 99 22.33 8.58 -0.98
N ALA A 100 22.12 9.84 -0.62
CA ALA A 100 23.17 10.85 -0.55
C ALA A 100 23.76 10.98 0.86
N PHE A 101 23.78 9.88 1.62
CA PHE A 101 24.25 9.91 3.00
C PHE A 101 25.68 10.42 3.17
N PRO A 102 26.67 10.04 2.36
CA PRO A 102 28.05 10.52 2.62
C PRO A 102 28.18 12.03 2.66
N ALA A 103 27.44 12.76 1.84
CA ALA A 103 27.48 14.23 1.91
C ALA A 103 26.98 14.73 3.26
N LEU A 104 25.90 14.14 3.77
CA LEU A 104 25.39 14.52 5.08
C LEU A 104 26.38 14.18 6.18
N GLN A 105 27.02 13.02 6.08
CA GLN A 105 28.03 12.64 7.07
C GLN A 105 29.20 13.61 7.07
N ALA A 106 29.65 14.03 5.88
CA ALA A 106 30.72 15.00 5.78
C ALA A 106 30.31 16.34 6.38
N ASN A 107 29.07 16.76 6.13
CA ASN A 107 28.62 18.04 6.68
C ASN A 107 28.51 18.00 8.20
N LEU A 108 28.06 16.87 8.75
CA LEU A 108 27.97 16.75 10.21
C LEU A 108 29.35 16.64 10.84
N PHE A 109 30.30 16.04 10.13
CA PHE A 109 31.65 15.88 10.68
C PHE A 109 32.37 17.22 10.79
N MET A 110 32.12 18.12 9.84
CA MET A 110 32.81 19.41 9.87
C MET A 110 32.33 20.28 11.01
N GLU A 111 31.18 19.95 11.60
CA GLU A 111 30.76 20.52 12.87
C GLU A 111 31.27 19.61 13.98
N GLU A 112 30.81 19.84 15.21
CA GLU A 112 31.14 18.94 16.30
C GLU A 112 29.99 18.00 16.63
N THR A 113 28.96 17.96 15.78
CA THR A 113 27.80 17.12 16.06
C THR A 113 28.18 15.65 16.12
N LEU A 114 28.99 15.19 15.17
CA LEU A 114 29.41 13.80 15.18
C LEU A 114 30.29 13.49 16.38
N SER A 115 31.17 14.42 16.76
CA SER A 115 32.06 14.19 17.89
C SER A 115 31.30 14.18 19.21
N LYS A 116 30.14 14.84 19.28
CA LYS A 116 29.35 14.79 20.50
C LYS A 116 28.78 13.40 20.76
N VAL A 117 28.68 12.55 19.74
CA VAL A 117 28.14 11.21 19.90
C VAL A 117 29.23 10.15 19.85
N ASP A 118 30.15 10.21 18.90
CA ASP A 118 31.26 9.27 18.80
C ASP A 118 32.56 10.02 19.05
N LYS A 119 33.37 9.49 19.97
CA LYS A 119 34.59 10.18 20.36
C LYS A 119 35.67 10.10 19.29
N LYS A 120 35.67 9.04 18.48
CA LYS A 120 36.69 8.87 17.45
C LYS A 120 36.48 9.78 16.24
N ALA A 121 35.35 10.49 16.17
CA ALA A 121 35.04 11.33 15.02
C ALA A 121 35.43 12.79 15.24
N THR A 122 36.50 13.03 15.99
CA THR A 122 36.98 14.39 16.21
C THR A 122 37.47 14.99 14.90
N ARG A 123 37.42 16.32 14.82
CA ARG A 123 37.73 17.03 13.58
C ARG A 123 39.25 17.16 13.42
N ASN A 124 39.89 16.03 13.16
CA ASN A 124 41.32 15.98 12.87
C ASN A 124 41.58 14.85 11.89
N ALA A 125 42.87 14.54 11.69
CA ALA A 125 43.26 13.53 10.71
C ALA A 125 42.76 12.15 11.11
N GLN A 126 42.82 11.83 12.40
CA GLN A 126 42.32 10.54 12.86
C GLN A 126 40.84 10.38 12.56
N GLY A 127 40.05 11.41 12.81
CA GLY A 127 38.64 11.36 12.49
C GLY A 127 38.38 11.29 11.00
N ILE A 128 39.19 12.02 10.21
CA ILE A 128 39.05 11.97 8.76
C ILE A 128 39.24 10.54 8.26
N GLU A 129 40.31 9.88 8.71
CA GLU A 129 40.55 8.49 8.31
C GLU A 129 39.44 7.58 8.81
N TYR A 130 38.97 7.82 10.05
CA TYR A 130 37.95 6.96 10.64
C TYR A 130 36.64 7.02 9.85
N ILE A 131 36.24 8.21 9.43
CA ILE A 131 34.97 8.34 8.71
C ILE A 131 35.14 7.93 7.24
N SER A 132 36.33 8.11 6.68
CA SER A 132 36.53 7.76 5.28
C SER A 132 36.59 6.25 5.09
N LYS A 133 37.33 5.56 5.95
CA LYS A 133 37.53 4.12 5.76
C LYS A 133 36.27 3.33 6.10
N ASN A 134 35.50 3.76 7.09
CA ASN A 134 34.39 2.96 7.62
C ASN A 134 33.08 3.19 6.89
N PHE A 135 33.05 4.02 5.86
CA PHE A 135 31.82 4.20 5.08
C PHE A 135 31.56 2.94 4.25
N SER A 136 30.36 2.38 4.41
CA SER A 136 29.90 1.18 3.72
C SER A 136 30.72 -0.05 4.06
N TRP A 137 31.64 0.04 5.01
CA TRP A 137 32.44 -1.11 5.43
C TRP A 137 31.59 -2.04 6.29
N PRO A 138 31.81 -3.34 6.20
CA PRO A 138 31.13 -4.27 7.11
C PRO A 138 31.50 -3.98 8.56
N GLY A 139 30.49 -3.69 9.37
CA GLY A 139 30.71 -3.29 10.74
C GLY A 139 30.93 -1.81 10.95
N GLY A 140 30.90 -1.01 9.89
CA GLY A 140 31.07 0.42 10.01
C GLY A 140 29.79 1.20 9.80
N PHE A 141 29.89 2.39 9.22
CA PHE A 141 28.70 3.17 8.95
C PHE A 141 27.94 2.58 7.76
N PRO A 142 26.61 2.67 7.77
CA PRO A 142 25.82 2.20 6.63
C PRO A 142 25.94 3.15 5.45
N SER A 143 25.32 2.77 4.34
CA SER A 143 25.36 3.56 3.12
C SER A 143 24.21 4.55 2.99
N SER A 144 23.24 4.52 3.90
CA SER A 144 22.08 5.39 3.84
C SER A 144 21.76 5.91 5.23
N ALA A 145 20.88 6.90 5.28
CA ALA A 145 20.49 7.52 6.55
C ALA A 145 19.80 6.49 7.44
N SER A 146 20.03 6.61 8.75
CA SER A 146 19.58 5.62 9.71
C SER A 146 19.44 6.23 11.10
N PRO A 147 18.86 5.53 12.07
CA PRO A 147 18.81 6.08 13.44
C PRO A 147 20.17 6.32 14.06
N PHE A 148 21.24 5.76 13.50
CA PHE A 148 22.58 5.99 14.03
C PHE A 148 23.11 7.38 13.72
N THR A 149 22.42 8.16 12.91
CA THR A 149 22.89 9.50 12.59
C THR A 149 22.14 10.53 13.41
N PRO A 150 22.83 11.41 14.12
CA PRO A 150 22.14 12.43 14.93
C PRO A 150 21.33 13.38 14.07
N GLY A 151 20.18 13.81 14.60
CA GLY A 151 19.33 14.74 13.91
C GLY A 151 18.53 14.16 12.75
N VAL A 152 18.30 12.85 12.75
CA VAL A 152 17.64 12.17 11.64
C VAL A 152 16.33 11.59 12.16
N ILE A 153 15.24 11.87 11.43
CA ILE A 153 13.94 11.25 11.71
C ILE A 153 13.37 10.50 10.52
N LEU A 154 13.79 10.79 9.30
CA LEU A 154 13.26 10.13 8.10
C LEU A 154 14.35 9.27 7.49
N GLU A 155 14.05 7.98 7.31
CA GLU A 155 15.04 7.06 6.76
C GLU A 155 15.32 7.36 5.29
N GLY A 156 14.27 7.50 4.49
CA GLY A 156 14.41 7.86 3.10
C GLY A 156 14.70 6.72 2.15
N GLY A 157 14.71 5.47 2.62
CA GLY A 157 14.97 4.36 1.73
C GLY A 157 13.90 4.19 0.66
N GLU A 158 12.64 4.24 1.07
CA GLU A 158 11.51 4.23 0.14
C GLU A 158 11.13 5.67 -0.16
N LEU A 159 11.23 6.06 -1.42
CA LEU A 159 11.10 7.46 -1.79
C LEU A 159 9.70 7.98 -1.51
N GLY A 160 9.61 9.27 -1.24
CA GLY A 160 8.37 9.89 -0.80
C GLY A 160 8.35 10.07 0.70
N TYR A 161 7.22 10.58 1.18
CA TYR A 161 6.85 10.76 2.58
C TYR A 161 7.61 11.91 3.25
N SER A 162 8.59 12.52 2.58
CA SER A 162 9.42 13.52 3.24
C SER A 162 8.62 14.79 3.53
N LEU A 163 7.83 15.25 2.56
CA LEU A 163 7.06 16.47 2.75
C LEU A 163 6.01 16.29 3.85
N SER A 164 5.33 15.13 3.86
CA SER A 164 4.33 14.87 4.90
C SER A 164 4.98 14.78 6.27
N THR A 165 6.13 14.12 6.38
CA THR A 165 6.81 14.04 7.66
C THR A 165 7.27 15.42 8.13
N ALA A 166 7.74 16.25 7.19
CA ALA A 166 8.15 17.61 7.56
C ALA A 166 6.96 18.42 8.06
N PHE A 167 5.81 18.29 7.40
CA PHE A 167 4.63 19.00 7.87
C PHE A 167 4.17 18.47 9.22
N GLY A 168 4.40 17.20 9.49
CA GLY A 168 4.05 16.65 10.80
C GLY A 168 5.02 17.08 11.89
N ALA A 169 6.24 17.44 11.50
CA ALA A 169 7.24 17.85 12.50
C ALA A 169 6.91 19.23 13.07
N ILE A 170 6.54 20.19 12.22
CA ILE A 170 6.16 21.51 12.71
C ILE A 170 4.67 21.62 13.01
N LEU A 171 4.27 21.10 14.18
CA LEU A 171 2.87 21.13 14.56
C LEU A 171 2.61 21.84 15.88
N ASP A 172 3.61 21.97 16.75
CA ASP A 172 3.49 22.83 17.93
C ASP A 172 4.78 23.60 18.18
N ASN A 173 5.63 23.74 17.18
CA ASN A 173 6.91 24.44 17.30
C ASN A 173 6.90 25.68 16.43
N PRO A 174 6.41 26.81 16.94
CA PRO A 174 6.34 28.02 16.11
C PRO A 174 7.70 28.58 15.69
N ASN A 175 8.79 28.17 16.35
CA ASN A 175 10.11 28.70 16.07
C ASN A 175 11.01 27.72 15.32
N LEU A 176 10.43 26.68 14.72
CA LEU A 176 11.19 25.70 13.96
C LEU A 176 10.90 25.88 12.46
N VAL A 177 11.97 26.00 11.68
CA VAL A 177 11.88 26.08 10.22
C VAL A 177 12.56 24.83 9.67
N MET A 178 11.78 23.95 9.04
CA MET A 178 12.28 22.68 8.54
C MET A 178 12.52 22.80 7.03
N THR A 179 13.77 22.60 6.62
CA THR A 179 14.14 22.62 5.21
C THR A 179 14.30 21.18 4.73
N THR A 180 13.47 20.80 3.76
CA THR A 180 13.42 19.43 3.25
C THR A 180 13.80 19.43 1.78
N LEU A 181 14.68 18.50 1.40
CA LEU A 181 15.19 18.38 0.05
C LEU A 181 14.49 17.22 -0.66
N ILE A 182 13.89 17.52 -1.81
CA ILE A 182 13.09 16.55 -2.57
C ILE A 182 13.70 16.40 -3.95
N GLY A 183 13.92 15.15 -4.37
CA GLY A 183 14.41 14.91 -5.72
C GLY A 183 13.31 15.02 -6.77
N ASP A 184 13.73 15.26 -8.01
CA ASP A 184 12.76 15.41 -9.09
C ASP A 184 12.08 14.09 -9.43
N GLY A 185 12.83 12.98 -9.38
CA GLY A 185 12.21 11.68 -9.54
C GLY A 185 11.29 11.32 -8.39
N GLU A 186 11.67 11.70 -7.17
CA GLU A 186 10.83 11.45 -6.01
C GLU A 186 9.53 12.24 -6.09
N ALA A 187 9.55 13.41 -6.74
CA ALA A 187 8.35 14.23 -6.85
C ALA A 187 7.27 13.59 -7.72
N GLU A 188 7.58 12.51 -8.45
CA GLU A 188 6.61 11.84 -9.28
C GLU A 188 5.73 10.87 -8.51
N THR A 189 6.03 10.61 -7.24
CA THR A 189 5.23 9.69 -6.45
C THR A 189 3.92 10.34 -6.01
N GLY A 190 2.91 9.50 -5.80
CA GLY A 190 1.61 10.01 -5.37
C GLY A 190 1.66 10.65 -3.99
N SER A 191 2.48 10.10 -3.10
CA SER A 191 2.59 10.65 -1.75
C SER A 191 3.10 12.09 -1.79
N ILE A 192 4.13 12.34 -2.59
CA ILE A 192 4.64 13.70 -2.73
C ILE A 192 3.63 14.57 -3.48
N ALA A 193 2.95 14.01 -4.49
CA ALA A 193 2.02 14.79 -5.29
C ALA A 193 0.84 15.29 -4.46
N ALA A 194 0.35 14.46 -3.54
CA ALA A 194 -0.79 14.86 -2.71
C ALA A 194 -0.40 15.85 -1.63
N ALA A 195 0.84 15.81 -1.15
CA ALA A 195 1.23 16.57 0.03
C ALA A 195 1.42 18.06 -0.25
N TRP A 196 1.38 18.48 -1.52
CA TRP A 196 1.56 19.90 -1.83
C TRP A 196 0.40 20.76 -1.34
N HIS A 197 -0.74 20.15 -1.04
CA HIS A 197 -1.92 20.88 -0.56
C HIS A 197 -2.03 20.91 0.95
N LEU A 198 -1.04 20.38 1.68
CA LEU A 198 -1.12 20.33 3.13
C LEU A 198 -1.04 21.71 3.77
N SER A 199 -0.66 22.74 3.02
CA SER A 199 -0.57 24.08 3.58
C SER A 199 -1.93 24.73 3.77
N LYS A 200 -3.00 24.11 3.28
CA LYS A 200 -4.36 24.63 3.44
C LYS A 200 -5.02 24.18 4.73
N LEU A 201 -4.34 23.36 5.54
CA LEU A 201 -4.90 22.87 6.78
C LEU A 201 -4.07 23.21 8.01
N ILE A 202 -2.87 23.74 7.85
CA ILE A 202 -1.96 24.01 8.96
C ILE A 202 -1.69 25.51 9.02
N ASP A 203 -1.85 26.09 10.22
CA ASP A 203 -1.56 27.50 10.42
C ASP A 203 -0.07 27.68 10.69
N PRO A 204 0.65 28.45 9.88
CA PRO A 204 2.10 28.54 10.05
C PRO A 204 2.53 29.43 11.21
N VAL A 205 1.65 30.37 11.59
CA VAL A 205 2.02 31.35 12.61
C VAL A 205 2.19 30.68 13.98
N LYS A 206 1.36 29.70 14.28
CA LYS A 206 1.37 29.03 15.58
C LYS A 206 2.00 27.64 15.54
N ASN A 207 2.53 27.21 14.40
CA ASN A 207 3.01 25.84 14.27
C ASN A 207 4.37 25.71 13.59
N GLY A 208 4.87 26.74 12.92
CA GLY A 208 6.13 26.65 12.21
C GLY A 208 5.94 26.67 10.70
N VAL A 209 7.08 26.70 10.00
CA VAL A 209 7.10 26.83 8.55
C VAL A 209 7.91 25.68 7.96
N VAL A 210 7.45 25.20 6.80
CA VAL A 210 8.16 24.20 6.02
C VAL A 210 8.72 24.88 4.78
N LEU A 211 10.03 24.71 4.54
CA LEU A 211 10.69 25.28 3.38
C LEU A 211 11.19 24.15 2.48
N PRO A 212 10.50 23.81 1.40
CA PRO A 212 10.94 22.70 0.55
C PRO A 212 11.86 23.15 -0.57
N VAL A 213 12.88 22.32 -0.83
CA VAL A 213 13.84 22.55 -1.91
C VAL A 213 13.72 21.39 -2.90
N LEU A 214 13.45 21.73 -4.16
CA LEU A 214 13.30 20.75 -5.22
C LEU A 214 14.64 20.62 -5.95
N HIS A 215 15.28 19.46 -5.82
CA HIS A 215 16.57 19.21 -6.45
C HIS A 215 16.31 18.75 -7.88
N LEU A 216 16.32 19.70 -8.80
CA LEU A 216 16.01 19.44 -10.20
C LEU A 216 17.31 19.21 -10.98
N ASN A 217 17.93 18.07 -10.71
CA ASN A 217 19.12 17.68 -11.46
C ASN A 217 18.79 17.07 -12.81
N GLY A 218 17.54 16.68 -13.03
CA GLY A 218 17.06 16.32 -14.34
C GLY A 218 17.05 14.84 -14.69
N TYR A 219 17.49 13.97 -13.80
CA TYR A 219 17.62 12.56 -14.15
C TYR A 219 17.28 11.66 -12.97
N LYS A 220 16.62 10.56 -13.28
CA LYS A 220 16.43 9.43 -12.39
C LYS A 220 17.65 8.51 -12.53
N ILE A 221 17.52 7.25 -12.06
CA ILE A 221 18.61 6.29 -12.18
C ILE A 221 19.14 6.23 -13.61
N SER A 222 18.25 5.96 -14.57
CA SER A 222 18.68 5.69 -15.94
C SER A 222 17.78 6.39 -16.95
N GLY A 223 17.43 7.65 -16.71
CA GLY A 223 16.64 8.40 -17.65
C GLY A 223 16.20 9.76 -17.15
N PRO A 224 15.63 10.56 -18.04
CA PRO A 224 15.17 11.91 -17.65
C PRO A 224 13.91 11.84 -16.79
N THR A 225 13.58 12.98 -16.20
CA THR A 225 12.48 13.11 -15.27
C THR A 225 11.31 13.87 -15.88
N ILE A 226 10.13 13.66 -15.30
CA ILE A 226 8.94 14.37 -15.76
C ILE A 226 9.09 15.86 -15.51
N PHE A 227 9.56 16.24 -14.32
CA PHE A 227 9.67 17.65 -13.97
C PHE A 227 10.84 18.33 -14.69
N GLY A 228 11.87 17.55 -15.07
CA GLY A 228 12.98 18.12 -15.81
C GLY A 228 12.63 18.48 -17.23
N SER A 229 11.59 17.86 -17.80
CA SER A 229 11.17 18.15 -19.16
C SER A 229 10.29 19.39 -19.26
N MET A 230 9.74 19.88 -18.16
CA MET A 230 8.90 21.06 -18.19
C MET A 230 9.75 22.32 -18.26
N SER A 231 9.11 23.41 -18.68
CA SER A 231 9.78 24.69 -18.78
C SER A 231 9.57 25.51 -17.51
N ASP A 232 10.23 26.67 -17.48
CA ASP A 232 10.09 27.57 -16.33
C ASP A 232 8.65 28.05 -16.19
N PHE A 233 8.01 28.39 -17.31
CA PHE A 233 6.62 28.84 -17.27
C PHE A 233 5.72 27.76 -16.71
N GLU A 234 5.89 26.51 -17.17
CA GLU A 234 5.08 25.40 -16.67
C GLU A 234 5.32 25.18 -15.18
N LEU A 235 6.59 25.21 -14.73
CA LEU A 235 6.88 24.98 -13.33
C LEU A 235 6.25 26.05 -12.44
N ILE A 236 6.40 27.32 -12.86
CA ILE A 236 5.83 28.41 -12.07
C ILE A 236 4.31 28.32 -12.03
N GLN A 237 3.69 28.03 -13.17
CA GLN A 237 2.24 27.93 -13.22
C GLN A 237 1.74 26.78 -12.34
N PHE A 238 2.43 25.64 -12.38
CA PHE A 238 1.99 24.48 -11.60
C PHE A 238 2.14 24.74 -10.11
N PHE A 239 3.30 25.21 -9.68
CA PHE A 239 3.53 25.38 -8.25
C PHE A 239 2.80 26.59 -7.68
N HIS A 240 2.50 27.60 -8.51
CA HIS A 240 1.62 28.67 -8.07
C HIS A 240 0.16 28.22 -8.02
N GLY A 241 -0.18 27.12 -8.70
CA GLY A 241 -1.53 26.61 -8.62
C GLY A 241 -1.88 26.10 -7.24
N ALA A 242 -0.90 25.51 -6.56
CA ALA A 242 -1.04 25.18 -5.15
C ALA A 242 -0.75 26.43 -4.32
N GLY A 243 -0.67 26.28 -3.01
CA GLY A 243 -0.43 27.43 -2.15
C GLY A 243 1.04 27.67 -1.88
N TRP A 244 1.82 27.97 -2.91
CA TRP A 244 3.25 28.12 -2.78
C TRP A 244 3.73 29.27 -3.65
N GLU A 245 4.92 29.77 -3.32
CA GLU A 245 5.56 30.87 -4.04
C GLU A 245 6.96 30.41 -4.44
N PRO A 246 7.09 29.82 -5.63
CA PRO A 246 8.37 29.22 -6.00
C PRO A 246 9.33 30.20 -6.65
N LYS A 247 10.62 29.94 -6.43
CA LYS A 247 11.71 30.66 -7.07
C LYS A 247 12.68 29.66 -7.67
N ILE A 248 13.25 30.01 -8.82
CA ILE A 248 14.06 29.10 -9.62
C ILE A 248 15.47 29.66 -9.73
N VAL A 249 16.46 28.83 -9.39
CA VAL A 249 17.87 29.12 -9.62
C VAL A 249 18.47 27.96 -10.40
N ASP A 250 19.18 28.28 -11.48
CA ASP A 250 19.74 27.26 -12.36
C ASP A 250 21.22 27.50 -12.59
N GLU A 251 21.99 26.41 -12.58
CA GLU A 251 23.43 26.48 -12.77
C GLU A 251 23.84 26.74 -14.21
N TYR A 252 22.94 26.50 -15.17
CA TYR A 252 23.32 26.57 -16.58
C TYR A 252 23.55 28.01 -17.04
N SER A 253 22.69 28.94 -16.62
CA SER A 253 22.69 30.29 -17.15
C SER A 253 23.09 31.35 -16.12
N ALA A 254 23.55 30.94 -14.94
CA ALA A 254 23.88 31.86 -13.87
C ALA A 254 25.38 32.15 -13.88
N GLU A 255 25.74 33.43 -13.74
CA GLU A 255 27.15 33.79 -13.62
C GLU A 255 27.72 33.36 -12.27
N ASP A 256 26.99 33.59 -11.18
CA ASP A 256 27.43 33.24 -9.84
C ASP A 256 26.31 32.44 -9.17
N PHE A 257 26.42 31.10 -9.29
CA PHE A 257 25.40 30.22 -8.72
C PHE A 257 25.33 30.36 -7.21
N ASP A 258 26.47 30.45 -6.54
CA ASP A 258 26.48 30.61 -5.09
C ASP A 258 25.84 31.93 -4.66
N LEU A 259 26.12 33.00 -5.40
CA LEU A 259 25.50 34.29 -5.09
C LEU A 259 23.99 34.22 -5.24
N GLU A 260 23.50 33.62 -6.33
CA GLU A 260 22.06 33.49 -6.50
C GLU A 260 21.44 32.63 -5.41
N LEU A 261 22.11 31.54 -5.02
CA LEU A 261 21.59 30.69 -3.96
C LEU A 261 21.49 31.44 -2.63
N SER A 262 22.53 32.22 -2.30
CA SER A 262 22.51 32.99 -1.07
C SER A 262 21.39 34.03 -1.08
N ASN A 263 21.21 34.72 -2.22
CA ASN A 263 20.13 35.69 -2.32
C ASN A 263 18.76 35.03 -2.14
N ALA A 264 18.56 33.88 -2.77
CA ALA A 264 17.28 33.19 -2.67
C ALA A 264 16.99 32.76 -1.23
N PHE A 265 17.99 32.18 -0.56
CA PHE A 265 17.79 31.74 0.81
C PHE A 265 17.51 32.93 1.74
N SER A 266 18.25 34.03 1.56
CA SER A 266 18.03 35.19 2.40
C SER A 266 16.64 35.77 2.20
N ASN A 267 16.19 35.87 0.95
CA ASN A 267 14.84 36.39 0.69
C ASN A 267 13.77 35.48 1.27
N ALA A 268 13.94 34.16 1.14
CA ALA A 268 12.96 33.23 1.69
C ALA A 268 12.86 33.38 3.21
N PHE A 269 14.01 33.48 3.89
CA PHE A 269 13.97 33.58 5.34
C PHE A 269 13.43 34.94 5.79
N ARG A 270 13.71 36.01 5.05
CA ARG A 270 13.13 37.30 5.37
C ARG A 270 11.61 37.25 5.26
N ASP A 271 11.10 36.62 4.21
CA ASP A 271 9.65 36.48 4.06
C ASP A 271 9.06 35.64 5.17
N ILE A 272 9.75 34.57 5.56
CA ILE A 272 9.26 33.73 6.65
C ILE A 272 9.16 34.54 7.94
N SER A 273 10.19 35.31 8.25
CA SER A 273 10.16 36.12 9.46
C SER A 273 9.06 37.16 9.42
N ARG A 274 8.89 37.83 8.28
CA ARG A 274 7.85 38.84 8.15
C ARG A 274 6.46 38.23 8.35
N ILE A 275 6.19 37.11 7.70
CA ILE A 275 4.89 36.46 7.84
C ILE A 275 4.67 36.02 9.28
N LYS A 276 5.70 35.46 9.91
CA LYS A 276 5.56 34.94 11.26
C LYS A 276 5.29 36.04 12.26
N PHE A 277 5.99 37.18 12.14
CA PHE A 277 5.97 38.18 13.19
C PHE A 277 5.14 39.42 12.86
N GLY A 278 4.52 39.50 11.69
CA GLY A 278 3.71 40.67 11.42
C GLY A 278 2.23 40.55 11.71
N ARG A 279 1.56 39.56 11.11
CA ARG A 279 0.11 39.48 11.11
C ARG A 279 -0.29 38.23 10.32
N ASN A 280 -1.54 37.82 10.50
CA ASN A 280 -2.14 36.78 9.66
C ASN A 280 -3.65 36.92 9.72
N SER A 281 -4.28 37.07 8.55
CA SER A 281 -5.72 37.16 8.44
C SER A 281 -6.31 36.08 7.56
N LYS A 282 -5.80 35.92 6.35
CA LYS A 282 -6.32 34.98 5.35
C LYS A 282 -5.28 33.88 5.10
N PHE A 283 -5.57 33.06 4.09
CA PHE A 283 -4.64 31.99 3.71
C PHE A 283 -3.29 32.57 3.32
N ILE A 284 -2.23 31.86 3.68
CA ILE A 284 -0.86 32.35 3.54
C ILE A 284 -0.10 31.43 2.58
N ARG A 285 0.58 32.03 1.60
CA ARG A 285 1.37 31.29 0.62
C ARG A 285 2.82 31.28 1.07
N LEU A 286 3.37 30.08 1.27
CA LEU A 286 4.73 29.91 1.74
C LEU A 286 5.69 29.80 0.55
N PRO A 287 6.93 30.25 0.71
CA PRO A 287 7.89 30.18 -0.39
C PRO A 287 8.58 28.83 -0.47
N MET A 288 9.09 28.54 -1.66
CA MET A 288 9.83 27.31 -1.92
C MET A 288 10.89 27.60 -2.97
N ILE A 289 11.88 26.71 -3.04
CA ILE A 289 13.05 26.91 -3.89
C ILE A 289 13.18 25.74 -4.85
N ILE A 290 13.35 26.05 -6.13
CA ILE A 290 13.63 25.06 -7.17
C ILE A 290 15.07 25.27 -7.63
N MET A 291 15.88 24.23 -7.51
CA MET A 291 17.30 24.29 -7.84
C MET A 291 17.59 23.38 -9.02
N ARG A 292 18.08 23.97 -10.11
CA ARG A 292 18.42 23.23 -11.33
C ARG A 292 19.94 23.21 -11.48
N SER A 293 20.49 22.01 -11.60
CA SER A 293 21.94 21.83 -11.67
C SER A 293 22.24 20.59 -12.50
N LYS A 294 23.51 20.45 -12.88
CA LYS A 294 23.98 19.29 -13.63
C LYS A 294 24.26 18.16 -12.65
N LYS A 295 23.71 16.98 -12.94
CA LYS A 295 23.89 15.84 -12.05
C LYS A 295 25.36 15.44 -11.99
N GLY A 296 25.84 15.21 -10.76
CA GLY A 296 27.24 14.87 -10.56
C GLY A 296 28.22 15.97 -10.90
N SER A 297 27.87 17.22 -10.58
CA SER A 297 28.72 18.35 -10.91
C SER A 297 30.04 18.26 -10.16
N SER A 298 31.08 18.85 -10.77
CA SER A 298 32.46 18.93 -10.28
C SER A 298 33.18 17.57 -10.31
N GLY A 299 32.55 16.52 -10.81
CA GLY A 299 33.17 15.23 -10.91
C GLY A 299 33.80 14.98 -12.27
N VAL A 300 33.94 13.70 -12.62
CA VAL A 300 34.47 13.34 -13.92
C VAL A 300 33.47 13.73 -15.01
N LYS A 301 33.99 14.20 -16.14
CA LYS A 301 33.15 14.67 -17.23
C LYS A 301 32.83 13.59 -18.24
N GLU A 302 33.84 12.87 -18.72
CA GLU A 302 33.64 11.84 -19.73
C GLU A 302 34.49 10.62 -19.38
N ASN A 303 34.02 9.46 -19.83
CA ASN A 303 34.77 8.22 -19.68
C ASN A 303 34.36 7.31 -20.84
N ASN A 304 35.32 7.02 -21.72
CA ASN A 304 35.06 6.31 -22.97
C ASN A 304 34.05 7.04 -23.85
N GLY A 305 34.06 8.38 -23.79
CA GLY A 305 33.15 9.19 -24.57
C GLY A 305 31.69 8.94 -24.27
N GLN A 306 31.35 8.84 -22.98
CA GLN A 306 30.00 8.49 -22.57
C GLN A 306 29.29 9.58 -21.77
N LYS A 307 29.94 10.72 -21.53
CA LYS A 307 29.29 11.87 -20.89
C LYS A 307 28.74 11.52 -19.50
N ILE A 308 29.69 11.24 -18.59
CA ILE A 308 29.31 10.91 -17.22
C ILE A 308 28.57 12.07 -16.57
N GLU A 309 29.23 13.23 -16.47
CA GLU A 309 28.63 14.38 -15.81
C GLU A 309 27.45 14.92 -16.63
N GLY A 310 26.44 15.41 -15.93
CA GLY A 310 25.26 15.93 -16.59
C GLY A 310 24.38 14.87 -17.22
N ASN A 311 24.41 13.65 -16.71
CA ASN A 311 23.70 12.53 -17.31
C ASN A 311 23.34 11.54 -16.22
N SER A 312 22.43 10.62 -16.54
CA SER A 312 21.98 9.62 -15.58
C SER A 312 23.08 8.64 -15.19
N LEU A 313 24.20 8.61 -15.92
CA LEU A 313 25.26 7.67 -15.61
C LEU A 313 26.09 8.08 -14.39
N ALA A 314 25.86 9.27 -13.85
CA ALA A 314 26.55 9.73 -12.65
C ALA A 314 25.84 9.32 -11.36
N HIS A 315 24.74 8.57 -11.46
CA HIS A 315 23.95 8.21 -10.29
C HIS A 315 24.77 7.39 -9.30
N GLN A 316 25.31 6.27 -9.75
CA GLN A 316 26.12 5.40 -8.91
C GLN A 316 27.60 5.80 -9.08
N VAL A 317 28.51 4.95 -8.62
CA VAL A 317 29.95 5.19 -8.73
C VAL A 317 30.32 5.39 -10.20
N PRO A 318 31.00 6.49 -10.55
CA PRO A 318 31.32 6.73 -11.96
C PRO A 318 32.45 5.85 -12.49
N LEU A 319 33.48 5.60 -11.69
CA LEU A 319 34.65 4.84 -12.12
C LEU A 319 34.62 3.48 -11.43
N LEU A 320 34.14 2.46 -12.16
CA LEU A 320 33.96 1.14 -11.59
C LEU A 320 35.22 0.30 -11.54
N LYS A 321 36.26 0.68 -12.27
CA LYS A 321 37.46 -0.14 -12.40
C LYS A 321 38.73 0.60 -11.98
N ALA A 322 38.61 1.57 -11.07
CA ALA A 322 39.78 2.35 -10.66
C ALA A 322 40.83 1.51 -9.96
N LYS A 323 40.48 0.31 -9.49
CA LYS A 323 41.43 -0.57 -8.84
C LYS A 323 42.14 -1.51 -9.81
N THR A 324 41.78 -1.48 -11.09
CA THR A 324 42.43 -2.33 -12.08
C THR A 324 42.81 -1.62 -13.37
N ASP A 325 42.38 -0.38 -13.57
CA ASP A 325 42.65 0.36 -14.80
C ASP A 325 43.57 1.53 -14.49
N LYS A 326 44.67 1.63 -15.24
CA LYS A 326 45.60 2.74 -15.05
C LYS A 326 44.97 4.06 -15.43
N ASN A 327 44.16 4.07 -16.49
CA ASN A 327 43.53 5.31 -16.93
C ASN A 327 42.51 5.81 -15.92
N GLU A 328 41.77 4.89 -15.29
CA GLU A 328 40.77 5.30 -14.31
C GLU A 328 41.41 5.82 -13.03
N LEU A 329 42.55 5.25 -12.64
CA LEU A 329 43.22 5.71 -11.43
C LEU A 329 43.71 7.15 -11.57
N GLU A 330 44.15 7.53 -12.76
CA GLU A 330 44.59 8.91 -12.99
C GLU A 330 43.41 9.86 -12.85
N LYS A 331 42.25 9.50 -13.41
CA LYS A 331 41.10 10.38 -13.37
C LYS A 331 40.66 10.67 -11.94
N LEU A 332 40.66 9.64 -11.09
CA LEU A 332 40.30 9.84 -9.68
C LEU A 332 41.27 10.79 -8.99
N GLU A 333 42.57 10.62 -9.25
CA GLU A 333 43.56 11.50 -8.63
C GLU A 333 43.36 12.95 -9.06
N ASN A 334 43.14 13.18 -10.36
CA ASN A 334 42.91 14.54 -10.83
C ASN A 334 41.63 15.12 -10.24
N TRP A 335 40.57 14.30 -10.18
CA TRP A 335 39.31 14.72 -9.59
C TRP A 335 39.51 15.19 -8.15
N MET A 336 40.23 14.40 -7.35
CA MET A 336 40.42 14.77 -5.96
C MET A 336 41.35 15.98 -5.81
N LYS A 337 42.43 16.03 -6.59
CA LYS A 337 43.35 17.15 -6.50
C LYS A 337 42.76 18.45 -7.01
N SER A 338 41.64 18.40 -7.74
CA SER A 338 41.01 19.64 -8.20
C SER A 338 40.46 20.49 -7.06
N TYR A 339 40.32 19.95 -5.85
CA TYR A 339 39.71 20.68 -4.75
C TYR A 339 40.68 21.50 -3.93
N LYS A 340 41.98 21.17 -3.97
CA LYS A 340 43.02 21.90 -3.25
C LYS A 340 42.76 21.90 -1.74
N PHE A 341 42.69 20.69 -1.19
CA PHE A 341 42.44 20.51 0.24
C PHE A 341 43.58 21.05 1.10
N ASP A 342 44.78 21.19 0.53
CA ASP A 342 45.92 21.63 1.31
C ASP A 342 45.86 23.10 1.68
N GLU A 343 45.00 23.88 1.02
CA GLU A 343 44.79 25.28 1.38
C GLU A 343 43.73 25.46 2.46
N LEU A 344 43.01 24.40 2.82
CA LEU A 344 41.97 24.46 3.84
C LEU A 344 42.28 23.62 5.06
N PHE A 345 43.17 22.65 4.95
CA PHE A 345 43.57 21.79 6.05
C PHE A 345 45.04 22.00 6.34
N ASP A 346 45.39 22.03 7.62
CA ASP A 346 46.78 22.20 8.06
C ASP A 346 47.40 20.83 8.25
N TYR A 347 48.34 20.47 7.37
CA TYR A 347 48.87 19.11 7.37
C TYR A 347 49.80 18.85 8.55
N GLU A 348 50.60 19.83 8.96
CA GLU A 348 51.52 19.61 10.06
C GLU A 348 50.79 19.47 11.40
N ARG A 349 49.86 20.37 11.71
CA ARG A 349 49.09 20.19 12.94
C ARG A 349 47.89 19.24 12.76
N GLY A 350 47.52 18.89 11.54
CA GLY A 350 46.41 17.98 11.33
C GLY A 350 45.06 18.52 11.72
N GLU A 351 44.81 19.80 11.46
CA GLU A 351 43.54 20.42 11.81
C GLU A 351 43.18 21.45 10.74
N PHE A 352 41.92 21.85 10.73
CA PHE A 352 41.48 22.90 9.82
C PHE A 352 42.10 24.24 10.21
N LYS A 353 42.23 25.12 9.23
CA LYS A 353 42.76 26.45 9.49
C LYS A 353 41.70 27.31 10.19
N TRP A 354 42.08 28.56 10.49
CA TRP A 354 41.23 29.44 11.28
C TRP A 354 39.98 29.90 10.53
N TRP A 355 39.94 29.73 9.20
CA TRP A 355 38.80 30.21 8.43
C TRP A 355 37.49 29.55 8.88
N ILE A 356 37.56 28.27 9.27
CA ILE A 356 36.34 27.53 9.60
C ILE A 356 35.68 28.10 10.87
N ASN A 357 36.49 28.55 11.83
CA ASN A 357 35.94 29.05 13.08
C ASN A 357 35.24 30.40 12.91
N ASP A 358 35.59 31.16 11.88
CA ASP A 358 34.91 32.41 11.59
C ASP A 358 33.64 32.24 10.78
N PHE A 359 33.32 31.00 10.38
CA PHE A 359 32.15 30.70 9.57
C PHE A 359 31.06 29.98 10.35
N LEU A 360 31.42 29.03 11.20
CA LEU A 360 30.44 28.26 11.93
C LEU A 360 29.79 29.12 13.03
N PRO A 361 28.51 28.86 13.34
CA PRO A 361 27.86 29.60 14.42
C PRO A 361 28.18 29.02 15.79
N GLU A 362 27.55 29.54 16.84
CA GLU A 362 27.78 29.02 18.18
C GLU A 362 27.25 27.60 18.30
N ASN A 363 27.86 26.84 19.22
CA ASN A 363 27.59 25.41 19.31
C ASN A 363 26.12 25.12 19.58
N SER A 364 25.44 26.00 20.33
CA SER A 364 24.02 25.79 20.60
C SER A 364 23.19 26.01 19.35
N SER A 365 23.53 27.01 18.56
CA SER A 365 22.78 27.35 17.35
C SER A 365 23.35 26.69 16.10
N ARG A 366 23.51 25.38 16.13
CA ARG A 366 24.03 24.62 14.99
C ARG A 366 22.96 23.70 14.44
N ILE A 367 22.95 23.55 13.11
CA ILE A 367 21.85 22.87 12.42
C ILE A 367 21.71 21.44 12.90
N GLY A 368 22.83 20.76 13.15
CA GLY A 368 22.78 19.37 13.55
C GLY A 368 22.09 19.15 14.89
N ARG A 369 22.10 20.17 15.75
CA ARG A 369 21.44 20.09 17.06
C ARG A 369 20.35 21.16 17.08
N ASN A 370 19.13 20.76 16.73
CA ASN A 370 17.97 21.66 16.77
C ASN A 370 17.05 21.19 17.89
N ARG A 371 16.94 22.01 18.93
CA ARG A 371 16.28 21.59 20.17
C ARG A 371 14.84 21.16 19.94
N PHE A 372 14.18 21.69 18.92
CA PHE A 372 12.79 21.34 18.65
C PHE A 372 12.65 19.99 17.95
N VAL A 373 13.74 19.36 17.54
CA VAL A 373 13.67 18.12 16.79
C VAL A 373 13.90 16.93 17.70
N ASP A 374 14.78 17.06 18.69
CA ASP A 374 15.08 15.95 19.58
C ASP A 374 13.85 15.61 20.42
N ALA A 375 13.56 14.31 20.53
CA ALA A 375 12.51 13.84 21.42
C ALA A 375 12.94 13.85 22.88
N ASN A 376 14.25 13.81 23.15
CA ASN A 376 14.73 13.77 24.53
C ASN A 376 14.40 15.05 25.28
N LEU A 377 14.36 16.19 24.59
CA LEU A 377 14.08 17.47 25.22
C LEU A 377 12.61 17.87 25.15
N ASN A 378 11.74 17.00 24.61
CA ASN A 378 10.34 17.34 24.43
C ASN A 378 9.35 16.30 24.91
N PHE A 379 9.76 15.04 25.08
CA PHE A 379 8.83 14.00 25.48
C PHE A 379 8.35 14.24 26.90
N LYS A 380 7.04 14.12 27.10
CA LYS A 380 6.41 14.24 28.42
C LYS A 380 5.39 13.12 28.57
N GLU A 381 5.11 12.75 29.82
CA GLU A 381 4.11 11.74 30.09
C GLU A 381 2.72 12.25 29.76
N LEU A 382 1.81 11.32 29.51
CA LEU A 382 0.41 11.63 29.22
C LEU A 382 -0.44 11.33 30.45
N LYS A 383 -1.26 12.29 30.85
CA LYS A 383 -2.13 12.15 32.01
C LYS A 383 -3.47 11.58 31.59
N LEU A 384 -3.84 10.44 32.18
CA LEU A 384 -5.06 9.72 31.81
C LEU A 384 -6.20 10.11 32.73
N PRO A 385 -7.36 10.49 32.20
CA PRO A 385 -8.52 10.76 33.04
C PRO A 385 -9.07 9.49 33.64
N GLU A 386 -9.93 9.66 34.64
CA GLU A 386 -10.53 8.52 35.32
C GLU A 386 -11.40 7.71 34.36
N ILE A 387 -11.34 6.38 34.50
CA ILE A 387 -12.10 5.48 33.64
C ILE A 387 -13.54 5.47 34.15
N THR A 388 -14.46 6.04 33.36
CA THR A 388 -15.88 6.06 33.70
C THR A 388 -16.59 5.01 32.85
N GLU A 389 -16.54 3.77 33.32
CA GLU A 389 -17.14 2.65 32.60
C GLU A 389 -18.66 2.69 32.82
N GLY A 390 -19.30 3.57 32.04
CA GLY A 390 -20.74 3.72 32.11
C GLY A 390 -21.46 2.62 31.35
N PHE A 391 -22.78 2.64 31.48
CA PHE A 391 -23.60 1.60 30.86
C PHE A 391 -25.00 2.13 30.63
N GLY A 392 -25.60 1.71 29.52
CA GLY A 392 -26.99 1.98 29.23
C GLY A 392 -27.77 0.69 29.11
N GLU A 393 -28.18 0.34 27.90
CA GLU A 393 -28.83 -0.94 27.62
C GLU A 393 -28.04 -1.78 26.64
N LYS A 394 -27.63 -1.20 25.52
CA LYS A 394 -26.85 -1.88 24.49
C LYS A 394 -25.46 -1.27 24.41
N SER A 395 -24.45 -2.11 24.25
CA SER A 395 -23.07 -1.65 24.16
C SER A 395 -22.85 -0.84 22.89
N LEU A 396 -22.18 0.31 23.04
CA LEU A 396 -21.79 1.15 21.92
C LEU A 396 -20.30 1.47 22.11
N ALA A 397 -19.44 0.62 21.56
CA ALA A 397 -18.01 0.71 21.83
C ALA A 397 -17.42 2.02 21.31
N MET A 398 -17.80 2.43 20.10
CA MET A 398 -17.22 3.64 19.52
C MET A 398 -17.61 4.88 20.31
N ASN A 399 -18.86 4.94 20.79
CA ASN A 399 -19.27 6.07 21.61
C ASN A 399 -18.49 6.12 22.91
N ALA A 400 -18.28 4.97 23.55
CA ALA A 400 -17.52 4.92 24.79
C ALA A 400 -16.07 5.36 24.56
N VAL A 401 -15.46 4.92 23.45
CA VAL A 401 -14.09 5.33 23.16
C VAL A 401 -14.02 6.82 22.87
N GLY A 402 -14.98 7.35 22.11
CA GLY A 402 -14.98 8.76 21.80
C GLY A 402 -15.19 9.64 23.02
N SER A 403 -16.00 9.17 23.97
CA SER A 403 -16.21 9.94 25.19
C SER A 403 -14.93 10.02 26.02
N LEU A 404 -14.19 8.91 26.11
CA LEU A 404 -12.93 8.91 26.84
C LEU A 404 -11.91 9.82 26.18
N LEU A 405 -11.84 9.79 24.84
CA LEU A 405 -10.86 10.60 24.13
C LEU A 405 -11.17 12.09 24.26
N GLU A 406 -12.43 12.44 24.56
CA GLU A 406 -12.78 13.84 24.75
C GLU A 406 -12.10 14.41 25.99
N LYS A 407 -12.06 13.64 27.07
CA LYS A 407 -11.41 14.10 28.30
C LYS A 407 -9.90 14.18 28.13
N VAL A 408 -9.31 13.26 27.35
CA VAL A 408 -7.88 13.29 27.10
C VAL A 408 -7.49 14.60 26.41
N PHE A 409 -8.33 15.08 25.50
CA PHE A 409 -8.07 16.34 24.82
C PHE A 409 -7.99 17.49 25.81
N GLU A 410 -8.80 17.45 26.87
CA GLU A 410 -8.85 18.55 27.83
C GLU A 410 -7.65 18.55 28.76
N LYS A 411 -7.18 17.37 29.18
CA LYS A 411 -6.11 17.29 30.17
C LYS A 411 -4.72 17.44 29.57
N ASN A 412 -4.58 17.31 28.25
CA ASN A 412 -3.30 17.43 27.56
C ASN A 412 -3.45 18.39 26.38
N PRO A 413 -3.49 19.69 26.65
CA PRO A 413 -3.83 20.65 25.58
C PRO A 413 -2.66 21.03 24.69
N ASP A 414 -1.55 20.31 24.76
CA ASP A 414 -0.38 20.69 23.98
C ASP A 414 0.30 19.55 23.22
N ASN A 415 0.06 18.28 23.56
CA ASN A 415 0.78 17.18 22.93
C ASN A 415 -0.15 16.03 22.59
N PHE A 416 -1.35 16.33 22.12
CA PHE A 416 -2.27 15.31 21.64
C PHE A 416 -3.00 15.81 20.40
N ARG A 417 -3.19 14.91 19.44
CA ARG A 417 -3.82 15.25 18.17
C ARG A 417 -4.49 14.01 17.60
N PHE A 418 -5.44 14.25 16.68
CA PHE A 418 -6.28 13.20 16.12
C PHE A 418 -6.31 13.34 14.60
N PHE A 419 -6.20 12.21 13.90
CA PHE A 419 -6.13 12.19 12.44
C PHE A 419 -7.11 11.16 11.90
N SER A 420 -7.89 11.56 10.88
CA SER A 420 -8.91 10.69 10.28
C SER A 420 -9.22 11.16 8.87
N PRO A 421 -9.51 10.23 7.94
CA PRO A 421 -9.81 10.60 6.55
C PRO A 421 -11.30 10.90 6.33
N ASP A 422 -11.80 11.92 7.03
CA ASP A 422 -13.18 12.39 6.88
C ASP A 422 -14.20 11.31 7.27
N GLU A 423 -13.89 10.54 8.30
CA GLU A 423 -14.78 9.49 8.79
C GLU A 423 -15.03 9.62 10.28
N THR A 424 -14.96 10.84 10.82
CA THR A 424 -15.20 11.02 12.25
C THR A 424 -16.67 10.81 12.60
N TYR A 425 -17.58 11.41 11.83
CA TYR A 425 -19.00 11.21 12.07
C TYR A 425 -19.43 9.79 11.73
N SER A 426 -18.90 9.24 10.63
CA SER A 426 -19.31 7.90 10.21
C SER A 426 -18.89 6.84 11.22
N ASN A 427 -17.78 7.05 11.91
CA ASN A 427 -17.27 6.08 12.87
C ASN A 427 -17.82 6.28 14.28
N LYS A 428 -18.75 7.22 14.47
CA LYS A 428 -19.37 7.49 15.76
C LYS A 428 -18.33 7.93 16.80
N LEU A 429 -17.43 8.83 16.37
CA LEU A 429 -16.41 9.37 17.25
C LEU A 429 -16.46 10.90 17.25
N ASP A 430 -17.64 11.48 17.07
CA ASP A 430 -17.80 12.92 17.05
C ASP A 430 -17.96 13.52 18.45
N ALA A 431 -17.96 12.70 19.49
CA ALA A 431 -18.02 13.22 20.85
C ALA A 431 -16.77 14.02 21.19
N ILE A 432 -15.68 13.81 20.46
CA ILE A 432 -14.47 14.59 20.67
C ILE A 432 -14.58 16.01 20.16
N PHE A 433 -15.68 16.35 19.49
CA PHE A 433 -15.83 17.68 18.92
C PHE A 433 -16.36 18.70 19.91
N GLU A 434 -16.69 18.28 21.14
CA GLU A 434 -17.03 19.25 22.18
C GLU A 434 -15.81 19.97 22.72
N ALA A 435 -14.60 19.48 22.42
CA ALA A 435 -13.37 20.10 22.91
C ALA A 435 -12.57 20.80 21.83
N THR A 436 -12.66 20.38 20.57
CA THR A 436 -11.85 21.00 19.52
C THR A 436 -12.55 20.82 18.18
N SER A 437 -12.15 21.66 17.22
CA SER A 437 -12.69 21.66 15.87
C SER A 437 -11.69 21.01 14.91
N ARG A 438 -11.99 21.09 13.62
CA ARG A 438 -11.11 20.59 12.57
C ARG A 438 -10.35 21.75 11.94
N SER A 439 -9.05 21.57 11.76
CA SER A 439 -8.20 22.65 11.25
C SER A 439 -8.56 22.99 9.82
N TRP A 440 -8.68 24.29 9.54
CA TRP A 440 -9.08 24.76 8.22
C TRP A 440 -8.67 26.21 8.08
N GLN A 441 -7.93 26.54 7.02
CA GLN A 441 -7.39 27.87 6.82
C GLN A 441 -8.09 28.65 5.72
N ARG A 442 -9.09 28.08 5.07
CA ARG A 442 -9.81 28.76 4.00
C ARG A 442 -11.14 29.28 4.54
N GLU A 443 -11.99 29.77 3.63
CA GLU A 443 -13.25 30.38 4.03
C GLU A 443 -14.19 29.35 4.66
N ILE A 444 -15.01 29.81 5.61
CA ILE A 444 -15.97 28.97 6.31
C ILE A 444 -17.37 29.51 6.03
N LYS A 445 -18.30 28.61 5.65
CA LYS A 445 -19.68 28.94 5.33
C LYS A 445 -20.56 28.88 6.57
N PRO A 446 -21.64 29.68 6.60
CA PRO A 446 -22.50 29.71 7.79
C PRO A 446 -23.10 28.36 8.15
N TRP A 447 -23.44 27.53 7.18
CA TRP A 447 -24.05 26.24 7.44
C TRP A 447 -23.03 25.14 7.75
N GLU A 448 -21.74 25.44 7.67
CA GLU A 448 -20.70 24.49 8.03
C GLU A 448 -20.35 24.61 9.51
N LYS A 449 -20.03 23.48 10.11
CA LYS A 449 -19.76 23.41 11.55
C LYS A 449 -18.49 22.62 11.81
N ASP A 450 -17.89 22.87 12.98
CA ASP A 450 -16.69 22.17 13.44
C ASP A 450 -15.49 22.46 12.54
N LEU A 451 -15.29 23.73 12.20
CA LEU A 451 -14.10 24.16 11.47
C LEU A 451 -13.50 25.35 12.20
N ALA A 452 -12.18 25.31 12.41
CA ALA A 452 -11.48 26.39 13.08
C ALA A 452 -10.04 26.46 12.58
N LYS A 453 -9.45 27.65 12.71
CA LYS A 453 -8.05 27.83 12.30
C LYS A 453 -7.08 27.09 13.22
N ASN A 454 -7.47 26.82 14.47
CA ASN A 454 -6.59 26.20 15.44
C ASN A 454 -7.08 24.83 15.88
N GLY A 455 -7.83 24.13 15.02
CA GLY A 455 -8.32 22.81 15.37
C GLY A 455 -7.19 21.81 15.53
N ARG A 456 -7.38 20.87 16.44
CA ARG A 456 -6.40 19.84 16.72
C ARG A 456 -6.76 18.49 16.08
N VAL A 457 -7.71 18.50 15.16
CA VAL A 457 -8.05 17.32 14.35
C VAL A 457 -7.88 17.70 12.89
N THR A 458 -7.09 16.91 12.16
CA THR A 458 -6.81 17.15 10.75
C THR A 458 -7.44 16.03 9.92
N GLU A 459 -8.20 16.42 8.91
CA GLU A 459 -8.92 15.47 8.06
C GLU A 459 -8.58 15.72 6.60
N ILE A 460 -8.18 14.66 5.90
CA ILE A 460 -7.93 14.72 4.47
C ILE A 460 -8.06 13.30 3.92
N LEU A 461 -8.49 13.19 2.67
CA LEU A 461 -8.74 11.88 2.08
C LEU A 461 -7.48 11.10 1.74
N SER A 462 -6.31 11.73 1.79
CA SER A 462 -5.07 11.03 1.50
C SER A 462 -4.63 10.25 2.73
N GLU A 463 -4.79 8.92 2.69
CA GLU A 463 -4.34 8.09 3.79
C GLU A 463 -2.83 8.14 3.96
N ASN A 464 -2.10 8.46 2.89
CA ASN A 464 -0.64 8.57 3.00
C ASN A 464 -0.24 9.86 3.71
N CYS A 465 -0.94 10.96 3.44
CA CYS A 465 -0.63 12.22 4.12
C CYS A 465 -0.91 12.13 5.61
N LEU A 466 -2.02 11.47 5.99
CA LEU A 466 -2.35 11.33 7.41
C LEU A 466 -1.29 10.52 8.15
N GLN A 467 -0.82 9.44 7.54
CA GLN A 467 0.24 8.65 8.17
C GLN A 467 1.54 9.43 8.29
N GLY A 468 1.85 10.27 7.31
CA GLY A 468 3.06 11.08 7.40
C GLY A 468 3.00 12.10 8.51
N LEU A 469 1.87 12.77 8.69
CA LEU A 469 1.73 13.74 9.75
C LEU A 469 1.82 13.08 11.13
N LEU A 470 1.21 11.91 11.27
CA LEU A 470 1.21 11.23 12.57
C LEU A 470 2.61 10.81 12.99
N GLN A 471 3.40 10.25 12.06
CA GLN A 471 4.73 9.78 12.43
C GLN A 471 5.70 10.95 12.60
N GLY A 472 5.47 12.07 11.91
CA GLY A 472 6.26 13.26 12.20
C GLY A 472 6.00 13.80 13.58
N TYR A 473 4.76 13.70 14.06
CA TYR A 473 4.44 14.16 15.41
C TYR A 473 5.05 13.26 16.47
N ILE A 474 4.96 11.93 16.28
CA ILE A 474 5.43 11.00 17.29
C ILE A 474 6.95 11.02 17.40
N LEU A 475 7.64 11.16 16.26
CA LEU A 475 9.10 11.10 16.28
C LEU A 475 9.72 12.33 16.94
N THR A 476 9.00 13.44 17.02
CA THR A 476 9.45 14.60 17.76
C THR A 476 9.17 14.47 19.26
N GLY A 477 8.31 13.55 19.65
CA GLY A 477 8.10 13.26 21.06
C GLY A 477 6.72 13.62 21.59
N ARG A 478 5.69 13.45 20.78
CA ARG A 478 4.33 13.80 21.18
C ARG A 478 3.42 12.61 20.87
N TYR A 479 2.11 12.80 21.04
CA TYR A 479 1.14 11.72 20.97
C TYR A 479 0.11 11.97 19.88
N GLY A 480 -0.48 10.89 19.40
CA GLY A 480 -1.50 10.99 18.37
C GLY A 480 -2.16 9.64 18.13
N VAL A 481 -3.34 9.70 17.53
CA VAL A 481 -4.14 8.52 17.20
C VAL A 481 -4.69 8.70 15.80
N LEU A 482 -4.71 7.59 15.03
CA LEU A 482 -5.25 7.58 13.69
C LEU A 482 -6.36 6.54 13.59
N THR A 483 -7.46 6.91 12.92
CA THR A 483 -8.58 6.02 12.70
C THR A 483 -9.00 6.08 11.24
N SER A 484 -9.57 4.96 10.76
CA SER A 484 -9.98 4.84 9.37
C SER A 484 -10.84 3.59 9.23
N TYR A 485 -11.21 3.27 8.00
CA TYR A 485 -11.91 2.02 7.71
C TYR A 485 -10.92 0.87 7.69
N GLU A 486 -11.36 -0.28 8.23
CA GLU A 486 -10.49 -1.44 8.27
C GLU A 486 -10.11 -1.92 6.86
N ALA A 487 -11.08 -1.89 5.94
CA ALA A 487 -10.82 -2.40 4.60
C ALA A 487 -9.82 -1.52 3.84
N PHE A 488 -9.83 -0.22 4.10
CA PHE A 488 -8.94 0.70 3.39
C PHE A 488 -7.69 1.05 4.19
N ALA A 489 -7.54 0.50 5.39
CA ALA A 489 -6.26 0.59 6.09
C ALA A 489 -5.05 0.09 5.30
N PRO A 490 -5.11 -1.06 4.57
CA PRO A 490 -3.88 -1.56 3.92
C PRO A 490 -3.28 -0.65 2.85
N VAL A 491 -3.87 0.53 2.62
CA VAL A 491 -3.29 1.49 1.68
C VAL A 491 -1.92 1.97 2.14
N ILE A 492 -1.70 2.05 3.45
CA ILE A 492 -0.46 2.59 4.01
C ILE A 492 0.36 1.47 4.62
N SER A 493 0.23 0.25 4.08
CA SER A 493 0.92 -0.89 4.65
C SER A 493 2.44 -0.74 4.56
N SER A 494 2.94 -0.21 3.45
CA SER A 494 4.39 -0.11 3.28
C SER A 494 5.01 0.94 4.20
N MET A 495 4.31 2.06 4.41
CA MET A 495 4.85 3.10 5.29
C MET A 495 4.98 2.63 6.72
N MET A 496 4.02 1.84 7.20
CA MET A 496 4.13 1.29 8.55
C MET A 496 5.35 0.38 8.66
N ASP A 497 5.69 -0.32 7.57
CA ASP A 497 6.86 -1.20 7.60
C ASP A 497 8.15 -0.39 7.71
N GLN A 498 8.23 0.74 7.02
CA GLN A 498 9.41 1.59 7.12
C GLN A 498 9.58 2.15 8.53
N TYR A 499 8.47 2.53 9.16
CA TYR A 499 8.52 2.99 10.55
C TYR A 499 8.96 1.86 11.48
N ALA A 500 8.50 0.64 11.21
CA ALA A 500 8.89 -0.49 12.06
C ALA A 500 10.38 -0.76 11.98
N LYS A 501 11.02 -0.42 10.87
CA LYS A 501 12.46 -0.61 10.76
C LYS A 501 13.22 0.44 11.57
N PHE A 502 12.66 1.65 11.67
CA PHE A 502 13.27 2.68 12.51
C PHE A 502 13.28 2.27 13.97
N LEU A 503 12.16 1.72 14.45
CA LEU A 503 12.06 1.36 15.86
C LEU A 503 13.06 0.27 16.24
N ALA A 504 13.19 -0.76 15.40
CA ALA A 504 14.10 -1.85 15.72
C ALA A 504 15.55 -1.38 15.73
N GLN A 505 15.92 -0.55 14.75
CA GLN A 505 17.30 -0.06 14.69
C GLN A 505 17.61 0.86 15.84
N SER A 506 16.69 1.78 16.16
CA SER A 506 16.94 2.75 17.23
C SER A 506 17.01 2.10 18.59
N LYS A 507 16.57 0.84 18.71
CA LYS A 507 16.69 0.11 19.97
C LYS A 507 18.14 -0.17 20.35
N GLU A 508 19.06 -0.16 19.37
CA GLU A 508 20.46 -0.39 19.63
C GLU A 508 21.24 0.89 19.87
N VAL A 509 20.59 2.04 19.82
CA VAL A 509 21.23 3.33 20.01
C VAL A 509 21.00 3.76 21.47
N LYS A 510 22.09 4.01 22.19
CA LYS A 510 22.02 4.26 23.62
C LYS A 510 21.71 5.71 23.97
N TRP A 511 21.71 6.62 23.00
CA TRP A 511 21.43 8.02 23.27
C TRP A 511 20.13 8.49 22.63
N ARG A 512 19.24 7.56 22.27
CA ARG A 512 18.00 7.93 21.59
C ARG A 512 16.90 8.31 22.58
N GLY A 513 16.52 7.39 23.47
CA GLY A 513 15.51 7.69 24.46
C GLY A 513 14.21 6.94 24.30
N ASP A 514 13.09 7.61 24.53
CA ASP A 514 11.77 6.99 24.54
C ASP A 514 10.83 7.72 23.60
N LEU A 515 9.86 6.99 23.05
CA LEU A 515 8.88 7.53 22.14
C LEU A 515 7.52 6.94 22.46
N ALA A 516 6.47 7.66 22.07
CA ALA A 516 5.10 7.18 22.21
C ALA A 516 4.81 6.11 21.16
N SER A 517 3.72 5.38 21.38
CA SER A 517 3.33 4.31 20.47
C SER A 517 2.52 4.86 19.30
N LEU A 518 2.54 4.11 18.20
CA LEU A 518 1.72 4.39 17.02
C LEU A 518 0.41 3.63 17.18
N ASN A 519 -0.68 4.37 17.34
CA ASN A 519 -1.96 3.79 17.72
C ASN A 519 -2.97 3.94 16.58
N TYR A 520 -3.68 2.86 16.29
CA TYR A 520 -4.69 2.83 15.24
C TYR A 520 -6.01 2.35 15.80
N ILE A 521 -7.09 3.01 15.39
CA ILE A 521 -8.46 2.62 15.73
C ILE A 521 -9.16 2.27 14.42
N LEU A 522 -9.49 1.00 14.24
CA LEU A 522 -10.16 0.53 13.02
C LEU A 522 -11.55 0.05 13.38
N THR A 523 -12.56 0.61 12.70
CA THR A 523 -13.95 0.24 12.93
C THR A 523 -14.67 0.20 11.59
N SER A 524 -16.00 0.08 11.66
CA SER A 524 -16.84 -0.09 10.47
C SER A 524 -16.37 -1.28 9.64
N THR A 525 -16.21 -2.42 10.31
CA THR A 525 -15.66 -3.61 9.68
C THR A 525 -16.61 -4.14 8.61
N GLY A 526 -16.15 -5.16 7.89
CA GLY A 526 -16.88 -5.69 6.77
C GLY A 526 -18.06 -6.57 7.14
N TRP A 527 -18.23 -6.89 8.42
CA TRP A 527 -19.36 -7.71 8.83
C TRP A 527 -20.67 -6.93 8.89
N ARG A 528 -20.62 -5.59 8.86
CA ARG A 528 -21.82 -4.78 9.00
C ARG A 528 -21.83 -3.60 8.04
N GLN A 529 -21.22 -3.74 6.86
CA GLN A 529 -21.26 -2.69 5.85
C GLN A 529 -22.61 -2.76 5.16
N ASP A 530 -23.48 -1.81 5.47
CA ASP A 530 -24.85 -1.83 4.98
C ASP A 530 -25.04 -1.05 3.68
N HIS A 531 -24.40 0.11 3.56
CA HIS A 531 -24.52 0.92 2.35
C HIS A 531 -23.51 0.54 1.29
N ASN A 532 -22.63 -0.43 1.54
CA ASN A 532 -21.64 -0.88 0.58
C ASN A 532 -21.54 -2.41 0.65
N GLY A 533 -21.00 -3.01 -0.39
CA GLY A 533 -20.93 -4.46 -0.46
C GLY A 533 -19.71 -5.05 -1.13
N PHE A 534 -18.99 -5.89 -0.39
CA PHE A 534 -17.89 -6.72 -0.89
C PHE A 534 -16.68 -5.92 -1.34
N ASN A 535 -16.78 -4.59 -1.33
CA ASN A 535 -15.63 -3.75 -1.59
C ASN A 535 -15.03 -3.18 -0.32
N HIS A 536 -15.84 -2.96 0.71
CA HIS A 536 -15.37 -2.54 2.03
C HIS A 536 -15.24 -3.75 2.95
N GLN A 537 -14.44 -4.73 2.50
CA GLN A 537 -14.25 -5.97 3.25
C GLN A 537 -12.84 -6.46 2.98
N ASN A 538 -11.90 -6.13 3.86
CA ASN A 538 -10.51 -6.50 3.66
C ASN A 538 -9.73 -6.44 4.98
N PRO A 539 -9.73 -7.51 5.77
CA PRO A 539 -9.04 -7.53 7.06
C PRO A 539 -7.58 -8.00 6.98
N SER A 540 -6.79 -7.35 6.12
CA SER A 540 -5.41 -7.77 5.90
C SER A 540 -4.38 -6.91 6.64
N PHE A 541 -4.77 -5.72 7.11
CA PHE A 541 -3.80 -4.82 7.73
C PHE A 541 -3.25 -5.41 9.03
N ILE A 542 -4.10 -6.05 9.83
CA ILE A 542 -3.64 -6.58 11.11
C ILE A 542 -2.64 -7.71 10.89
N ASP A 543 -2.82 -8.49 9.83
CA ASP A 543 -1.85 -9.53 9.50
C ASP A 543 -0.49 -8.92 9.18
N GLU A 544 -0.49 -7.79 8.46
CA GLU A 544 0.77 -7.12 8.14
C GLU A 544 1.44 -6.60 9.40
N VAL A 545 0.65 -6.09 10.36
CA VAL A 545 1.22 -5.58 11.60
C VAL A 545 1.79 -6.71 12.44
N LEU A 546 1.12 -7.86 12.48
CA LEU A 546 1.59 -9.00 13.26
C LEU A 546 2.84 -9.65 12.68
N ARG A 547 3.44 -9.08 11.63
CA ARG A 547 4.51 -9.73 10.91
C ARG A 547 5.91 -9.25 11.31
N ARG A 548 6.01 -8.10 11.96
CA ARG A 548 7.31 -7.62 12.45
C ARG A 548 7.80 -8.53 13.58
N GLU A 549 9.10 -8.79 13.59
CA GLU A 549 9.67 -9.82 14.47
C GLU A 549 10.74 -9.25 15.39
N ASN A 550 10.49 -8.09 15.98
CA ASN A 550 11.41 -7.48 16.94
C ASN A 550 10.65 -6.97 18.16
N GLY A 551 9.68 -7.74 18.62
CA GLY A 551 8.84 -7.30 19.73
C GLY A 551 7.96 -6.12 19.39
N ILE A 552 7.47 -6.06 18.16
CA ILE A 552 6.64 -4.96 17.68
C ILE A 552 5.38 -5.54 17.05
N GLY A 553 4.23 -4.95 17.39
CA GLY A 553 2.97 -5.35 16.80
C GLY A 553 2.00 -5.99 17.77
N GLN A 554 0.96 -5.27 18.14
CA GLN A 554 -0.06 -5.74 19.08
C GLN A 554 -1.44 -5.43 18.53
N ILE A 555 -2.37 -6.37 18.71
CA ILE A 555 -3.73 -6.24 18.22
C ILE A 555 -4.69 -6.44 19.39
N PHE A 556 -5.67 -5.54 19.50
CA PHE A 556 -6.69 -5.60 20.54
C PHE A 556 -8.05 -5.88 19.91
N LEU A 557 -8.78 -6.85 20.47
CA LEU A 557 -10.07 -7.28 19.93
C LEU A 557 -11.10 -7.24 21.06
N PRO A 558 -11.64 -6.06 21.35
CA PRO A 558 -12.56 -5.94 22.50
C PRO A 558 -13.89 -6.64 22.25
N ALA A 559 -14.54 -7.03 23.34
CA ALA A 559 -15.83 -7.70 23.27
C ALA A 559 -17.02 -6.76 23.41
N ASP A 560 -16.88 -5.67 24.16
CA ASP A 560 -17.95 -4.70 24.34
C ASP A 560 -17.33 -3.35 24.67
N ASP A 561 -18.17 -2.40 25.11
CA ASP A 561 -17.68 -1.05 25.38
C ASP A 561 -16.81 -1.02 26.63
N ASN A 562 -17.13 -1.83 27.64
CA ASN A 562 -16.31 -1.89 28.83
C ASN A 562 -14.91 -2.41 28.51
N SER A 563 -14.81 -3.43 27.66
CA SER A 563 -13.50 -3.92 27.25
C SER A 563 -12.78 -2.92 26.36
N ALA A 564 -13.55 -2.12 25.60
CA ALA A 564 -12.94 -1.18 24.67
C ALA A 564 -12.19 -0.07 25.41
N VAL A 565 -12.77 0.47 26.47
CA VAL A 565 -12.13 1.55 27.20
C VAL A 565 -10.92 1.03 27.98
N ALA A 566 -10.96 -0.23 28.41
CA ALA A 566 -9.81 -0.82 29.07
C ALA A 566 -8.62 -0.93 28.12
N ALA A 567 -8.89 -1.27 26.86
CA ALA A 567 -7.80 -1.46 25.89
C ALA A 567 -7.22 -0.12 25.45
N ILE A 568 -8.07 0.88 25.20
CA ILE A 568 -7.56 2.16 24.71
C ILE A 568 -6.72 2.86 25.79
N SER A 569 -7.09 2.67 27.06
CA SER A 569 -6.26 3.21 28.14
C SER A 569 -4.89 2.54 28.17
N LYS A 570 -4.86 1.22 27.95
CA LYS A 570 -3.59 0.50 27.92
C LYS A 570 -2.73 0.93 26.73
N MET A 571 -3.37 1.17 25.58
CA MET A 571 -2.63 1.58 24.39
C MET A 571 -1.91 2.90 24.62
N LEU A 572 -2.59 3.84 25.29
CA LEU A 572 -2.04 5.18 25.48
C LEU A 572 -0.87 5.21 26.46
N LYS A 573 -0.61 4.12 27.18
CA LYS A 573 0.47 4.06 28.15
C LYS A 573 1.67 3.23 27.68
N THR A 574 1.55 2.53 26.56
CA THR A 574 2.65 1.74 26.03
C THR A 574 3.58 2.62 25.20
N ARG A 575 4.87 2.28 25.20
CA ARG A 575 5.89 3.11 24.56
C ARG A 575 6.72 2.26 23.61
N ASN A 576 7.09 2.87 22.48
CA ASN A 576 7.96 2.28 21.47
C ASN A 576 7.36 0.98 20.90
N ASN A 577 6.18 1.11 20.30
CA ASN A 577 5.49 -0.03 19.71
C ASN A 577 4.46 0.46 18.71
N ILE A 578 3.72 -0.49 18.13
CA ILE A 578 2.64 -0.20 17.19
C ILE A 578 1.42 -1.00 17.63
N ASN A 579 0.27 -0.33 17.76
CA ASN A 579 -0.94 -0.94 18.29
C ASN A 579 -2.12 -0.69 17.36
N VAL A 580 -3.03 -1.66 17.31
CA VAL A 580 -4.24 -1.59 16.49
C VAL A 580 -5.40 -2.11 17.33
N LEU A 581 -6.52 -1.37 17.31
CA LEU A 581 -7.76 -1.79 17.95
C LEU A 581 -8.86 -1.89 16.91
N VAL A 582 -9.58 -3.01 16.91
CA VAL A 582 -10.66 -3.26 15.96
C VAL A 582 -11.93 -3.59 16.73
N ALA A 583 -13.00 -2.84 16.46
CA ALA A 583 -14.28 -3.08 17.10
C ALA A 583 -15.39 -2.46 16.26
N GLY A 584 -16.62 -2.93 16.47
CA GLY A 584 -17.76 -2.46 15.74
C GLY A 584 -18.32 -1.15 16.27
N LYS A 585 -19.37 -0.66 15.60
CA LYS A 585 -20.00 0.60 15.96
C LYS A 585 -21.51 0.49 16.01
N THR A 586 -22.04 -0.71 16.20
CA THR A 586 -23.47 -0.96 16.23
C THR A 586 -23.88 -1.46 17.60
N PRO A 587 -25.15 -1.26 17.99
CA PRO A 587 -25.60 -1.76 19.29
C PRO A 587 -25.41 -3.26 19.41
N GLU A 588 -24.78 -3.69 20.49
CA GLU A 588 -24.35 -5.05 20.70
C GLU A 588 -24.60 -5.44 22.15
N PRO A 589 -24.76 -6.73 22.43
CA PRO A 589 -24.89 -7.18 23.83
C PRO A 589 -23.64 -6.86 24.64
N ARG A 590 -23.85 -6.74 25.95
CA ARG A 590 -22.77 -6.47 26.89
C ARG A 590 -22.60 -7.69 27.79
N TYR A 591 -21.35 -8.17 27.91
CA TYR A 591 -21.06 -9.40 28.64
C TYR A 591 -20.28 -9.20 29.92
N PHE A 592 -19.38 -8.22 29.98
CA PHE A 592 -18.42 -8.10 31.06
C PHE A 592 -18.59 -6.77 31.77
N SER A 593 -18.17 -6.73 33.03
CA SER A 593 -18.31 -5.56 33.88
C SER A 593 -17.07 -4.67 33.81
N LEU A 594 -17.11 -3.59 34.59
CA LEU A 594 -15.99 -2.64 34.61
C LEU A 594 -14.73 -3.27 35.18
N GLU A 595 -14.87 -4.09 36.22
CA GLU A 595 -13.70 -4.61 36.93
C GLU A 595 -13.17 -5.88 36.31
N SER A 596 -14.05 -6.73 35.77
CA SER A 596 -13.61 -7.97 35.17
C SER A 596 -12.79 -7.72 33.91
N ALA A 597 -13.15 -6.69 33.14
CA ALA A 597 -12.44 -6.41 31.89
C ALA A 597 -10.98 -6.05 32.15
N GLN A 598 -10.73 -5.19 33.13
CA GLN A 598 -9.37 -4.76 33.41
C GLN A 598 -8.53 -5.91 33.97
N LYS A 599 -9.15 -6.78 34.76
CA LYS A 599 -8.43 -7.95 35.27
C LYS A 599 -8.00 -8.86 34.14
N GLN A 600 -8.84 -9.02 33.12
CA GLN A 600 -8.51 -9.89 31.99
C GLN A 600 -7.28 -9.38 31.24
N LEU A 601 -7.19 -8.06 31.05
CA LEU A 601 -6.07 -7.49 30.29
C LEU A 601 -4.74 -7.67 31.00
N GLU A 602 -4.74 -7.82 32.33
CA GLU A 602 -3.52 -8.03 33.09
C GLU A 602 -3.19 -9.50 33.27
N ASN A 603 -4.02 -10.40 32.74
CA ASN A 603 -3.82 -11.83 32.87
C ASN A 603 -3.45 -12.50 31.55
N GLY A 604 -3.30 -11.72 30.48
CA GLY A 604 -3.09 -12.26 29.15
C GLY A 604 -4.22 -12.04 28.18
N GLY A 605 -5.27 -11.32 28.58
CA GLY A 605 -6.38 -11.02 27.69
C GLY A 605 -7.18 -12.23 27.25
N ILE A 606 -7.49 -13.13 28.18
CA ILE A 606 -8.26 -14.34 27.87
C ILE A 606 -9.25 -14.60 28.99
N PHE A 607 -10.49 -14.92 28.62
CA PHE A 607 -11.56 -15.25 29.55
C PHE A 607 -11.99 -16.69 29.32
N VAL A 608 -12.19 -17.42 30.41
CA VAL A 608 -12.56 -18.83 30.36
C VAL A 608 -13.79 -19.06 31.22
N PHE A 609 -14.78 -19.76 30.66
CA PHE A 609 -16.02 -20.07 31.37
C PHE A 609 -16.30 -21.55 31.25
N ASP A 610 -16.63 -22.20 32.38
CA ASP A 610 -16.96 -23.61 32.42
C ASP A 610 -18.48 -23.74 32.53
N SER A 611 -19.14 -24.06 31.41
CA SER A 611 -20.60 -23.93 31.33
C SER A 611 -21.32 -24.94 32.21
N TRP A 612 -20.82 -26.19 32.28
CA TRP A 612 -21.55 -27.22 33.00
C TRP A 612 -21.53 -27.03 34.51
N LYS A 613 -20.71 -26.10 35.02
CA LYS A 613 -20.68 -25.82 36.44
C LYS A 613 -20.91 -24.34 36.75
N ASN A 614 -21.11 -23.50 35.74
CA ASN A 614 -21.35 -22.07 35.92
C ASN A 614 -20.22 -21.41 36.72
N GLN A 615 -18.99 -21.79 36.39
CA GLN A 615 -17.82 -21.31 37.11
C GLN A 615 -16.89 -20.58 36.15
N LYS A 616 -16.52 -19.36 36.50
CA LYS A 616 -15.55 -18.58 35.75
C LYS A 616 -14.16 -18.83 36.30
N ILE A 617 -13.16 -18.84 35.42
CA ILE A 617 -11.79 -19.15 35.78
C ILE A 617 -10.92 -17.94 35.45
N THR A 618 -10.10 -17.52 36.41
CA THR A 618 -9.18 -16.41 36.22
C THR A 618 -7.72 -16.77 36.46
N ASP A 619 -7.44 -17.87 37.16
CA ASP A 619 -6.07 -18.34 37.38
C ASP A 619 -5.91 -19.70 36.71
N TRP A 620 -4.88 -19.82 35.88
CA TRP A 620 -4.71 -21.05 35.09
C TRP A 620 -4.22 -22.22 35.92
N ASP A 621 -3.70 -21.98 37.13
CA ASP A 621 -3.33 -23.07 38.00
C ASP A 621 -4.58 -23.65 38.67
N SER A 622 -4.45 -24.87 39.17
CA SER A 622 -5.50 -25.62 39.85
C SER A 622 -6.68 -25.96 38.94
N ILE A 623 -6.53 -25.81 37.63
CA ILE A 623 -7.53 -26.31 36.69
C ILE A 623 -7.44 -27.83 36.70
N SER A 624 -8.54 -28.48 37.08
CA SER A 624 -8.52 -29.91 37.32
C SER A 624 -8.28 -30.68 36.02
N GLU A 625 -7.31 -31.60 36.07
CA GLU A 625 -7.11 -32.51 34.94
C GLU A 625 -8.16 -33.62 34.93
N ASP A 626 -8.68 -33.98 36.09
CA ASP A 626 -9.73 -35.00 36.16
C ASP A 626 -11.02 -34.51 35.52
N ASP A 627 -11.32 -33.21 35.66
CA ASP A 627 -12.55 -32.62 35.13
C ASP A 627 -12.18 -31.67 34.00
N GLU A 628 -12.36 -32.13 32.77
CA GLU A 628 -12.04 -31.37 31.58
C GLU A 628 -13.22 -31.37 30.61
N PRO A 629 -13.32 -30.36 29.75
CA PRO A 629 -14.45 -30.31 28.81
C PRO A 629 -14.33 -31.39 27.74
N ASP A 630 -15.49 -31.72 27.16
CA ASP A 630 -15.51 -32.59 25.99
C ASP A 630 -15.30 -31.82 24.69
N LEU A 631 -15.39 -30.50 24.73
CA LEU A 631 -15.29 -29.68 23.55
C LEU A 631 -15.02 -28.25 23.98
N ILE A 632 -14.21 -27.54 23.17
CA ILE A 632 -13.87 -26.16 23.44
C ILE A 632 -14.41 -25.30 22.31
N LEU A 633 -15.15 -24.25 22.67
CA LEU A 633 -15.64 -23.25 21.73
C LEU A 633 -14.88 -21.97 21.97
N ALA A 634 -14.33 -21.38 20.91
CA ALA A 634 -13.49 -20.21 21.03
C ALA A 634 -13.85 -19.20 19.95
N ALA A 635 -13.52 -17.93 20.22
CA ALA A 635 -13.78 -16.85 19.29
C ALA A 635 -12.85 -15.70 19.59
N SER A 636 -12.69 -14.81 18.60
CA SER A 636 -11.87 -13.62 18.76
C SER A 636 -12.44 -12.56 17.82
N GLY A 637 -13.14 -11.59 18.38
CA GLY A 637 -13.89 -10.61 17.60
C GLY A 637 -15.31 -10.52 18.10
N ASP A 638 -15.86 -9.30 18.17
CA ASP A 638 -17.17 -9.11 18.78
C ASP A 638 -18.27 -9.81 17.99
N TYR A 639 -18.24 -9.68 16.66
CA TYR A 639 -19.30 -10.23 15.83
C TYR A 639 -19.29 -11.76 15.87
N VAL A 640 -18.10 -12.37 15.85
CA VAL A 640 -18.03 -13.82 15.90
C VAL A 640 -18.19 -14.36 17.31
N PHE A 641 -18.03 -13.53 18.34
CA PHE A 641 -18.28 -13.97 19.70
C PHE A 641 -19.79 -14.06 19.98
N LYS A 642 -20.57 -13.15 19.39
CA LYS A 642 -22.02 -13.19 19.56
C LYS A 642 -22.60 -14.48 19.01
N GLU A 643 -22.13 -14.91 17.83
CA GLU A 643 -22.59 -16.17 17.26
C GLU A 643 -22.16 -17.35 18.11
N THR A 644 -20.99 -17.26 18.75
CA THR A 644 -20.49 -18.36 19.56
C THR A 644 -21.27 -18.49 20.87
N VAL A 645 -21.63 -17.37 21.49
CA VAL A 645 -22.45 -17.42 22.71
C VAL A 645 -23.82 -17.97 22.40
N ALA A 646 -24.43 -17.54 21.29
CA ALA A 646 -25.75 -18.04 20.91
C ALA A 646 -25.72 -19.53 20.63
N ALA A 647 -24.65 -20.02 19.99
CA ALA A 647 -24.55 -21.43 19.68
C ALA A 647 -24.39 -22.26 20.96
N LEU A 648 -23.74 -21.71 21.97
CA LEU A 648 -23.59 -22.43 23.23
C LEU A 648 -24.93 -22.62 23.93
N GLN A 649 -25.80 -21.60 23.85
CA GLN A 649 -27.12 -21.72 24.48
C GLN A 649 -27.94 -22.83 23.85
N VAL A 650 -27.89 -22.94 22.52
CA VAL A 650 -28.65 -23.98 21.83
C VAL A 650 -28.17 -25.36 22.25
N LEU A 651 -26.85 -25.55 22.32
CA LEU A 651 -26.30 -26.85 22.71
C LEU A 651 -26.61 -27.16 24.17
N LEU A 652 -26.53 -26.16 25.05
CA LEU A 652 -26.88 -26.36 26.45
C LEU A 652 -28.34 -26.79 26.58
N HIS A 653 -29.22 -26.17 25.81
CA HIS A 653 -30.63 -26.57 25.82
C HIS A 653 -30.82 -27.99 25.31
N ASP A 654 -30.19 -28.32 24.17
CA ASP A 654 -30.51 -29.58 23.49
C ASP A 654 -29.77 -30.77 24.07
N VAL A 655 -28.43 -30.75 24.02
CA VAL A 655 -27.67 -31.95 24.34
C VAL A 655 -27.63 -32.18 25.85
N ALA A 656 -27.08 -31.21 26.59
CA ALA A 656 -27.05 -31.17 28.05
C ALA A 656 -26.25 -32.31 28.68
N GLN A 657 -25.58 -33.15 27.89
CA GLN A 657 -24.74 -34.20 28.44
C GLN A 657 -23.27 -34.05 28.10
N VAL A 658 -22.92 -33.17 27.17
CA VAL A 658 -21.53 -32.91 26.80
C VAL A 658 -21.11 -31.59 27.44
N LYS A 659 -19.90 -31.56 27.98
CA LYS A 659 -19.40 -30.38 28.67
C LYS A 659 -18.64 -29.48 27.71
N ILE A 660 -18.96 -28.18 27.74
CA ILE A 660 -18.38 -27.20 26.83
C ILE A 660 -17.67 -26.13 27.65
N ARG A 661 -16.46 -25.78 27.23
CA ARG A 661 -15.71 -24.68 27.82
C ARG A 661 -15.67 -23.54 26.82
N LEU A 662 -15.93 -22.32 27.30
CA LEU A 662 -16.02 -21.14 26.47
C LEU A 662 -14.77 -20.29 26.66
N VAL A 663 -14.17 -19.84 25.56
CA VAL A 663 -12.93 -19.07 25.59
C VAL A 663 -13.07 -17.89 24.65
N TYR A 664 -12.64 -16.72 25.11
CA TYR A 664 -12.55 -15.52 24.27
C TYR A 664 -11.16 -14.92 24.40
N ILE A 665 -10.61 -14.47 23.29
CA ILE A 665 -9.26 -13.91 23.22
C ILE A 665 -9.38 -12.43 22.92
N GLN A 666 -8.80 -11.60 23.78
CA GLN A 666 -8.92 -10.15 23.64
C GLN A 666 -7.71 -9.50 22.99
N ALA A 667 -6.56 -10.17 22.93
CA ALA A 667 -5.36 -9.56 22.38
C ALA A 667 -4.44 -10.62 21.81
N LEU A 668 -3.70 -10.24 20.77
CA LEU A 668 -2.72 -11.10 20.11
C LEU A 668 -1.46 -10.29 19.83
N CYS A 669 -0.31 -10.92 20.01
CA CYS A 669 0.98 -10.28 19.78
C CYS A 669 1.83 -11.14 18.85
N GLY A 670 2.94 -10.56 18.39
CA GLY A 670 3.85 -11.25 17.50
C GLY A 670 4.58 -12.41 18.11
N LYS A 671 4.50 -12.58 19.43
CA LYS A 671 5.15 -13.69 20.12
C LYS A 671 4.19 -14.79 20.53
N GLY A 672 2.89 -14.60 20.38
CA GLY A 672 1.94 -15.62 20.72
C GLY A 672 0.62 -14.99 21.14
N ILE A 673 -0.05 -15.63 22.11
CA ILE A 673 -1.35 -15.21 22.58
C ILE A 673 -1.16 -14.29 23.78
N GLY A 674 -1.74 -13.08 23.71
CA GLY A 674 -1.69 -12.12 24.79
C GLY A 674 -0.97 -10.85 24.38
N THR A 675 -0.36 -10.20 25.36
CA THR A 675 0.42 -8.99 25.15
C THR A 675 1.92 -9.31 25.28
N PHE A 676 2.74 -8.34 24.89
CA PHE A 676 4.18 -8.52 25.05
C PHE A 676 4.56 -8.59 26.52
N GLU A 677 3.94 -7.76 27.36
CA GLU A 677 4.22 -7.81 28.79
C GLU A 677 3.81 -9.13 29.39
N ASN A 678 2.67 -9.68 28.96
CA ASN A 678 2.14 -10.94 29.49
C ASN A 678 1.69 -11.79 28.31
N THR A 679 2.56 -12.70 27.86
CA THR A 679 2.29 -13.57 26.72
C THR A 679 2.07 -14.99 27.22
N LEU A 680 0.99 -15.60 26.75
CA LEU A 680 0.63 -16.94 27.21
C LEU A 680 1.71 -17.95 26.85
N SER A 681 2.05 -18.82 27.81
CA SER A 681 3.10 -19.80 27.64
C SER A 681 2.55 -21.09 27.04
N LYS A 682 3.46 -21.98 26.65
CA LYS A 682 3.07 -23.25 26.06
C LYS A 682 2.43 -24.17 27.09
N SER A 683 2.95 -24.16 28.32
CA SER A 683 2.39 -25.01 29.37
C SER A 683 0.97 -24.58 29.73
N ASP A 684 0.73 -23.27 29.77
CA ASP A 684 -0.61 -22.76 30.09
C ASP A 684 -1.60 -23.08 28.98
N PHE A 685 -1.16 -23.04 27.73
CA PHE A 685 -2.04 -23.36 26.61
C PHE A 685 -2.60 -24.76 26.74
N VAL A 686 -1.78 -25.72 27.18
CA VAL A 686 -2.26 -27.08 27.39
C VAL A 686 -3.26 -27.13 28.53
N LYS A 687 -3.13 -26.24 29.51
CA LYS A 687 -4.06 -26.22 30.63
C LYS A 687 -5.43 -25.72 30.18
N ILE A 688 -5.47 -24.65 29.38
CA ILE A 688 -6.74 -24.08 28.94
C ILE A 688 -7.39 -24.98 27.89
N PHE A 689 -6.72 -25.18 26.77
CA PHE A 689 -7.17 -26.11 25.73
C PHE A 689 -6.61 -27.48 26.06
N THR A 690 -7.49 -28.46 26.28
CA THR A 690 -7.03 -29.79 26.66
C THR A 690 -6.19 -30.38 25.54
N LYS A 691 -5.20 -31.20 25.92
CA LYS A 691 -4.18 -31.67 24.99
C LYS A 691 -4.78 -32.35 23.75
N ASP A 692 -5.90 -33.03 23.90
CA ASP A 692 -6.43 -33.85 22.82
C ASP A 692 -7.95 -33.71 22.68
N LYS A 693 -8.44 -32.46 22.71
CA LYS A 693 -9.88 -32.27 22.52
C LYS A 693 -10.15 -31.33 21.36
N PRO A 694 -11.27 -31.50 20.66
CA PRO A 694 -11.57 -30.64 19.51
C PRO A 694 -11.73 -29.18 19.92
N VAL A 695 -11.30 -28.29 19.03
CA VAL A 695 -11.42 -26.86 19.23
C VAL A 695 -12.06 -26.26 17.99
N ILE A 696 -13.21 -25.60 18.15
CA ILE A 696 -13.85 -24.87 17.08
C ILE A 696 -13.60 -23.39 17.32
N PHE A 697 -12.91 -22.74 16.39
CA PHE A 697 -12.43 -21.38 16.55
C PHE A 697 -12.97 -20.53 15.42
N ALA A 698 -13.68 -19.46 15.76
CA ALA A 698 -14.17 -18.49 14.81
C ALA A 698 -13.36 -17.21 14.96
N PHE A 699 -12.95 -16.64 13.83
CA PHE A 699 -12.03 -15.51 13.83
C PHE A 699 -12.61 -14.35 13.02
N HIS A 700 -12.22 -13.13 13.42
CA HIS A 700 -12.73 -11.94 12.76
C HIS A 700 -12.09 -11.71 11.39
N GLY A 701 -10.83 -12.12 11.22
CA GLY A 701 -10.13 -11.91 9.97
C GLY A 701 -9.87 -13.19 9.19
N TYR A 702 -8.81 -13.18 8.39
CA TYR A 702 -8.48 -14.34 7.57
C TYR A 702 -8.09 -15.53 8.43
N ALA A 703 -8.42 -16.72 7.95
CA ALA A 703 -8.13 -17.94 8.72
C ALA A 703 -6.64 -18.22 8.79
N LYS A 704 -5.87 -17.83 7.77
CA LYS A 704 -4.45 -18.13 7.76
C LYS A 704 -3.67 -17.22 8.69
N THR A 705 -4.22 -16.05 9.03
CA THR A 705 -3.55 -15.18 10.00
C THR A 705 -3.45 -15.84 11.36
N LEU A 706 -4.52 -16.52 11.79
CA LEU A 706 -4.49 -17.23 13.06
C LEU A 706 -3.71 -18.54 12.96
N LYS A 707 -3.69 -19.17 11.79
CA LYS A 707 -2.97 -20.43 11.64
C LYS A 707 -1.48 -20.25 11.88
N SER A 708 -0.92 -19.12 11.42
CA SER A 708 0.51 -18.88 11.63
C SER A 708 0.84 -18.73 13.10
N ILE A 709 -0.05 -18.10 13.87
CA ILE A 709 0.18 -17.94 15.30
C ILE A 709 0.05 -19.28 16.01
N LEU A 710 -0.97 -20.06 15.66
CA LEU A 710 -1.24 -21.33 16.33
C LEU A 710 -0.33 -22.46 15.86
N PHE A 711 0.57 -22.20 14.92
CA PHE A 711 1.49 -23.23 14.45
C PHE A 711 2.42 -23.69 15.58
N ASP A 712 2.85 -22.78 16.44
CA ASP A 712 3.83 -23.07 17.47
C ASP A 712 3.21 -23.65 18.75
N TYR A 713 1.90 -23.81 18.80
CA TYR A 713 1.23 -24.31 19.99
C TYR A 713 0.96 -25.81 19.88
N GLU A 714 0.28 -26.35 20.88
CA GLU A 714 0.16 -27.79 21.02
C GLU A 714 -0.91 -28.36 20.10
N ASN A 715 -0.55 -29.42 19.37
CA ASN A 715 -1.43 -30.25 18.55
C ASN A 715 -2.31 -29.43 17.61
N PRO A 716 -1.74 -28.81 16.57
CA PRO A 716 -2.57 -28.02 15.65
C PRO A 716 -3.49 -28.85 14.78
N ALA A 717 -3.36 -30.18 14.77
CA ALA A 717 -4.16 -31.01 13.88
C ALA A 717 -5.62 -31.10 14.30
N ARG A 718 -5.94 -30.77 15.55
CA ARG A 718 -7.29 -30.91 16.07
C ARG A 718 -8.01 -29.57 16.22
N ILE A 719 -7.55 -28.52 15.54
CA ILE A 719 -8.11 -27.18 15.66
C ILE A 719 -8.70 -26.78 14.31
N GLN A 720 -9.98 -26.44 14.31
CA GLN A 720 -10.68 -25.98 13.11
C GLN A 720 -10.89 -24.48 13.21
N ILE A 721 -10.47 -23.76 12.17
CA ILE A 721 -10.50 -22.30 12.14
C ILE A 721 -11.32 -21.85 10.96
N ASN A 722 -12.24 -20.90 11.18
CA ASN A 722 -13.07 -20.33 10.15
C ASN A 722 -13.02 -18.81 10.25
N GLY A 723 -12.96 -18.14 9.11
CA GLY A 723 -12.83 -16.69 9.09
C GLY A 723 -13.65 -16.00 8.01
N TYR A 724 -13.11 -14.89 7.49
CA TYR A 724 -13.87 -14.06 6.55
C TYR A 724 -14.14 -14.80 5.24
N GLU A 725 -13.13 -15.50 4.71
CA GLU A 725 -13.23 -16.38 3.55
C GLU A 725 -13.53 -15.65 2.23
N GLU A 726 -13.66 -14.32 2.24
CA GLU A 726 -13.81 -13.54 1.01
C GLU A 726 -15.08 -13.91 0.22
N LYS A 727 -16.22 -13.83 0.89
CA LYS A 727 -17.52 -14.03 0.24
C LYS A 727 -18.55 -13.10 0.87
N GLY A 728 -19.27 -12.37 0.04
CA GLY A 728 -20.32 -11.50 0.56
C GLY A 728 -20.79 -10.52 -0.49
N SER A 729 -21.87 -9.84 -0.15
CA SER A 729 -22.50 -8.82 -1.00
C SER A 729 -23.42 -7.99 -0.11
N THR A 730 -24.20 -7.12 -0.73
CA THR A 730 -25.17 -6.30 0.01
C THR A 730 -26.33 -7.16 0.46
N THR A 731 -26.41 -7.45 1.75
CA THR A 731 -27.45 -8.33 2.29
C THR A 731 -27.57 -8.07 3.79
N THR A 732 -28.41 -8.86 4.46
CA THR A 732 -28.64 -8.73 5.88
C THR A 732 -27.46 -9.24 6.69
N PRO A 733 -27.29 -8.75 7.92
CA PRO A 733 -26.13 -9.20 8.73
C PRO A 733 -26.06 -10.70 8.95
N PHE A 734 -27.21 -11.37 9.13
CA PHE A 734 -27.19 -12.81 9.33
C PHE A 734 -26.73 -13.54 8.08
N ASP A 735 -27.14 -13.06 6.90
CA ASP A 735 -26.76 -13.70 5.65
C ASP A 735 -25.25 -13.62 5.43
N MET A 736 -24.63 -12.48 5.75
CA MET A 736 -23.19 -12.35 5.61
C MET A 736 -22.47 -13.33 6.52
N LEU A 737 -22.93 -13.49 7.76
CA LEU A 737 -22.31 -14.45 8.66
C LEU A 737 -22.49 -15.88 8.16
N ALA A 738 -23.66 -16.18 7.61
CA ALA A 738 -23.93 -17.55 7.13
C ALA A 738 -23.20 -17.83 5.82
N ARG A 739 -23.00 -16.80 4.99
CA ARG A 739 -22.32 -16.99 3.72
C ARG A 739 -20.89 -17.50 3.93
N ASN A 740 -20.19 -16.94 4.92
CA ASN A 740 -18.82 -17.31 5.22
C ASN A 740 -18.74 -18.44 6.24
N LYS A 741 -19.85 -19.15 6.48
CA LYS A 741 -19.88 -20.34 7.33
C LYS A 741 -19.51 -20.02 8.78
N VAL A 742 -19.82 -18.81 9.25
CA VAL A 742 -19.67 -18.44 10.65
C VAL A 742 -21.02 -17.93 11.14
N SER A 743 -21.84 -18.85 11.66
CA SER A 743 -23.12 -18.50 12.24
C SER A 743 -23.43 -19.50 13.33
N ARG A 744 -24.44 -19.20 14.14
CA ARG A 744 -24.72 -20.04 15.30
C ARG A 744 -25.07 -21.47 14.88
N TYR A 745 -25.86 -21.62 13.82
CA TYR A 745 -26.32 -22.94 13.43
C TYR A 745 -25.21 -23.77 12.81
N ASP A 746 -24.38 -23.17 11.95
CA ASP A 746 -23.27 -23.93 11.38
C ASP A 746 -22.15 -24.16 12.39
N ILE A 747 -22.06 -23.34 13.44
CA ILE A 747 -21.14 -23.64 14.53
C ILE A 747 -21.64 -24.83 15.34
N THR A 748 -22.96 -24.88 15.57
CA THR A 748 -23.53 -26.03 16.28
C THR A 748 -23.39 -27.31 15.48
N VAL A 749 -23.55 -27.21 14.15
CA VAL A 749 -23.37 -28.38 13.29
C VAL A 749 -21.93 -28.87 13.35
N ARG A 750 -20.97 -27.95 13.27
CA ARG A 750 -19.56 -28.33 13.34
C ARG A 750 -19.22 -28.97 14.68
N ALA A 751 -19.76 -28.43 15.77
CA ALA A 751 -19.48 -28.98 17.10
C ALA A 751 -20.07 -30.37 17.27
N LEU A 752 -21.28 -30.59 16.75
CA LEU A 752 -21.93 -31.89 16.95
C LEU A 752 -21.22 -33.00 16.21
N LYS A 753 -20.71 -32.70 15.01
CA LYS A 753 -19.97 -33.73 14.25
C LYS A 753 -18.65 -34.05 14.91
N SER A 754 -18.02 -33.07 15.57
CA SER A 754 -16.73 -33.29 16.20
C SER A 754 -16.80 -34.33 17.31
N VAL A 755 -17.85 -34.26 18.14
CA VAL A 755 -17.94 -35.17 19.28
C VAL A 755 -18.26 -36.59 18.82
N SER A 756 -19.12 -36.73 17.81
CA SER A 756 -19.45 -38.04 17.23
C SER A 756 -19.80 -37.87 15.76
N GLU A 757 -18.80 -38.03 14.90
CA GLU A 757 -18.99 -38.01 13.46
C GLU A 757 -19.45 -39.36 12.91
N GLY A 758 -19.67 -40.34 13.79
CA GLY A 758 -20.19 -41.62 13.34
C GLY A 758 -21.58 -41.51 12.73
N ASP A 759 -22.27 -40.41 12.98
CA ASP A 759 -23.57 -40.04 12.42
C ASP A 759 -24.71 -40.91 12.93
N LYS A 760 -24.42 -41.94 13.74
CA LYS A 760 -25.48 -42.73 14.34
C LYS A 760 -26.25 -41.98 15.41
N VAL A 761 -25.70 -40.88 15.93
CA VAL A 761 -26.35 -40.05 16.93
C VAL A 761 -26.31 -38.61 16.46
N PHE A 762 -27.23 -37.80 16.98
CA PHE A 762 -27.37 -36.38 16.69
C PHE A 762 -27.67 -36.10 15.22
N GLY A 763 -28.03 -37.12 14.43
CA GLY A 763 -28.33 -36.87 13.03
C GLY A 763 -29.56 -36.00 12.84
N SER A 764 -30.62 -36.29 13.60
CA SER A 764 -31.81 -35.47 13.53
C SER A 764 -31.55 -34.05 14.01
N LEU A 765 -30.72 -33.91 15.05
CA LEU A 765 -30.35 -32.59 15.54
C LEU A 765 -29.59 -31.80 14.48
N VAL A 766 -28.66 -32.46 13.79
CA VAL A 766 -27.94 -31.79 12.70
C VAL A 766 -28.91 -31.39 11.59
N LYS A 767 -29.90 -32.25 11.32
CA LYS A 767 -30.92 -31.89 10.35
C LYS A 767 -31.68 -30.65 10.78
N GLU A 768 -32.18 -30.63 12.02
CA GLU A 768 -33.08 -29.57 12.45
C GLU A 768 -32.43 -28.19 12.37
N TYR A 769 -31.14 -28.10 12.75
CA TYR A 769 -30.48 -26.80 12.75
C TYR A 769 -30.32 -26.24 11.35
N ARG A 770 -30.18 -27.11 10.34
CA ARG A 770 -30.01 -26.64 8.97
C ARG A 770 -31.31 -26.01 8.45
N LYS A 771 -32.46 -26.60 8.76
CA LYS A 771 -33.72 -26.01 8.33
C LYS A 771 -33.97 -24.66 9.01
N ARG A 772 -33.48 -24.48 10.24
CA ARG A 772 -33.60 -23.15 10.85
C ARG A 772 -32.83 -22.11 10.06
N GLN A 773 -31.61 -22.43 9.65
CA GLN A 773 -30.83 -21.50 8.84
C GLN A 773 -31.50 -21.26 7.50
N ASP A 774 -32.05 -22.31 6.89
CA ASP A 774 -32.76 -22.16 5.61
C ASP A 774 -33.96 -21.24 5.77
N ASP A 775 -34.75 -21.43 6.83
CA ASP A 775 -35.91 -20.58 7.07
C ASP A 775 -35.50 -19.14 7.29
N ALA A 776 -34.44 -18.91 8.07
CA ALA A 776 -33.98 -17.55 8.31
C ALA A 776 -33.54 -16.88 7.01
N LEU A 777 -32.78 -17.60 6.17
CA LEU A 777 -32.33 -17.02 4.91
C LEU A 777 -33.52 -16.74 3.98
N ARG A 778 -34.51 -17.64 3.95
CA ARG A 778 -35.69 -17.40 3.13
C ARG A 778 -36.46 -16.18 3.61
N PHE A 779 -36.62 -16.04 4.92
CA PHE A 779 -37.31 -14.87 5.47
C PHE A 779 -36.56 -13.59 5.10
N ALA A 780 -35.23 -13.61 5.22
CA ALA A 780 -34.45 -12.44 4.83
C ALA A 780 -34.66 -12.10 3.37
N GLN A 781 -34.57 -13.12 2.50
CA GLN A 781 -34.75 -12.89 1.07
C GLN A 781 -36.13 -12.31 0.76
N GLU A 782 -37.15 -12.77 1.46
CA GLU A 782 -38.51 -12.30 1.17
C GLU A 782 -38.76 -10.90 1.72
N ASN A 783 -38.19 -10.57 2.89
CA ASN A 783 -38.64 -9.40 3.62
C ASN A 783 -37.63 -8.27 3.74
N SER A 784 -36.37 -8.46 3.30
CA SER A 784 -35.31 -7.46 3.40
C SER A 784 -34.94 -7.13 4.85
N VAL A 785 -35.40 -7.91 5.82
CA VAL A 785 -35.02 -7.76 7.22
C VAL A 785 -34.78 -9.14 7.81
N ASP A 786 -34.09 -9.17 8.94
CA ASP A 786 -33.80 -10.44 9.61
C ASP A 786 -35.04 -10.95 10.34
N ALA A 787 -35.05 -12.26 10.59
CA ALA A 787 -36.19 -12.90 11.22
C ALA A 787 -36.32 -12.44 12.67
N PRO A 788 -37.55 -12.38 13.20
CA PRO A 788 -37.74 -11.96 14.59
C PRO A 788 -37.06 -12.89 15.59
N GLU A 789 -36.97 -14.19 15.28
CA GLU A 789 -36.34 -15.12 16.21
C GLU A 789 -34.89 -14.74 16.48
N ILE A 790 -34.18 -14.30 15.45
CA ILE A 790 -32.80 -13.86 15.62
C ILE A 790 -32.72 -12.42 16.09
N GLU A 791 -33.64 -11.56 15.65
CA GLU A 791 -33.58 -10.15 16.03
C GLU A 791 -33.83 -9.96 17.52
N ASN A 792 -34.76 -10.72 18.11
CA ASN A 792 -35.12 -10.57 19.51
C ASN A 792 -34.46 -11.62 20.40
N TRP A 793 -33.27 -12.08 20.03
CA TRP A 793 -32.60 -13.13 20.79
C TRP A 793 -32.18 -12.62 22.16
N ASP A 794 -32.19 -13.51 23.14
CA ASP A 794 -31.79 -13.21 24.51
C ASP A 794 -30.46 -13.90 24.76
N TYR A 795 -29.41 -13.10 25.00
CA TYR A 795 -28.06 -13.61 25.13
C TYR A 795 -27.65 -13.79 26.59
N LEU A 796 -26.44 -14.31 26.77
CA LEU A 796 -25.85 -14.50 28.09
C LEU A 796 -25.04 -13.27 28.49
N ARG A 797 -24.86 -13.11 29.80
CA ARG A 797 -23.99 -12.09 30.34
C ARG A 797 -23.33 -12.62 31.60
N PHE A 798 -22.13 -12.13 31.88
CA PHE A 798 -21.30 -12.67 32.95
C PHE A 798 -21.01 -11.64 34.04
N PHE A 799 -21.83 -10.61 34.18
CA PHE A 799 -21.67 -9.67 35.28
C PHE A 799 -22.95 -9.53 36.10
N SER B 15 -30.48 22.34 -32.90
CA SER B 15 -30.10 22.04 -31.53
C SER B 15 -31.24 22.34 -30.55
N GLY B 16 -32.14 23.24 -30.96
CA GLY B 16 -33.26 23.57 -30.11
C GLY B 16 -34.15 22.38 -29.81
N GLN B 17 -34.45 21.58 -30.83
CA GLN B 17 -35.17 20.33 -30.60
C GLN B 17 -34.30 19.34 -29.83
N ASN B 18 -33.00 19.32 -30.12
CA ASN B 18 -32.09 18.43 -29.40
C ASN B 18 -31.98 18.84 -27.93
N LEU B 19 -31.90 20.14 -27.66
CA LEU B 19 -31.74 20.61 -26.29
C LEU B 19 -32.93 20.20 -25.42
N GLU B 20 -34.14 20.35 -25.95
CA GLU B 20 -35.33 20.01 -25.19
C GLU B 20 -35.39 18.50 -24.95
N ASN B 21 -34.95 17.71 -25.93
CA ASN B 21 -34.97 16.25 -25.77
C ASN B 21 -34.00 15.79 -24.68
N ILE B 22 -32.88 16.48 -24.53
CA ILE B 22 -31.93 16.14 -23.47
C ILE B 22 -32.57 16.35 -22.10
N LYS B 23 -33.36 17.43 -21.96
CA LYS B 23 -34.01 17.72 -20.69
C LYS B 23 -34.98 16.60 -20.30
N LYS B 24 -35.72 16.06 -21.28
CA LYS B 24 -36.59 14.92 -20.98
C LYS B 24 -35.78 13.72 -20.51
N PHE B 25 -34.64 13.45 -21.15
CA PHE B 25 -33.82 12.31 -20.76
C PHE B 25 -33.31 12.46 -19.33
N ILE B 26 -32.85 13.66 -18.97
CA ILE B 26 -32.35 13.90 -17.63
C ILE B 26 -33.47 13.79 -16.60
N ARG B 27 -34.64 14.34 -16.92
CA ARG B 27 -35.78 14.28 -16.01
C ARG B 27 -36.18 12.83 -15.73
N ALA B 28 -36.25 12.01 -16.78
CA ALA B 28 -36.66 10.62 -16.57
C ALA B 28 -35.60 9.84 -15.80
N ALA B 29 -34.32 10.11 -16.07
CA ALA B 29 -33.25 9.43 -15.34
C ALA B 29 -33.27 9.81 -13.87
N ASN B 30 -33.55 11.08 -13.56
CA ASN B 30 -33.66 11.50 -12.17
C ASN B 30 -34.82 10.80 -11.47
N TYR B 31 -35.96 10.67 -12.16
CA TYR B 31 -37.13 10.03 -11.56
C TYR B 31 -36.84 8.57 -11.22
N LEU B 32 -36.17 7.85 -12.12
CA LEU B 32 -35.90 6.44 -11.86
C LEU B 32 -34.83 6.26 -10.78
N THR B 33 -33.92 7.21 -10.63
CA THR B 33 -32.93 7.13 -9.56
C THR B 33 -33.60 7.19 -8.19
N VAL B 34 -34.57 8.09 -8.02
CA VAL B 34 -35.28 8.21 -6.75
C VAL B 34 -36.10 6.97 -6.49
N SER B 35 -36.69 6.39 -7.54
CA SER B 35 -37.55 5.22 -7.38
C SER B 35 -36.77 4.03 -6.82
N GLN B 36 -35.52 3.84 -7.28
CA GLN B 36 -34.74 2.71 -6.81
C GLN B 36 -34.35 2.83 -5.35
N ILE B 37 -34.13 4.06 -4.87
CA ILE B 37 -33.65 4.25 -3.50
C ILE B 37 -34.78 4.03 -2.50
N PHE B 38 -35.97 4.58 -2.76
CA PHE B 38 -37.04 4.61 -1.77
C PHE B 38 -38.16 3.60 -2.00
N LEU B 39 -38.67 3.46 -3.21
CA LEU B 39 -39.99 2.87 -3.43
C LEU B 39 -39.95 1.35 -3.34
N GLN B 40 -40.95 0.79 -2.67
CA GLN B 40 -41.22 -0.65 -2.66
C GLN B 40 -42.43 -1.03 -3.50
N ASP B 41 -43.28 -0.05 -3.84
CA ASP B 41 -44.51 -0.27 -4.58
C ASP B 41 -44.98 1.09 -5.08
N ASN B 42 -45.98 1.07 -5.95
CA ASN B 42 -46.60 2.29 -6.50
C ASN B 42 -45.55 3.17 -7.19
N PHE B 43 -44.79 2.56 -8.10
CA PHE B 43 -43.68 3.26 -8.74
C PHE B 43 -44.17 4.37 -9.67
N LEU B 44 -45.34 4.18 -10.27
CA LEU B 44 -45.86 5.16 -11.22
C LEU B 44 -46.67 6.27 -10.54
N LEU B 45 -46.87 6.18 -9.22
CA LEU B 45 -47.60 7.20 -8.46
C LEU B 45 -49.03 7.38 -8.98
N GLU B 46 -49.71 6.25 -9.20
CA GLU B 46 -51.12 6.32 -9.60
C GLU B 46 -52.01 6.69 -8.42
N ARG B 47 -51.73 6.12 -7.25
CA ARG B 47 -52.46 6.39 -6.03
C ARG B 47 -51.54 7.10 -5.04
N PRO B 48 -52.10 7.87 -4.10
CA PRO B 48 -51.26 8.64 -3.18
C PRO B 48 -50.32 7.75 -2.37
N LEU B 49 -49.12 8.26 -2.11
CA LEU B 49 -48.11 7.49 -1.41
C LEU B 49 -48.49 7.29 0.05
N THR B 50 -48.22 6.08 0.56
CA THR B 50 -48.49 5.74 1.95
C THR B 50 -47.23 5.21 2.62
N PHE B 51 -47.36 4.77 3.87
CA PHE B 51 -46.23 4.23 4.62
C PHE B 51 -45.83 2.83 4.18
N GLU B 52 -46.70 2.13 3.44
CA GLU B 52 -46.40 0.78 3.01
C GLU B 52 -45.66 0.71 1.68
N ASP B 53 -45.44 1.85 1.02
CA ASP B 53 -44.73 1.91 -0.25
C ASP B 53 -43.29 2.36 -0.08
N ILE B 54 -42.71 2.21 1.12
CA ILE B 54 -41.34 2.60 1.40
C ILE B 54 -40.58 1.37 1.88
N LYS B 55 -39.33 1.26 1.47
CA LYS B 55 -38.53 0.09 1.81
C LYS B 55 -38.28 0.04 3.31
N PRO B 56 -38.23 -1.15 3.91
CA PRO B 56 -37.94 -1.24 5.36
C PRO B 56 -36.59 -0.68 5.74
N ARG B 57 -35.58 -0.82 4.88
CA ARG B 57 -34.27 -0.24 5.10
C ARG B 57 -33.88 0.60 3.89
N LEU B 58 -33.57 1.86 4.13
CA LEU B 58 -33.15 2.77 3.07
C LEU B 58 -31.63 2.74 2.97
N LEU B 59 -31.13 2.35 1.80
CA LEU B 59 -29.70 2.30 1.54
C LEU B 59 -29.41 2.96 0.20
N GLY B 60 -28.21 3.53 0.08
CA GLY B 60 -27.78 4.15 -1.15
C GLY B 60 -27.28 5.56 -0.91
N HIS B 61 -26.93 6.21 -2.03
CA HIS B 61 -26.40 7.56 -2.03
C HIS B 61 -27.10 8.36 -3.11
N TRP B 62 -27.26 9.67 -2.88
CA TRP B 62 -27.96 10.54 -3.81
C TRP B 62 -27.18 11.78 -4.21
N GLY B 63 -26.21 12.22 -3.42
CA GLY B 63 -25.60 13.52 -3.64
C GLY B 63 -24.95 13.65 -5.01
N SER B 64 -24.23 12.63 -5.44
CA SER B 64 -23.52 12.68 -6.72
C SER B 64 -24.34 12.16 -7.89
N CYS B 65 -25.50 11.56 -7.64
CA CYS B 65 -26.31 10.99 -8.71
C CYS B 65 -26.74 11.99 -9.78
N PRO B 66 -27.19 13.21 -9.46
CA PRO B 66 -27.55 14.15 -10.55
C PRO B 66 -26.40 14.48 -11.47
N GLY B 67 -25.17 14.46 -10.98
CA GLY B 67 -24.03 14.74 -11.85
C GLY B 67 -23.82 13.67 -12.90
N VAL B 68 -24.06 12.40 -12.54
CA VAL B 68 -23.91 11.30 -13.49
C VAL B 68 -24.95 11.43 -14.61
N ASN B 69 -26.19 11.78 -14.25
CA ASN B 69 -27.24 11.89 -15.25
C ASN B 69 -26.95 12.99 -16.25
N TRP B 70 -26.33 14.08 -15.81
CA TRP B 70 -26.00 15.16 -16.73
C TRP B 70 -24.97 14.72 -17.77
N VAL B 71 -23.93 14.00 -17.33
CA VAL B 71 -22.84 13.64 -18.24
C VAL B 71 -23.30 12.61 -19.26
N TYR B 72 -24.02 11.58 -18.81
CA TYR B 72 -24.40 10.48 -19.70
C TYR B 72 -25.34 10.97 -20.81
N ALA B 73 -26.27 11.87 -20.47
CA ALA B 73 -27.22 12.34 -21.48
C ALA B 73 -26.52 13.21 -22.52
N HIS B 74 -25.55 14.02 -22.11
CA HIS B 74 -24.84 14.86 -23.07
C HIS B 74 -23.88 14.06 -23.94
N LEU B 75 -23.37 12.94 -23.41
CA LEU B 75 -22.51 12.07 -24.22
C LEU B 75 -23.31 11.37 -25.30
N LEU B 76 -24.56 10.98 -24.99
CA LEU B 76 -25.40 10.33 -26.00
C LEU B 76 -25.74 11.28 -27.13
N ASN B 77 -25.97 12.56 -26.82
CA ASN B 77 -26.28 13.53 -27.86
C ASN B 77 -25.07 13.79 -28.75
N ILE B 78 -23.87 13.78 -28.17
CA ILE B 78 -22.66 13.97 -28.96
C ILE B 78 -22.44 12.81 -29.91
N GLN B 79 -22.67 11.58 -29.44
CA GLN B 79 -22.43 10.40 -30.27
C GLN B 79 -23.32 10.40 -31.51
N LYS B 80 -24.58 10.79 -31.36
CA LYS B 80 -25.48 10.83 -32.50
C LYS B 80 -25.01 11.85 -33.54
N GLN B 81 -24.46 12.97 -33.07
CA GLN B 81 -23.90 13.96 -34.00
C GLN B 81 -22.67 13.40 -34.72
N LEU B 82 -21.84 12.63 -34.02
CA LEU B 82 -20.67 12.04 -34.64
C LEU B 82 -21.05 11.04 -35.72
N GLU B 83 -22.11 10.26 -35.48
CA GLU B 83 -22.53 9.27 -36.45
C GLU B 83 -23.15 9.91 -37.68
N PHE B 84 -23.72 11.11 -37.53
CA PHE B 84 -24.35 11.78 -38.67
C PHE B 84 -23.34 12.12 -39.75
N ALA B 85 -22.15 12.57 -39.36
CA ALA B 85 -21.11 12.92 -40.31
C ALA B 85 -19.75 12.75 -39.65
N LYS B 86 -18.79 12.21 -40.41
CA LYS B 86 -17.41 12.01 -39.97
C LYS B 86 -17.36 11.13 -38.72
N SER B 87 -17.80 9.90 -38.90
CA SER B 87 -17.86 8.93 -37.82
C SER B 87 -16.48 8.32 -37.58
N GLY B 88 -16.43 7.25 -36.79
CA GLY B 88 -15.18 6.57 -36.50
C GLY B 88 -14.86 6.55 -35.02
N LEU B 89 -15.10 7.66 -34.34
CA LEU B 89 -14.83 7.75 -32.91
C LEU B 89 -15.98 7.17 -32.11
N LYS B 90 -15.66 6.27 -31.19
CA LYS B 90 -16.65 5.62 -30.33
C LYS B 90 -16.38 6.00 -28.89
N ALA B 91 -17.36 6.59 -28.22
CA ALA B 91 -17.22 7.08 -26.86
C ALA B 91 -17.67 6.03 -25.85
N ALA B 92 -17.03 6.05 -24.68
CA ALA B 92 -17.35 5.17 -23.58
C ALA B 92 -17.50 5.99 -22.31
N PHE B 93 -17.90 5.33 -21.22
CA PHE B 93 -18.14 6.00 -19.95
C PHE B 93 -17.45 5.24 -18.82
N MET B 94 -16.78 5.98 -17.94
CA MET B 94 -16.13 5.42 -16.77
C MET B 94 -16.66 6.13 -15.53
N LEU B 95 -17.09 5.34 -14.54
CA LEU B 95 -17.69 5.88 -13.32
C LEU B 95 -16.69 5.75 -12.18
N GLY B 96 -16.14 6.89 -11.76
CA GLY B 96 -15.21 6.94 -10.65
C GLY B 96 -15.91 6.82 -9.31
N PRO B 97 -16.90 7.68 -9.05
CA PRO B 97 -17.70 7.54 -7.83
C PRO B 97 -18.64 6.34 -7.90
N GLY B 98 -18.12 5.16 -7.56
CA GLY B 98 -18.88 3.93 -7.65
C GLY B 98 -20.09 3.87 -6.75
N HIS B 99 -20.23 4.80 -5.80
CA HIS B 99 -21.41 4.86 -4.96
C HIS B 99 -22.60 5.51 -5.66
N ALA B 100 -22.41 6.06 -6.86
CA ALA B 100 -23.49 6.59 -7.68
C ALA B 100 -24.05 5.56 -8.65
N PHE B 101 -24.00 4.27 -8.30
CA PHE B 101 -24.46 3.22 -9.18
C PHE B 101 -25.92 3.36 -9.61
N PRO B 102 -26.89 3.69 -8.74
CA PRO B 102 -28.28 3.78 -9.21
C PRO B 102 -28.49 4.76 -10.35
N ALA B 103 -27.70 5.84 -10.43
CA ALA B 103 -27.80 6.74 -11.57
C ALA B 103 -27.30 6.07 -12.84
N LEU B 104 -26.28 5.22 -12.73
CA LEU B 104 -25.76 4.51 -13.89
C LEU B 104 -26.74 3.44 -14.37
N GLN B 105 -27.42 2.78 -13.44
CA GLN B 105 -28.36 1.72 -13.81
C GLN B 105 -29.52 2.27 -14.63
N ALA B 106 -30.00 3.47 -14.27
CA ALA B 106 -31.11 4.07 -15.01
C ALA B 106 -30.73 4.39 -16.44
N ASN B 107 -29.52 4.91 -16.65
CA ASN B 107 -29.08 5.27 -18.00
C ASN B 107 -28.93 4.04 -18.89
N LEU B 108 -28.42 2.95 -18.33
CA LEU B 108 -28.31 1.71 -19.10
C LEU B 108 -29.67 1.05 -19.31
N PHE B 109 -30.71 1.53 -18.65
CA PHE B 109 -32.04 0.96 -18.82
C PHE B 109 -32.83 1.73 -19.88
N MET B 110 -32.73 3.06 -19.88
CA MET B 110 -33.44 3.84 -20.88
C MET B 110 -32.97 3.51 -22.29
N GLU B 111 -31.67 3.31 -22.46
CA GLU B 111 -31.20 2.63 -23.65
C GLU B 111 -31.27 1.12 -23.41
N GLU B 112 -31.37 0.37 -24.50
CA GLU B 112 -31.69 -1.04 -24.39
C GLU B 112 -30.50 -1.92 -24.04
N THR B 113 -29.43 -1.35 -23.49
CA THR B 113 -28.24 -2.12 -23.16
C THR B 113 -28.55 -3.19 -22.11
N LEU B 114 -29.31 -2.85 -21.08
CA LEU B 114 -29.57 -3.79 -20.00
C LEU B 114 -30.44 -4.96 -20.47
N SER B 115 -31.34 -4.72 -21.42
CA SER B 115 -32.22 -5.77 -21.90
C SER B 115 -31.48 -6.86 -22.67
N LYS B 116 -30.25 -6.58 -23.13
CA LYS B 116 -29.48 -7.58 -23.86
C LYS B 116 -28.84 -8.62 -22.94
N VAL B 117 -28.80 -8.37 -21.64
CA VAL B 117 -28.17 -9.30 -20.71
C VAL B 117 -29.23 -9.96 -19.85
N ASP B 118 -30.18 -9.17 -19.37
CA ASP B 118 -31.29 -9.69 -18.57
C ASP B 118 -32.59 -9.42 -19.31
N LYS B 119 -33.40 -10.48 -19.48
CA LYS B 119 -34.64 -10.36 -20.23
C LYS B 119 -35.72 -9.60 -19.46
N LYS B 120 -35.70 -9.68 -18.13
CA LYS B 120 -36.73 -9.01 -17.32
C LYS B 120 -36.56 -7.50 -17.28
N ALA B 121 -35.45 -6.97 -17.78
CA ALA B 121 -35.18 -5.53 -17.73
C ALA B 121 -35.62 -4.81 -18.99
N THR B 122 -36.67 -5.29 -19.64
CA THR B 122 -37.18 -4.64 -20.83
C THR B 122 -37.74 -3.26 -20.48
N ARG B 123 -37.68 -2.34 -21.45
CA ARG B 123 -38.05 -0.95 -21.24
C ARG B 123 -39.57 -0.81 -21.30
N ASN B 124 -40.24 -1.33 -20.27
CA ASN B 124 -41.68 -1.19 -20.13
C ASN B 124 -42.00 -1.11 -18.63
N ALA B 125 -43.29 -1.09 -18.31
CA ALA B 125 -43.72 -0.94 -16.93
C ALA B 125 -43.25 -2.10 -16.07
N GLN B 126 -43.15 -3.30 -16.65
CA GLN B 126 -42.67 -4.45 -15.90
C GLN B 126 -41.20 -4.27 -15.50
N GLY B 127 -40.39 -3.71 -16.41
CA GLY B 127 -38.98 -3.50 -16.10
C GLY B 127 -38.77 -2.45 -15.03
N ILE B 128 -39.59 -1.39 -15.03
CA ILE B 128 -39.43 -0.31 -14.06
C ILE B 128 -39.58 -0.85 -12.65
N GLU B 129 -40.59 -1.69 -12.42
CA GLU B 129 -40.77 -2.31 -11.11
C GLU B 129 -39.61 -3.22 -10.77
N TYR B 130 -39.07 -3.93 -11.78
CA TYR B 130 -38.02 -4.91 -11.54
C TYR B 130 -36.74 -4.24 -11.04
N ILE B 131 -36.29 -3.19 -11.72
CA ILE B 131 -35.04 -2.55 -11.34
C ILE B 131 -35.20 -1.75 -10.05
N SER B 132 -36.36 -1.13 -9.85
CA SER B 132 -36.58 -0.29 -8.68
C SER B 132 -36.63 -1.12 -7.41
N LYS B 133 -37.39 -2.22 -7.43
CA LYS B 133 -37.58 -3.01 -6.22
C LYS B 133 -36.32 -3.76 -5.82
N ASN B 134 -35.53 -4.21 -6.79
CA ASN B 134 -34.39 -5.08 -6.54
C ASN B 134 -33.09 -4.33 -6.30
N PHE B 135 -33.10 -3.00 -6.29
CA PHE B 135 -31.91 -2.24 -5.95
C PHE B 135 -31.61 -2.37 -4.47
N SER B 136 -30.39 -2.80 -4.15
CA SER B 136 -29.90 -3.00 -2.79
C SER B 136 -30.69 -4.06 -2.02
N TRP B 137 -31.60 -4.76 -2.68
CA TRP B 137 -32.36 -5.84 -2.05
C TRP B 137 -31.48 -7.07 -1.88
N PRO B 138 -31.66 -7.84 -0.81
CA PRO B 138 -30.93 -9.10 -0.68
C PRO B 138 -31.29 -10.06 -1.81
N GLY B 139 -30.28 -10.47 -2.56
CA GLY B 139 -30.49 -11.29 -3.73
C GLY B 139 -30.76 -10.53 -5.01
N GLY B 140 -30.77 -9.20 -4.97
CA GLY B 140 -30.99 -8.39 -6.15
C GLY B 140 -29.73 -7.70 -6.63
N PHE B 141 -29.87 -6.51 -7.20
CA PHE B 141 -28.71 -5.77 -7.65
C PHE B 141 -27.94 -5.21 -6.45
N PRO B 142 -26.62 -5.11 -6.55
CA PRO B 142 -25.82 -4.50 -5.48
C PRO B 142 -25.99 -2.99 -5.48
N SER B 143 -25.39 -2.36 -4.49
CA SER B 143 -25.48 -0.91 -4.32
C SER B 143 -24.35 -0.16 -5.03
N SER B 144 -23.35 -0.86 -5.57
CA SER B 144 -22.21 -0.22 -6.21
C SER B 144 -21.90 -0.96 -7.51
N ALA B 145 -21.04 -0.34 -8.32
CA ALA B 145 -20.66 -0.92 -9.60
C ALA B 145 -19.93 -2.25 -9.39
N SER B 146 -20.15 -3.19 -10.30
CA SER B 146 -19.65 -4.55 -10.14
C SER B 146 -19.52 -5.22 -11.50
N PRO B 147 -18.90 -6.40 -11.59
CA PRO B 147 -18.84 -7.12 -12.87
C PRO B 147 -20.19 -7.49 -13.45
N PHE B 148 -21.26 -7.47 -12.64
CA PHE B 148 -22.60 -7.77 -13.13
C PHE B 148 -23.17 -6.68 -14.02
N THR B 149 -22.53 -5.53 -14.09
CA THR B 149 -23.03 -4.45 -14.94
C THR B 149 -22.28 -4.43 -16.27
N PRO B 150 -22.99 -4.50 -17.40
CA PRO B 150 -22.30 -4.47 -18.70
C PRO B 150 -21.56 -3.16 -18.93
N GLY B 151 -20.42 -3.25 -19.60
CA GLY B 151 -19.63 -2.07 -19.90
C GLY B 151 -18.82 -1.53 -18.74
N VAL B 152 -18.56 -2.33 -17.72
CA VAL B 152 -17.89 -1.88 -16.51
C VAL B 152 -16.55 -2.62 -16.40
N ILE B 153 -15.48 -1.86 -16.19
CA ILE B 153 -14.18 -2.44 -15.91
C ILE B 153 -13.58 -1.95 -14.60
N LEU B 154 -14.00 -0.80 -14.07
CA LEU B 154 -13.51 -0.27 -12.81
C LEU B 154 -14.64 -0.26 -11.80
N GLU B 155 -14.42 -0.92 -10.65
CA GLU B 155 -15.47 -1.02 -9.65
C GLU B 155 -15.70 0.30 -8.93
N GLY B 156 -14.61 0.97 -8.54
CA GLY B 156 -14.70 2.26 -7.90
C GLY B 156 -14.93 2.25 -6.41
N GLY B 157 -14.81 1.09 -5.76
CA GLY B 157 -14.95 1.02 -4.32
C GLY B 157 -13.89 1.81 -3.58
N GLU B 158 -12.64 1.38 -3.68
CA GLU B 158 -11.52 2.15 -3.15
C GLU B 158 -11.18 3.24 -4.14
N LEU B 159 -11.35 4.49 -3.72
CA LEU B 159 -11.26 5.62 -4.64
C LEU B 159 -9.81 5.91 -5.04
N GLY B 160 -9.66 6.48 -6.24
CA GLY B 160 -8.37 6.97 -6.69
C GLY B 160 -7.75 6.25 -7.86
N TYR B 161 -8.34 5.16 -8.35
CA TYR B 161 -7.73 4.34 -9.38
C TYR B 161 -8.47 4.42 -10.71
N SER B 162 -9.04 5.59 -11.03
CA SER B 162 -9.82 5.75 -12.24
C SER B 162 -9.05 6.40 -13.38
N LEU B 163 -8.28 7.45 -13.11
CA LEU B 163 -7.56 8.13 -14.18
C LEU B 163 -6.48 7.24 -14.80
N SER B 164 -5.79 6.45 -13.98
CA SER B 164 -4.73 5.60 -14.51
C SER B 164 -5.29 4.40 -15.25
N THR B 165 -6.44 3.88 -14.80
CA THR B 165 -7.06 2.77 -15.50
C THR B 165 -7.57 3.18 -16.87
N ALA B 166 -8.06 4.41 -17.00
CA ALA B 166 -8.53 4.89 -18.31
C ALA B 166 -7.38 4.97 -19.30
N PHE B 167 -6.20 5.41 -18.85
CA PHE B 167 -5.04 5.49 -19.73
C PHE B 167 -4.57 4.11 -20.16
N GLY B 168 -4.85 3.08 -19.37
CA GLY B 168 -4.42 1.74 -19.73
C GLY B 168 -5.31 1.05 -20.74
N ALA B 169 -6.61 1.35 -20.72
CA ALA B 169 -7.53 0.78 -21.68
C ALA B 169 -7.55 1.55 -23.00
N ILE B 170 -6.84 2.68 -23.07
CA ILE B 170 -6.87 3.54 -24.24
C ILE B 170 -5.71 3.24 -25.19
N LEU B 171 -4.84 2.30 -24.84
CA LEU B 171 -3.67 1.97 -25.65
C LEU B 171 -4.05 1.06 -26.81
N ASP B 172 -3.50 1.34 -27.99
CA ASP B 172 -3.72 0.59 -29.22
C ASP B 172 -5.17 0.64 -29.68
N ASN B 173 -5.93 1.65 -29.24
CA ASN B 173 -7.32 1.84 -29.64
C ASN B 173 -7.46 3.27 -30.14
N PRO B 174 -7.03 3.55 -31.36
CA PRO B 174 -7.03 4.94 -31.85
C PRO B 174 -8.41 5.56 -31.97
N ASN B 175 -9.47 4.75 -32.05
CA ASN B 175 -10.82 5.26 -32.25
C ASN B 175 -11.67 5.23 -30.99
N LEU B 176 -11.06 5.04 -29.82
CA LEU B 176 -11.78 5.02 -28.56
C LEU B 176 -11.52 6.32 -27.79
N VAL B 177 -12.60 6.96 -27.34
CA VAL B 177 -12.54 8.14 -26.49
C VAL B 177 -13.19 7.79 -25.16
N MET B 178 -12.39 7.72 -24.11
CA MET B 178 -12.86 7.31 -22.80
C MET B 178 -13.13 8.54 -21.94
N THR B 179 -14.37 8.68 -21.49
CA THR B 179 -14.77 9.77 -20.61
C THR B 179 -14.88 9.24 -19.19
N THR B 180 -14.06 9.78 -18.29
CA THR B 180 -13.98 9.31 -16.92
C THR B 180 -14.37 10.44 -15.97
N LEU B 181 -15.23 10.13 -15.01
CA LEU B 181 -15.74 11.11 -14.06
C LEU B 181 -15.03 10.93 -12.72
N ILE B 182 -14.43 12.01 -12.22
CA ILE B 182 -13.64 11.99 -10.99
C ILE B 182 -14.26 12.98 -10.01
N GLY B 183 -14.47 12.52 -8.77
CA GLY B 183 -14.98 13.40 -7.74
C GLY B 183 -13.91 14.32 -7.19
N ASP B 184 -14.35 15.46 -6.65
CA ASP B 184 -13.40 16.41 -6.08
C ASP B 184 -12.75 15.86 -4.82
N GLY B 185 -13.48 15.08 -4.04
CA GLY B 185 -12.87 14.38 -2.92
C GLY B 185 -11.86 13.34 -3.37
N GLU B 186 -12.20 12.60 -4.42
CA GLU B 186 -11.28 11.58 -4.95
C GLU B 186 -10.01 12.20 -5.51
N ALA B 187 -10.08 13.43 -6.01
CA ALA B 187 -8.92 14.09 -6.58
C ALA B 187 -7.84 14.39 -5.54
N GLU B 188 -8.15 14.30 -4.25
CA GLU B 188 -7.16 14.53 -3.22
C GLU B 188 -6.28 13.31 -2.95
N THR B 189 -6.61 12.17 -3.56
CA THR B 189 -5.81 10.96 -3.38
C THR B 189 -4.46 11.10 -4.09
N GLY B 190 -3.46 10.39 -3.55
CA GLY B 190 -2.15 10.40 -4.17
C GLY B 190 -2.14 9.78 -5.56
N SER B 191 -2.94 8.73 -5.76
CA SER B 191 -2.97 8.05 -7.05
C SER B 191 -3.49 8.97 -8.15
N ILE B 192 -4.54 9.72 -7.88
CA ILE B 192 -5.08 10.65 -8.87
C ILE B 192 -4.10 11.79 -9.12
N ALA B 193 -3.44 12.27 -8.06
CA ALA B 193 -2.56 13.43 -8.19
C ALA B 193 -1.37 13.13 -9.08
N ALA B 194 -0.84 11.91 -9.01
CA ALA B 194 0.30 11.53 -9.85
C ALA B 194 -0.10 11.29 -11.29
N ALA B 195 -1.34 10.83 -11.53
CA ALA B 195 -1.76 10.40 -12.85
C ALA B 195 -2.00 11.55 -13.82
N TRP B 196 -1.98 12.80 -13.36
CA TRP B 196 -2.21 13.93 -14.27
C TRP B 196 -1.07 14.13 -15.24
N HIS B 197 0.10 13.55 -14.99
CA HIS B 197 1.26 13.67 -15.86
C HIS B 197 1.39 12.51 -16.84
N LEU B 198 0.42 11.59 -16.86
CA LEU B 198 0.53 10.42 -17.73
C LEU B 198 0.43 10.78 -19.21
N SER B 199 -0.02 11.99 -19.54
CA SER B 199 -0.11 12.39 -20.94
C SER B 199 1.25 12.70 -21.55
N LYS B 200 2.32 12.76 -20.76
CA LYS B 200 3.65 13.02 -21.26
C LYS B 200 4.36 11.77 -21.75
N LEU B 201 3.75 10.60 -21.62
CA LEU B 201 4.37 9.35 -22.03
C LEU B 201 3.58 8.57 -23.06
N ILE B 202 2.36 8.98 -23.40
CA ILE B 202 1.47 8.22 -24.26
C ILE B 202 1.08 9.10 -25.46
N ASP B 203 1.24 8.55 -26.66
CA ASP B 203 0.92 9.29 -27.88
C ASP B 203 -0.56 9.12 -28.20
N PRO B 204 -1.35 10.21 -28.24
CA PRO B 204 -2.79 10.07 -28.48
C PRO B 204 -3.18 9.95 -29.94
N VAL B 205 -2.23 9.85 -30.87
CA VAL B 205 -2.58 9.69 -32.28
C VAL B 205 -2.63 8.22 -32.65
N LYS B 206 -1.62 7.45 -32.25
CA LYS B 206 -1.64 6.01 -32.49
C LYS B 206 -2.46 5.27 -31.44
N ASN B 207 -2.81 5.92 -30.34
CA ASN B 207 -3.72 5.41 -29.33
C ASN B 207 -4.91 6.36 -29.22
N GLY B 208 -5.79 6.08 -28.25
CA GLY B 208 -6.98 6.88 -28.08
C GLY B 208 -6.74 8.13 -27.25
N VAL B 209 -7.84 8.73 -26.81
CA VAL B 209 -7.83 9.95 -26.03
C VAL B 209 -8.64 9.75 -24.76
N VAL B 210 -8.10 10.18 -23.63
CA VAL B 210 -8.78 10.12 -22.34
C VAL B 210 -9.36 11.50 -22.05
N LEU B 211 -10.65 11.54 -21.71
CA LEU B 211 -11.34 12.79 -21.40
C LEU B 211 -11.82 12.78 -19.95
N PRO B 212 -11.16 13.50 -19.05
CA PRO B 212 -11.59 13.51 -17.64
C PRO B 212 -12.55 14.64 -17.32
N VAL B 213 -13.52 14.31 -16.46
CA VAL B 213 -14.52 15.27 -15.98
C VAL B 213 -14.41 15.34 -14.46
N LEU B 214 -14.20 16.54 -13.94
CA LEU B 214 -14.12 16.79 -12.51
C LEU B 214 -15.50 17.21 -12.00
N HIS B 215 -16.10 16.37 -11.15
CA HIS B 215 -17.49 16.59 -10.74
C HIS B 215 -17.62 17.85 -9.89
N LEU B 216 -16.73 18.05 -8.93
CA LEU B 216 -16.62 19.28 -8.14
C LEU B 216 -17.98 19.72 -7.57
N ASN B 217 -18.61 18.79 -6.85
CA ASN B 217 -19.84 19.15 -6.16
C ASN B 217 -19.58 19.89 -4.85
N GLY B 218 -18.32 19.98 -4.42
CA GLY B 218 -17.93 20.84 -3.34
C GLY B 218 -17.77 20.20 -1.99
N TYR B 219 -18.18 18.94 -1.82
CA TYR B 219 -18.19 18.34 -0.50
C TYR B 219 -17.80 16.87 -0.55
N LYS B 220 -17.17 16.42 0.52
CA LYS B 220 -16.98 15.01 0.83
C LYS B 220 -18.15 14.53 1.67
N ILE B 221 -17.98 13.38 2.34
CA ILE B 221 -19.06 12.83 3.16
C ILE B 221 -19.58 13.87 4.15
N SER B 222 -18.68 14.50 4.90
CA SER B 222 -19.10 15.39 5.98
C SER B 222 -18.24 16.65 6.05
N GLY B 223 -17.97 17.28 4.91
CA GLY B 223 -17.23 18.51 4.89
C GLY B 223 -16.79 18.97 3.52
N PRO B 224 -16.26 20.19 3.43
CA PRO B 224 -15.83 20.73 2.14
C PRO B 224 -14.55 20.07 1.64
N THR B 225 -14.23 20.36 0.38
CA THR B 225 -13.09 19.76 -0.31
C THR B 225 -12.01 20.81 -0.55
N ILE B 226 -10.79 20.31 -0.72
CA ILE B 226 -9.65 21.20 -1.00
C ILE B 226 -9.83 21.88 -2.35
N PHE B 227 -10.24 21.12 -3.36
CA PHE B 227 -10.40 21.69 -4.69
C PHE B 227 -11.59 22.63 -4.77
N GLY B 228 -12.60 22.42 -3.93
CA GLY B 228 -13.74 23.33 -3.90
C GLY B 228 -13.43 24.68 -3.30
N SER B 229 -12.38 24.76 -2.47
CA SER B 229 -12.00 26.02 -1.85
C SER B 229 -11.17 26.91 -2.77
N MET B 230 -10.64 26.37 -3.85
CA MET B 230 -9.81 27.15 -4.77
C MET B 230 -10.70 27.98 -5.70
N SER B 231 -10.14 29.10 -6.16
CA SER B 231 -10.86 29.99 -7.06
C SER B 231 -10.70 29.54 -8.51
N ASP B 232 -11.34 30.28 -9.41
CA ASP B 232 -11.22 29.97 -10.83
C ASP B 232 -9.80 30.18 -11.33
N PHE B 233 -9.13 31.23 -10.85
CA PHE B 233 -7.76 31.49 -11.27
C PHE B 233 -6.82 30.37 -10.85
N GLU B 234 -6.98 29.85 -9.63
CA GLU B 234 -6.11 28.78 -9.14
C GLU B 234 -6.33 27.49 -9.93
N LEU B 235 -7.59 27.15 -10.23
CA LEU B 235 -7.88 25.88 -10.90
C LEU B 235 -7.28 25.86 -12.30
N ILE B 236 -7.42 26.97 -13.04
CA ILE B 236 -6.88 27.02 -14.39
C ILE B 236 -5.36 26.92 -14.35
N GLN B 237 -4.72 27.65 -13.44
CA GLN B 237 -3.26 27.66 -13.37
C GLN B 237 -2.72 26.28 -13.03
N PHE B 238 -3.37 25.58 -12.11
CA PHE B 238 -2.86 24.27 -11.68
C PHE B 238 -2.94 23.26 -12.81
N PHE B 239 -4.10 23.16 -13.46
CA PHE B 239 -4.28 22.13 -14.49
C PHE B 239 -3.58 22.50 -15.79
N HIS B 240 -3.40 23.78 -16.08
CA HIS B 240 -2.62 24.18 -17.24
C HIS B 240 -1.13 23.86 -17.07
N GLY B 241 -0.66 23.75 -15.82
CA GLY B 241 0.73 23.42 -15.58
C GLY B 241 0.96 21.91 -15.56
N ALA B 242 -0.11 21.15 -15.48
CA ALA B 242 -0.04 19.69 -15.49
C ALA B 242 -0.16 19.11 -16.89
N GLY B 243 -0.27 19.95 -17.92
CA GLY B 243 -0.32 19.48 -19.28
C GLY B 243 -1.71 19.20 -19.82
N TRP B 244 -2.66 20.09 -19.50
CA TRP B 244 -4.04 19.93 -19.92
C TRP B 244 -4.62 21.28 -20.32
N GLU B 245 -5.83 21.24 -20.86
CA GLU B 245 -6.57 22.44 -21.26
C GLU B 245 -7.95 22.38 -20.63
N PRO B 246 -8.10 22.92 -19.43
CA PRO B 246 -9.38 22.80 -18.71
C PRO B 246 -10.36 23.91 -19.06
N LYS B 247 -11.64 23.56 -19.01
CA LYS B 247 -12.74 24.49 -19.15
C LYS B 247 -13.68 24.31 -17.96
N ILE B 248 -14.29 25.41 -17.53
CA ILE B 248 -15.08 25.45 -16.30
C ILE B 248 -16.51 25.84 -16.64
N VAL B 249 -17.46 25.04 -16.17
CA VAL B 249 -18.89 25.35 -16.24
C VAL B 249 -19.47 25.22 -14.84
N ASP B 250 -20.25 26.21 -14.41
CA ASP B 250 -20.82 26.22 -13.08
C ASP B 250 -22.34 26.40 -13.14
N GLU B 251 -23.04 25.76 -12.21
CA GLU B 251 -24.49 25.80 -12.17
C GLU B 251 -25.05 27.17 -11.83
N TYR B 252 -24.23 28.07 -11.28
CA TYR B 252 -24.65 29.44 -10.98
C TYR B 252 -24.53 30.31 -12.23
N SER B 253 -25.25 29.90 -13.27
CA SER B 253 -25.23 30.57 -14.56
C SER B 253 -26.65 30.59 -15.13
N ALA B 254 -26.81 31.22 -16.29
CA ALA B 254 -28.13 31.41 -16.87
C ALA B 254 -28.75 30.08 -17.31
N GLU B 255 -28.02 29.28 -18.07
CA GLU B 255 -28.52 28.01 -18.60
C GLU B 255 -27.41 26.98 -18.50
N ASP B 256 -27.49 26.10 -17.51
CA ASP B 256 -26.45 25.08 -17.32
C ASP B 256 -26.42 24.10 -18.48
N PHE B 257 -27.58 23.67 -18.96
CA PHE B 257 -27.63 22.65 -20.00
C PHE B 257 -27.15 23.20 -21.34
N ASP B 258 -27.46 24.47 -21.63
CA ASP B 258 -26.93 25.08 -22.86
C ASP B 258 -25.41 25.21 -22.80
N LEU B 259 -24.88 25.63 -21.66
CA LEU B 259 -23.43 25.80 -21.53
C LEU B 259 -22.72 24.44 -21.53
N GLU B 260 -23.36 23.42 -20.96
CA GLU B 260 -22.75 22.09 -20.96
C GLU B 260 -22.71 21.51 -22.37
N LEU B 261 -23.72 21.82 -23.19
CA LEU B 261 -23.75 21.32 -24.55
C LEU B 261 -22.61 21.90 -25.39
N SER B 262 -22.37 23.20 -25.29
CA SER B 262 -21.27 23.81 -26.02
C SER B 262 -19.92 23.34 -25.51
N ASN B 263 -19.84 22.97 -24.23
CA ASN B 263 -18.58 22.53 -23.66
C ASN B 263 -18.18 21.18 -24.24
N ALA B 264 -19.10 20.21 -24.26
CA ALA B 264 -18.77 18.89 -24.77
C ALA B 264 -18.59 18.90 -26.28
N PHE B 265 -19.30 19.77 -26.98
CA PHE B 265 -19.17 19.84 -28.43
C PHE B 265 -17.80 20.37 -28.83
N SER B 266 -17.39 21.50 -28.25
CA SER B 266 -16.11 22.10 -28.61
C SER B 266 -14.94 21.22 -28.21
N ASN B 267 -15.11 20.40 -27.19
CA ASN B 267 -14.04 19.51 -26.76
C ASN B 267 -13.82 18.38 -27.76
N ALA B 268 -14.90 17.73 -28.20
CA ALA B 268 -14.77 16.68 -29.20
C ALA B 268 -14.34 17.23 -30.55
N PHE B 269 -14.62 18.50 -30.82
CA PHE B 269 -14.14 19.12 -32.06
C PHE B 269 -12.61 19.20 -32.04
N ARG B 270 -12.03 19.59 -30.90
CA ARG B 270 -10.58 19.63 -30.77
C ARG B 270 -9.96 18.25 -30.99
N ASP B 271 -10.63 17.21 -30.50
CA ASP B 271 -10.07 15.87 -30.59
C ASP B 271 -10.00 15.38 -32.04
N ILE B 272 -11.04 15.66 -32.83
CA ILE B 272 -11.03 15.22 -34.22
C ILE B 272 -10.02 16.01 -35.04
N SER B 273 -9.87 17.30 -34.73
CA SER B 273 -8.94 18.17 -35.45
C SER B 273 -7.50 17.94 -35.07
N ARG B 274 -7.24 16.90 -34.29
CA ARG B 274 -5.90 16.61 -33.80
C ARG B 274 -5.54 15.16 -34.07
N ILE B 275 -6.53 14.28 -34.09
CA ILE B 275 -6.25 12.86 -34.24
C ILE B 275 -6.08 12.45 -35.70
N LYS B 276 -6.60 13.23 -36.65
CA LYS B 276 -6.53 12.87 -38.05
C LYS B 276 -5.64 13.78 -38.88
N PHE B 277 -5.49 15.05 -38.46
CA PHE B 277 -4.57 15.93 -39.17
C PHE B 277 -3.13 15.47 -39.01
N GLY B 278 -2.75 15.08 -37.79
CA GLY B 278 -1.39 14.62 -37.53
C GLY B 278 -0.32 15.64 -37.84
N ARG B 279 -0.69 16.93 -37.85
CA ARG B 279 0.22 17.99 -38.23
C ARG B 279 1.00 18.56 -37.05
N ASN B 280 1.14 17.79 -35.98
CA ASN B 280 1.85 18.24 -34.78
C ASN B 280 2.88 17.19 -34.40
N SER B 281 4.12 17.64 -34.18
CA SER B 281 5.22 16.76 -33.80
C SER B 281 5.71 16.98 -32.38
N LYS B 282 5.30 18.05 -31.70
CA LYS B 282 5.70 18.33 -30.34
C LYS B 282 4.63 17.79 -29.38
N PHE B 283 4.75 18.17 -28.11
CA PHE B 283 3.79 17.73 -27.10
C PHE B 283 2.42 18.32 -27.37
N ILE B 284 1.38 17.57 -27.00
CA ILE B 284 -0.01 17.94 -27.26
C ILE B 284 -0.69 18.30 -25.94
N ARG B 285 -1.75 19.10 -26.03
CA ARG B 285 -2.50 19.55 -24.86
C ARG B 285 -3.93 19.00 -24.94
N LEU B 286 -4.21 17.96 -24.15
CA LEU B 286 -5.55 17.39 -24.22
C LEU B 286 -6.52 18.20 -23.38
N PRO B 287 -7.78 18.31 -23.80
CA PRO B 287 -8.78 19.07 -23.04
C PRO B 287 -9.43 18.25 -21.93
N MET B 288 -9.92 18.96 -20.93
CA MET B 288 -10.60 18.36 -19.80
C MET B 288 -11.73 19.29 -19.36
N ILE B 289 -12.67 18.74 -18.59
CA ILE B 289 -13.88 19.43 -18.21
C ILE B 289 -13.95 19.53 -16.69
N ILE B 290 -14.16 20.74 -16.18
CA ILE B 290 -14.46 20.99 -14.77
C ILE B 290 -15.86 21.56 -14.68
N MET B 291 -16.73 20.86 -13.97
CA MET B 291 -18.12 21.30 -13.78
C MET B 291 -18.35 21.55 -12.30
N ARG B 292 -19.00 22.68 -11.99
CA ARG B 292 -19.33 23.05 -10.62
C ARG B 292 -20.84 23.07 -10.45
N SER B 293 -21.33 22.34 -9.45
CA SER B 293 -22.76 22.20 -9.25
C SER B 293 -23.04 22.05 -7.76
N LYS B 294 -24.31 22.24 -7.39
CA LYS B 294 -24.75 22.06 -6.02
C LYS B 294 -25.00 20.58 -5.76
N LYS B 295 -24.41 20.07 -4.68
CA LYS B 295 -24.54 18.65 -4.36
C LYS B 295 -26.00 18.31 -4.07
N GLY B 296 -26.47 17.21 -4.66
CA GLY B 296 -27.85 16.80 -4.50
C GLY B 296 -28.85 17.73 -5.12
N SER B 297 -28.53 18.29 -6.29
CA SER B 297 -29.42 19.25 -6.94
C SER B 297 -30.73 18.59 -7.34
N SER B 298 -31.78 19.41 -7.38
CA SER B 298 -33.16 19.05 -7.75
C SER B 298 -33.84 18.18 -6.70
N GLY B 299 -33.24 17.96 -5.55
CA GLY B 299 -33.82 17.16 -4.49
C GLY B 299 -34.42 18.01 -3.38
N VAL B 300 -34.46 17.43 -2.18
CA VAL B 300 -34.97 18.15 -1.02
C VAL B 300 -34.03 19.29 -0.67
N LYS B 301 -34.60 20.46 -0.41
CA LYS B 301 -33.81 21.64 -0.10
C LYS B 301 -33.49 21.76 1.39
N GLU B 302 -34.50 21.67 2.25
CA GLU B 302 -34.31 21.80 3.69
C GLU B 302 -35.11 20.74 4.42
N ASN B 303 -34.62 20.38 5.60
CA ASN B 303 -35.33 19.46 6.49
C ASN B 303 -34.93 19.83 7.91
N ASN B 304 -35.90 20.31 8.70
CA ASN B 304 -35.64 20.88 10.02
C ASN B 304 -34.68 22.06 9.95
N GLY B 305 -34.73 22.82 8.86
CA GLY B 305 -33.86 23.97 8.67
C GLY B 305 -32.39 23.62 8.72
N GLN B 306 -31.99 22.56 8.01
CA GLN B 306 -30.63 22.04 8.09
C GLN B 306 -29.86 22.07 6.78
N LYS B 307 -30.44 22.67 5.73
CA LYS B 307 -29.73 22.88 4.46
C LYS B 307 -29.23 21.55 3.88
N ILE B 308 -30.20 20.75 3.44
CA ILE B 308 -29.88 19.46 2.82
C ILE B 308 -29.18 19.67 1.49
N GLU B 309 -29.85 20.31 0.53
CA GLU B 309 -29.26 20.53 -0.78
C GLU B 309 -28.13 21.54 -0.70
N GLY B 310 -27.10 21.34 -1.53
CA GLY B 310 -25.95 22.21 -1.52
C GLY B 310 -25.06 22.07 -0.31
N ASN B 311 -25.03 20.89 0.31
CA ASN B 311 -24.31 20.67 1.55
C ASN B 311 -23.91 19.20 1.63
N SER B 312 -22.98 18.90 2.53
CA SER B 312 -22.50 17.54 2.70
C SER B 312 -23.57 16.59 3.23
N LEU B 313 -24.70 17.11 3.73
CA LEU B 313 -25.74 16.25 4.28
C LEU B 313 -26.55 15.54 3.20
N ALA B 314 -26.35 15.88 1.93
CA ALA B 314 -27.04 15.21 0.83
C ALA B 314 -26.31 13.96 0.33
N HIS B 315 -25.19 13.61 0.96
CA HIS B 315 -24.37 12.49 0.48
C HIS B 315 -25.14 11.18 0.51
N GLN B 316 -25.66 10.80 1.68
CA GLN B 316 -26.45 9.59 1.83
C GLN B 316 -27.92 9.92 1.65
N VAL B 317 -28.81 9.00 2.05
CA VAL B 317 -30.25 9.19 1.92
C VAL B 317 -30.67 10.42 2.72
N PRO B 318 -31.32 11.41 2.09
CA PRO B 318 -31.74 12.60 2.82
C PRO B 318 -32.86 12.36 3.83
N LEU B 319 -33.94 11.71 3.40
CA LEU B 319 -35.12 11.50 4.24
C LEU B 319 -34.99 10.15 4.92
N LEU B 320 -34.47 10.14 6.14
CA LEU B 320 -34.21 8.89 6.84
C LEU B 320 -35.46 8.24 7.41
N LYS B 321 -36.48 9.02 7.77
CA LYS B 321 -37.66 8.49 8.44
C LYS B 321 -38.91 8.63 7.59
N ALA B 322 -38.78 8.49 6.27
CA ALA B 322 -39.93 8.64 5.39
C ALA B 322 -40.99 7.58 5.64
N LYS B 323 -40.62 6.46 6.25
CA LYS B 323 -41.58 5.41 6.54
C LYS B 323 -42.25 5.58 7.90
N THR B 324 -41.82 6.55 8.71
CA THR B 324 -42.39 6.76 10.04
C THR B 324 -42.93 8.16 10.25
N ASP B 325 -42.35 9.17 9.62
CA ASP B 325 -42.76 10.56 9.79
C ASP B 325 -43.73 10.93 8.68
N LYS B 326 -44.86 11.54 9.05
CA LYS B 326 -45.83 11.98 8.05
C LYS B 326 -45.30 13.13 7.21
N ASN B 327 -44.54 14.04 7.83
CA ASN B 327 -44.03 15.18 7.08
C ASN B 327 -42.89 14.78 6.14
N GLU B 328 -42.18 13.70 6.47
CA GLU B 328 -41.16 13.20 5.55
C GLU B 328 -41.77 12.46 4.37
N LEU B 329 -42.90 11.76 4.60
CA LEU B 329 -43.59 11.10 3.49
C LEU B 329 -44.09 12.10 2.47
N GLU B 330 -44.61 13.24 2.93
CA GLU B 330 -45.05 14.30 2.04
C GLU B 330 -43.88 14.85 1.24
N LYS B 331 -42.74 15.09 1.88
CA LYS B 331 -41.59 15.65 1.17
C LYS B 331 -41.15 14.74 0.03
N LEU B 332 -41.17 13.42 0.24
CA LEU B 332 -40.78 12.50 -0.81
C LEU B 332 -41.74 12.56 -1.98
N GLU B 333 -43.05 12.63 -1.72
CA GLU B 333 -44.02 12.69 -2.80
C GLU B 333 -43.86 13.95 -3.63
N ASN B 334 -43.70 15.10 -2.98
CA ASN B 334 -43.52 16.35 -3.71
C ASN B 334 -42.21 16.35 -4.48
N TRP B 335 -41.21 15.62 -3.97
CA TRP B 335 -39.93 15.50 -4.67
C TRP B 335 -40.12 14.79 -6.01
N MET B 336 -40.78 13.63 -6.00
CA MET B 336 -40.91 12.86 -7.23
C MET B 336 -41.88 13.50 -8.21
N LYS B 337 -42.94 14.13 -7.71
CA LYS B 337 -43.91 14.77 -8.59
C LYS B 337 -43.33 16.00 -9.29
N SER B 338 -42.16 16.48 -8.87
CA SER B 338 -41.54 17.59 -9.57
C SER B 338 -41.14 17.20 -10.99
N TYR B 339 -40.69 15.97 -11.19
CA TYR B 339 -40.49 15.42 -12.52
C TYR B 339 -41.84 14.96 -13.05
N LYS B 340 -42.27 15.54 -14.16
CA LYS B 340 -43.58 15.23 -14.74
C LYS B 340 -43.46 13.98 -15.61
N PHE B 341 -43.27 12.85 -14.93
CA PHE B 341 -43.05 11.57 -15.61
C PHE B 341 -44.23 11.16 -16.48
N ASP B 342 -45.43 11.65 -16.18
CA ASP B 342 -46.60 11.29 -16.98
C ASP B 342 -46.57 11.93 -18.35
N GLU B 343 -45.73 12.94 -18.56
CA GLU B 343 -45.55 13.55 -19.88
C GLU B 343 -44.48 12.85 -20.70
N LEU B 344 -43.74 11.93 -20.11
CA LEU B 344 -42.68 11.21 -20.81
C LEU B 344 -42.94 9.72 -20.92
N PHE B 345 -43.78 9.17 -20.06
CA PHE B 345 -44.16 7.76 -20.09
C PHE B 345 -45.64 7.65 -20.43
N ASP B 346 -45.99 6.66 -21.25
CA ASP B 346 -47.37 6.43 -21.63
C ASP B 346 -47.94 5.36 -20.71
N TYR B 347 -48.89 5.77 -19.87
CA TYR B 347 -49.35 4.91 -18.78
C TYR B 347 -50.24 3.77 -19.29
N GLU B 348 -51.11 4.05 -20.27
CA GLU B 348 -52.02 3.02 -20.76
C GLU B 348 -51.27 1.92 -21.51
N ARG B 349 -50.39 2.29 -22.44
CA ARG B 349 -49.58 1.27 -23.10
C ARG B 349 -48.50 0.72 -22.19
N GLY B 350 -47.85 1.58 -21.42
CA GLY B 350 -46.80 1.14 -20.52
C GLY B 350 -45.41 1.27 -21.12
N GLU B 351 -45.21 2.29 -21.94
CA GLU B 351 -43.93 2.48 -22.62
C GLU B 351 -43.68 3.96 -22.78
N PHE B 352 -42.42 4.30 -23.10
CA PHE B 352 -42.05 5.68 -23.36
C PHE B 352 -42.73 6.18 -24.64
N LYS B 353 -42.87 7.49 -24.73
CA LYS B 353 -43.43 8.10 -25.93
C LYS B 353 -42.38 8.10 -27.05
N TRP B 354 -42.79 8.63 -28.20
CA TRP B 354 -41.94 8.59 -29.39
C TRP B 354 -40.70 9.48 -29.28
N TRP B 355 -40.67 10.40 -28.32
CA TRP B 355 -39.54 11.33 -28.22
C TRP B 355 -38.23 10.59 -27.99
N ILE B 356 -38.26 9.48 -27.26
CA ILE B 356 -37.01 8.80 -26.89
C ILE B 356 -36.36 8.17 -28.12
N ASN B 357 -37.15 7.66 -29.06
CA ASN B 357 -36.58 7.03 -30.24
C ASN B 357 -35.90 8.03 -31.15
N ASP B 358 -36.39 9.28 -31.17
CA ASP B 358 -35.71 10.34 -31.89
C ASP B 358 -34.37 10.68 -31.25
N PHE B 359 -34.30 10.64 -29.91
CA PHE B 359 -33.08 11.03 -29.22
C PHE B 359 -31.92 10.06 -29.50
N LEU B 360 -32.18 8.77 -29.49
CA LEU B 360 -31.16 7.75 -29.71
C LEU B 360 -31.60 6.79 -30.82
N PRO B 361 -31.56 7.25 -32.08
CA PRO B 361 -32.03 6.37 -33.17
C PRO B 361 -31.05 5.27 -33.53
N GLU B 362 -29.75 5.47 -33.32
CA GLU B 362 -28.77 4.46 -33.70
C GLU B 362 -28.55 3.47 -32.57
N ASN B 363 -28.55 2.18 -32.92
CA ASN B 363 -28.64 1.09 -31.95
C ASN B 363 -27.32 0.34 -31.78
N SER B 364 -26.57 0.14 -32.87
CA SER B 364 -25.33 -0.62 -32.77
C SER B 364 -24.30 0.10 -31.91
N SER B 365 -24.09 1.39 -32.16
CA SER B 365 -23.07 2.16 -31.46
C SER B 365 -23.68 3.00 -30.34
N ARG B 366 -24.20 2.32 -29.33
CA ARG B 366 -24.64 2.95 -28.10
C ARG B 366 -23.49 2.96 -27.10
N ILE B 367 -23.52 3.94 -26.20
CA ILE B 367 -22.38 4.21 -25.32
C ILE B 367 -22.06 3.00 -24.46
N GLY B 368 -23.08 2.32 -23.97
CA GLY B 368 -22.90 1.23 -23.04
C GLY B 368 -22.45 -0.09 -23.62
N ARG B 369 -22.33 -0.19 -24.95
CA ARG B 369 -21.91 -1.42 -25.61
C ARG B 369 -20.75 -1.12 -26.56
N ASN B 370 -19.76 -0.38 -26.07
CA ASN B 370 -18.62 0.01 -26.89
C ASN B 370 -17.81 -1.22 -27.31
N ARG B 371 -17.43 -1.24 -28.59
CA ARG B 371 -16.73 -2.40 -29.14
C ARG B 371 -15.29 -2.46 -28.68
N PHE B 372 -14.64 -1.29 -28.57
CA PHE B 372 -13.23 -1.28 -28.19
C PHE B 372 -13.04 -1.62 -26.72
N VAL B 373 -13.90 -1.09 -25.85
CA VAL B 373 -13.75 -1.34 -24.42
C VAL B 373 -14.08 -2.80 -24.10
N ASP B 374 -15.11 -3.34 -24.73
CA ASP B 374 -15.59 -4.67 -24.38
C ASP B 374 -14.62 -5.75 -24.86
N ALA B 375 -14.35 -6.72 -23.99
CA ALA B 375 -13.53 -7.86 -24.36
C ALA B 375 -14.38 -8.86 -25.14
N ASN B 376 -13.83 -10.06 -25.35
CA ASN B 376 -14.48 -11.13 -26.12
C ASN B 376 -14.57 -10.73 -27.59
N LEU B 377 -14.15 -9.52 -27.91
CA LEU B 377 -14.04 -9.03 -29.27
C LEU B 377 -12.62 -8.66 -29.65
N ASN B 378 -11.71 -8.57 -28.68
CA ASN B 378 -10.33 -8.22 -28.94
C ASN B 378 -9.34 -9.23 -28.37
N PHE B 379 -9.77 -10.11 -27.47
CA PHE B 379 -8.85 -11.07 -26.87
C PHE B 379 -8.37 -12.08 -27.90
N LYS B 380 -7.06 -12.29 -27.96
CA LYS B 380 -6.45 -13.26 -28.85
C LYS B 380 -5.41 -14.07 -28.09
N GLU B 381 -5.11 -15.25 -28.59
CA GLU B 381 -4.08 -16.08 -27.97
C GLU B 381 -2.71 -15.46 -28.18
N LEU B 382 -1.77 -15.83 -27.30
CA LEU B 382 -0.40 -15.37 -27.38
C LEU B 382 0.47 -16.51 -27.91
N LYS B 383 1.28 -16.21 -28.92
CA LYS B 383 2.15 -17.18 -29.54
C LYS B 383 3.52 -17.16 -28.88
N LEU B 384 3.97 -18.31 -28.39
CA LEU B 384 5.22 -18.38 -27.64
C LEU B 384 6.35 -18.88 -28.53
N PRO B 385 7.50 -18.24 -28.46
CA PRO B 385 8.68 -18.68 -29.23
C PRO B 385 9.26 -19.95 -28.60
N GLU B 386 10.18 -20.56 -29.34
CA GLU B 386 10.82 -21.79 -28.87
C GLU B 386 11.71 -21.51 -27.66
N ILE B 387 11.87 -22.53 -26.83
CA ILE B 387 12.62 -22.43 -25.59
C ILE B 387 14.04 -22.95 -25.81
N THR B 388 15.02 -22.12 -25.48
CA THR B 388 16.44 -22.46 -25.62
C THR B 388 17.11 -22.48 -24.25
N GLU B 389 18.12 -23.34 -24.10
CA GLU B 389 18.83 -23.47 -22.85
C GLU B 389 19.77 -22.29 -22.63
N GLY B 390 20.48 -22.33 -21.51
CA GLY B 390 21.47 -21.32 -21.17
C GLY B 390 22.88 -21.88 -21.28
N PHE B 391 23.81 -21.02 -21.67
CA PHE B 391 25.19 -21.42 -21.90
C PHE B 391 26.12 -20.64 -20.99
N GLY B 392 27.18 -21.31 -20.56
CA GLY B 392 28.12 -20.77 -19.59
C GLY B 392 28.21 -21.64 -18.35
N GLU B 393 29.16 -21.29 -17.48
CA GLU B 393 29.30 -22.02 -16.23
C GLU B 393 28.45 -21.43 -15.12
N LYS B 394 28.18 -20.13 -15.17
CA LYS B 394 27.35 -19.45 -14.19
C LYS B 394 25.98 -19.14 -14.78
N SER B 395 24.93 -19.42 -14.01
CA SER B 395 23.57 -19.21 -14.44
C SER B 395 23.10 -17.81 -14.06
N LEU B 396 22.64 -17.05 -15.05
CA LEU B 396 22.11 -15.71 -14.85
C LEU B 396 20.61 -15.75 -15.17
N ALA B 397 19.79 -15.79 -14.12
CA ALA B 397 18.35 -15.98 -14.31
C ALA B 397 17.71 -14.82 -15.04
N MET B 398 18.05 -13.59 -14.66
CA MET B 398 17.38 -12.42 -15.24
C MET B 398 17.75 -12.24 -16.71
N ASN B 399 18.98 -12.59 -17.08
CA ASN B 399 19.38 -12.47 -18.48
C ASN B 399 18.62 -13.45 -19.35
N ALA B 400 18.40 -14.67 -18.86
CA ALA B 400 17.66 -15.66 -19.63
C ALA B 400 16.21 -15.24 -19.83
N VAL B 401 15.58 -14.68 -18.80
CA VAL B 401 14.19 -14.22 -18.92
C VAL B 401 14.11 -13.03 -19.86
N GLY B 402 15.09 -12.11 -19.78
CA GLY B 402 15.07 -10.96 -20.66
C GLY B 402 15.22 -11.32 -22.13
N SER B 403 16.00 -12.37 -22.42
CA SER B 403 16.16 -12.79 -23.80
C SER B 403 14.89 -13.43 -24.35
N LEU B 404 14.21 -14.24 -23.53
CA LEU B 404 12.96 -14.85 -23.97
C LEU B 404 11.89 -13.79 -24.23
N LEU B 405 11.81 -12.77 -23.37
CA LEU B 405 10.81 -11.72 -23.54
C LEU B 405 11.08 -10.89 -24.78
N GLU B 406 12.33 -10.88 -25.26
CA GLU B 406 12.65 -10.13 -26.48
C GLU B 406 11.97 -10.76 -27.70
N LYS B 407 11.97 -12.09 -27.79
CA LYS B 407 11.32 -12.76 -28.90
C LYS B 407 9.81 -12.62 -28.83
N VAL B 408 9.24 -12.61 -27.62
CA VAL B 408 7.81 -12.44 -27.46
C VAL B 408 7.37 -11.09 -28.02
N PHE B 409 8.19 -10.06 -27.84
CA PHE B 409 7.88 -8.74 -28.38
C PHE B 409 7.78 -8.78 -29.90
N GLU B 410 8.62 -9.60 -30.55
CA GLU B 410 8.64 -9.65 -32.01
C GLU B 410 7.45 -10.42 -32.57
N LYS B 411 7.08 -11.53 -31.92
CA LYS B 411 6.02 -12.40 -32.43
C LYS B 411 4.62 -11.85 -32.20
N ASN B 412 4.44 -10.94 -31.24
CA ASN B 412 3.13 -10.38 -30.91
C ASN B 412 3.26 -8.86 -30.91
N PRO B 413 3.28 -8.23 -32.08
CA PRO B 413 3.54 -6.78 -32.16
C PRO B 413 2.33 -5.91 -31.88
N ASP B 414 1.25 -6.44 -31.32
CA ASP B 414 0.06 -5.63 -31.13
C ASP B 414 -0.59 -5.75 -29.76
N ASN B 415 -0.33 -6.80 -28.98
CA ASN B 415 -1.03 -7.01 -27.72
C ASN B 415 -0.06 -7.45 -26.62
N PHE B 416 1.13 -6.86 -26.58
CA PHE B 416 2.07 -7.10 -25.49
C PHE B 416 2.75 -5.79 -25.11
N ARG B 417 2.97 -5.62 -23.81
CA ARG B 417 3.57 -4.39 -23.29
C ARG B 417 4.27 -4.70 -21.98
N PHE B 418 5.20 -3.82 -21.60
CA PHE B 418 6.07 -4.01 -20.44
C PHE B 418 6.07 -2.75 -19.60
N PHE B 419 5.97 -2.91 -18.28
CA PHE B 419 5.90 -1.78 -17.36
C PHE B 419 6.90 -1.98 -16.23
N SER B 420 7.65 -0.92 -15.91
CA SER B 420 8.70 -0.96 -14.88
C SER B 420 8.98 0.44 -14.35
N PRO B 421 9.27 0.59 -13.05
CA PRO B 421 9.59 1.91 -12.49
C PRO B 421 11.07 2.27 -12.59
N ASP B 422 11.54 2.42 -13.84
CA ASP B 422 12.93 2.78 -14.13
C ASP B 422 13.91 1.80 -13.48
N GLU B 423 13.65 0.51 -13.69
CA GLU B 423 14.47 -0.53 -13.07
C GLU B 423 14.86 -1.64 -14.04
N THR B 424 14.62 -1.47 -15.34
CA THR B 424 14.93 -2.55 -16.28
C THR B 424 16.43 -2.72 -16.46
N TYR B 425 17.19 -1.62 -16.41
CA TYR B 425 18.64 -1.70 -16.46
C TYR B 425 19.20 -2.33 -15.19
N SER B 426 18.70 -1.89 -14.04
CA SER B 426 19.20 -2.41 -12.77
C SER B 426 18.83 -3.87 -12.57
N ASN B 427 17.72 -4.31 -13.15
CA ASN B 427 17.26 -5.69 -13.02
C ASN B 427 17.82 -6.61 -14.08
N LYS B 428 18.70 -6.11 -14.95
CA LYS B 428 19.33 -6.90 -16.01
C LYS B 428 18.29 -7.48 -16.97
N LEU B 429 17.35 -6.62 -17.38
CA LEU B 429 16.31 -6.99 -18.33
C LEU B 429 16.31 -6.05 -19.52
N ASP B 430 17.46 -5.50 -19.87
CA ASP B 430 17.57 -4.56 -20.97
C ASP B 430 17.75 -5.22 -22.32
N ALA B 431 17.79 -6.56 -22.37
CA ALA B 431 17.84 -7.26 -23.65
C ALA B 431 16.56 -7.07 -24.45
N ILE B 432 15.48 -6.62 -23.82
CA ILE B 432 14.20 -6.40 -24.50
C ILE B 432 14.28 -5.12 -25.31
N PHE B 433 15.37 -4.36 -25.16
CA PHE B 433 15.52 -3.09 -25.84
C PHE B 433 16.06 -3.23 -27.26
N GLU B 434 16.38 -4.45 -27.69
CA GLU B 434 16.71 -4.68 -29.09
C GLU B 434 15.48 -4.66 -29.99
N ALA B 435 14.28 -4.78 -29.41
CA ALA B 435 13.04 -4.81 -30.18
C ALA B 435 12.20 -3.56 -30.06
N THR B 436 12.30 -2.82 -28.95
CA THR B 436 11.47 -1.64 -28.75
C THR B 436 12.19 -0.68 -27.81
N SER B 437 11.61 0.51 -27.66
CA SER B 437 12.15 1.58 -26.85
C SER B 437 11.16 1.94 -25.74
N ARG B 438 11.45 3.02 -25.03
CA ARG B 438 10.61 3.54 -23.97
C ARG B 438 9.82 4.73 -24.48
N SER B 439 8.51 4.73 -24.22
CA SER B 439 7.64 5.77 -24.75
C SER B 439 7.94 7.11 -24.11
N TRP B 440 8.05 8.14 -24.95
CA TRP B 440 8.42 9.48 -24.48
C TRP B 440 7.97 10.49 -25.53
N GLN B 441 7.18 11.47 -25.09
CA GLN B 441 6.59 12.45 -26.00
C GLN B 441 7.25 13.82 -25.92
N ARG B 442 8.32 13.96 -25.16
CA ARG B 442 9.01 15.22 -25.00
C ARG B 442 10.34 15.18 -25.75
N GLU B 443 11.14 16.24 -25.58
CA GLU B 443 12.39 16.36 -26.31
C GLU B 443 13.38 15.27 -25.90
N ILE B 444 14.19 14.82 -26.85
CA ILE B 444 15.18 13.78 -26.64
C ILE B 444 16.56 14.36 -26.93
N LYS B 445 17.52 14.16 -25.99
CA LYS B 445 18.88 14.65 -26.06
C LYS B 445 19.78 13.69 -26.84
N PRO B 446 20.83 14.20 -27.48
CA PRO B 446 21.72 13.31 -28.26
C PRO B 446 22.36 12.20 -27.45
N TRP B 447 22.68 12.45 -26.18
CA TRP B 447 23.34 11.45 -25.35
C TRP B 447 22.37 10.49 -24.68
N GLU B 448 21.07 10.70 -24.84
CA GLU B 448 20.07 9.79 -24.30
C GLU B 448 19.73 8.72 -25.32
N LYS B 449 19.45 7.51 -24.83
CA LYS B 449 19.19 6.37 -25.69
C LYS B 449 17.96 5.61 -25.21
N ASP B 450 17.36 4.85 -26.13
CA ASP B 450 16.19 4.02 -25.87
C ASP B 450 14.96 4.85 -25.51
N LEU B 451 14.73 5.93 -26.27
CA LEU B 451 13.53 6.74 -26.14
C LEU B 451 12.89 6.89 -27.51
N ALA B 452 11.58 6.64 -27.58
CA ALA B 452 10.85 6.76 -28.85
C ALA B 452 9.41 7.13 -28.56
N LYS B 453 8.76 7.73 -29.56
CA LYS B 453 7.36 8.10 -29.42
C LYS B 453 6.45 6.87 -29.37
N ASN B 454 6.80 5.81 -30.09
CA ASN B 454 5.98 4.62 -30.18
C ASN B 454 6.53 3.46 -29.35
N GLY B 455 7.27 3.77 -28.28
CA GLY B 455 7.81 2.72 -27.45
C GLY B 455 6.72 1.91 -26.77
N ARG B 456 6.98 0.61 -26.62
CA ARG B 456 6.04 -0.30 -25.99
C ARG B 456 6.41 -0.63 -24.55
N VAL B 457 7.35 0.12 -23.98
CA VAL B 457 7.68 0.01 -22.56
C VAL B 457 7.46 1.39 -21.93
N THR B 458 6.68 1.43 -20.86
CA THR B 458 6.36 2.67 -20.16
C THR B 458 7.00 2.63 -18.78
N GLU B 459 7.71 3.70 -18.43
CA GLU B 459 8.45 3.77 -17.18
C GLU B 459 8.10 5.06 -16.44
N ILE B 460 7.74 4.92 -15.17
CA ILE B 460 7.50 6.06 -14.29
C ILE B 460 7.67 5.58 -12.87
N LEU B 461 8.09 6.48 -11.99
CA LEU B 461 8.43 6.08 -10.62
C LEU B 461 7.22 5.79 -9.76
N SER B 462 6.01 6.09 -10.24
CA SER B 462 4.79 5.85 -9.47
C SER B 462 4.37 4.39 -9.65
N GLU B 463 4.48 3.61 -8.58
CA GLU B 463 4.07 2.21 -8.64
C GLU B 463 2.56 2.08 -8.79
N ASN B 464 1.79 3.08 -8.36
CA ASN B 464 0.35 3.02 -8.50
C ASN B 464 -0.08 3.28 -9.94
N CYS B 465 0.59 4.22 -10.62
CA CYS B 465 0.26 4.50 -12.01
C CYS B 465 0.58 3.31 -12.90
N LEU B 466 1.71 2.64 -12.65
CA LEU B 466 2.07 1.47 -13.45
C LEU B 466 1.05 0.35 -13.27
N GLN B 467 0.59 0.13 -12.04
CA GLN B 467 -0.43 -0.90 -11.81
C GLN B 467 -1.74 -0.53 -12.48
N GLY B 468 -2.09 0.75 -12.52
CA GLY B 468 -3.32 1.16 -13.18
C GLY B 468 -3.28 0.92 -14.68
N LEU B 469 -2.15 1.24 -15.31
CA LEU B 469 -2.02 1.02 -16.75
C LEU B 469 -2.09 -0.47 -17.08
N LEU B 470 -1.45 -1.31 -16.27
CA LEU B 470 -1.41 -2.74 -16.55
C LEU B 470 -2.80 -3.36 -16.47
N GLN B 471 -3.58 -3.00 -15.46
CA GLN B 471 -4.90 -3.61 -15.31
C GLN B 471 -5.90 -3.05 -16.32
N GLY B 472 -5.70 -1.80 -16.76
CA GLY B 472 -6.51 -1.28 -17.85
C GLY B 472 -6.26 -2.02 -19.15
N TYR B 473 -5.01 -2.43 -19.38
CA TYR B 473 -4.67 -3.18 -20.59
C TYR B 473 -5.25 -4.59 -20.56
N ILE B 474 -5.13 -5.27 -19.42
CA ILE B 474 -5.55 -6.67 -19.35
C ILE B 474 -7.06 -6.78 -19.41
N LEU B 475 -7.78 -5.85 -18.78
CA LEU B 475 -9.24 -5.91 -18.75
C LEU B 475 -9.88 -5.63 -20.10
N THR B 476 -9.15 -5.00 -21.03
CA THR B 476 -9.63 -4.78 -22.38
C THR B 476 -9.36 -5.98 -23.29
N GLY B 477 -8.49 -6.89 -22.85
CA GLY B 477 -8.23 -8.11 -23.58
C GLY B 477 -6.82 -8.28 -24.10
N ARG B 478 -5.82 -7.70 -23.42
CA ARG B 478 -4.45 -7.74 -23.90
C ARG B 478 -3.51 -8.36 -22.87
N TYR B 479 -2.21 -8.32 -23.12
CA TYR B 479 -1.21 -8.94 -22.26
C TYR B 479 -0.21 -7.90 -21.77
N GLY B 480 0.41 -8.20 -20.63
CA GLY B 480 1.40 -7.30 -20.07
C GLY B 480 2.09 -7.93 -18.87
N VAL B 481 3.27 -7.40 -18.56
CA VAL B 481 4.08 -7.86 -17.44
C VAL B 481 4.62 -6.64 -16.70
N LEU B 482 4.65 -6.74 -15.37
CA LEU B 482 5.18 -5.68 -14.52
C LEU B 482 6.31 -6.23 -13.67
N THR B 483 7.38 -5.45 -13.54
CA THR B 483 8.53 -5.83 -12.74
C THR B 483 8.97 -4.65 -11.89
N SER B 484 9.59 -4.95 -10.75
CA SER B 484 10.04 -3.92 -9.81
C SER B 484 10.93 -4.58 -8.76
N TYR B 485 11.46 -3.75 -7.86
CA TYR B 485 12.17 -4.27 -6.70
C TYR B 485 11.20 -4.99 -5.78
N GLU B 486 11.64 -6.10 -5.21
CA GLU B 486 10.74 -6.89 -4.37
C GLU B 486 10.31 -6.14 -3.12
N ALA B 487 11.23 -5.40 -2.49
CA ALA B 487 10.92 -4.76 -1.23
C ALA B 487 9.88 -3.66 -1.38
N PHE B 488 9.78 -3.06 -2.56
CA PHE B 488 8.85 -1.95 -2.79
C PHE B 488 7.58 -2.39 -3.50
N ALA B 489 7.39 -3.69 -3.70
CA ALA B 489 6.11 -4.18 -4.20
C ALA B 489 4.93 -3.90 -3.28
N PRO B 490 5.02 -4.03 -1.95
CA PRO B 490 3.83 -3.84 -1.10
C PRO B 490 3.19 -2.46 -1.20
N VAL B 491 3.74 -1.53 -1.98
CA VAL B 491 3.12 -0.23 -2.17
C VAL B 491 1.75 -0.34 -2.83
N ILE B 492 1.53 -1.39 -3.63
CA ILE B 492 0.30 -1.53 -4.40
C ILE B 492 -0.49 -2.75 -3.93
N SER B 493 -0.39 -3.08 -2.65
CA SER B 493 -1.10 -4.25 -2.12
C SER B 493 -2.61 -4.07 -2.21
N SER B 494 -3.11 -2.88 -1.89
CA SER B 494 -4.55 -2.65 -1.92
C SER B 494 -5.10 -2.70 -3.35
N MET B 495 -4.35 -2.16 -4.31
CA MET B 495 -4.81 -2.14 -5.69
C MET B 495 -4.93 -3.55 -6.25
N MET B 496 -3.99 -4.43 -5.91
CA MET B 496 -4.08 -5.83 -6.33
C MET B 496 -5.28 -6.51 -5.69
N ASP B 497 -5.60 -6.15 -4.44
CA ASP B 497 -6.73 -6.76 -3.76
C ASP B 497 -8.05 -6.38 -4.42
N GLN B 498 -8.18 -5.13 -4.85
CA GLN B 498 -9.40 -4.70 -5.54
C GLN B 498 -9.56 -5.44 -6.86
N TYR B 499 -8.47 -5.63 -7.59
CA TYR B 499 -8.52 -6.41 -8.83
C TYR B 499 -8.90 -7.86 -8.56
N ALA B 500 -8.41 -8.42 -7.44
CA ALA B 500 -8.71 -9.82 -7.13
C ALA B 500 -10.20 -10.01 -6.80
N LYS B 501 -10.86 -8.97 -6.31
CA LYS B 501 -12.30 -9.07 -6.06
C LYS B 501 -13.08 -9.03 -7.37
N PHE B 502 -12.57 -8.33 -8.37
CA PHE B 502 -13.19 -8.33 -9.69
C PHE B 502 -13.16 -9.72 -10.31
N LEU B 503 -12.03 -10.42 -10.19
CA LEU B 503 -11.91 -11.74 -10.80
C LEU B 503 -12.87 -12.74 -10.18
N ALA B 504 -12.99 -12.75 -8.85
CA ALA B 504 -13.84 -13.74 -8.19
C ALA B 504 -15.31 -13.55 -8.55
N GLN B 505 -15.77 -12.30 -8.56
CA GLN B 505 -17.16 -12.03 -8.93
C GLN B 505 -17.43 -12.36 -10.38
N SER B 506 -16.46 -12.07 -11.27
CA SER B 506 -16.66 -12.30 -12.69
C SER B 506 -16.79 -13.77 -13.03
N LYS B 507 -16.39 -14.67 -12.12
CA LYS B 507 -16.55 -16.10 -12.37
C LYS B 507 -18.01 -16.53 -12.36
N GLU B 508 -18.88 -15.73 -11.75
CA GLU B 508 -20.31 -16.05 -11.67
C GLU B 508 -21.11 -15.44 -12.81
N VAL B 509 -20.46 -14.73 -13.73
CA VAL B 509 -21.13 -14.08 -14.84
C VAL B 509 -20.92 -14.92 -16.09
N LYS B 510 -22.03 -15.35 -16.70
CA LYS B 510 -21.96 -16.31 -17.81
C LYS B 510 -21.62 -15.66 -19.14
N TRP B 511 -21.68 -14.33 -19.26
CA TRP B 511 -21.39 -13.65 -20.51
C TRP B 511 -20.10 -12.84 -20.45
N ARG B 512 -19.22 -13.13 -19.50
CA ARG B 512 -18.00 -12.34 -19.35
C ARG B 512 -16.90 -12.83 -20.28
N GLY B 513 -16.49 -14.09 -20.14
CA GLY B 513 -15.47 -14.62 -21.02
C GLY B 513 -14.14 -14.92 -20.37
N ASP B 514 -13.04 -14.63 -21.08
CA ASP B 514 -11.70 -14.98 -20.64
C ASP B 514 -10.79 -13.76 -20.69
N LEU B 515 -9.79 -13.75 -19.82
CA LEU B 515 -8.80 -12.67 -19.77
C LEU B 515 -7.43 -13.27 -19.49
N ALA B 516 -6.40 -12.50 -19.85
CA ALA B 516 -5.03 -12.87 -19.51
C ALA B 516 -4.76 -12.63 -18.03
N SER B 517 -3.81 -13.37 -17.47
CA SER B 517 -3.53 -13.26 -16.05
C SER B 517 -2.59 -12.10 -15.76
N LEU B 518 -2.55 -11.69 -14.50
CA LEU B 518 -1.70 -10.61 -14.03
C LEU B 518 -0.35 -11.18 -13.59
N ASN B 519 0.72 -10.74 -14.25
CA ASN B 519 2.04 -11.33 -14.08
C ASN B 519 3.01 -10.33 -13.50
N TYR B 520 3.75 -10.76 -12.48
CA TYR B 520 4.75 -9.94 -11.81
C TYR B 520 6.10 -10.64 -11.80
N ILE B 521 7.16 -9.87 -12.06
CA ILE B 521 8.53 -10.34 -11.97
C ILE B 521 9.23 -9.52 -10.90
N LEU B 522 9.61 -10.15 -9.79
CA LEU B 522 10.27 -9.48 -8.68
C LEU B 522 11.68 -10.01 -8.56
N THR B 523 12.66 -9.09 -8.55
CA THR B 523 14.06 -9.46 -8.43
C THR B 523 14.77 -8.42 -7.58
N SER B 524 16.10 -8.55 -7.51
CA SER B 524 16.95 -7.70 -6.65
C SER B 524 16.48 -7.78 -5.20
N THR B 525 16.38 -9.02 -4.69
CA THR B 525 15.85 -9.26 -3.36
C THR B 525 16.81 -8.71 -2.29
N GLY B 526 16.36 -8.81 -1.04
CA GLY B 526 17.12 -8.27 0.07
C GLY B 526 18.32 -9.09 0.48
N TRP B 527 18.50 -10.28 -0.08
CA TRP B 527 19.65 -11.10 0.26
C TRP B 527 20.92 -10.60 -0.42
N ARG B 528 20.81 -9.80 -1.48
CA ARG B 528 21.96 -9.34 -2.24
C ARG B 528 21.84 -7.86 -2.58
N GLN B 529 21.43 -7.05 -1.60
CA GLN B 529 21.39 -5.60 -1.78
C GLN B 529 22.75 -5.05 -1.35
N ASP B 530 23.58 -4.71 -2.32
CA ASP B 530 24.95 -4.29 -2.05
C ASP B 530 25.09 -2.79 -1.87
N HIS B 531 24.52 -2.00 -2.78
CA HIS B 531 24.59 -0.56 -2.68
C HIS B 531 23.58 0.03 -1.71
N ASN B 532 22.67 -0.78 -1.18
CA ASN B 532 21.68 -0.36 -0.21
C ASN B 532 21.75 -1.29 1.01
N GLY B 533 20.87 -1.03 1.98
CA GLY B 533 20.94 -1.76 3.23
C GLY B 533 19.62 -2.29 3.76
N PHE B 534 19.31 -1.94 5.00
CA PHE B 534 18.14 -2.50 5.69
C PHE B 534 16.84 -2.04 5.04
N ASN B 535 16.84 -0.86 4.43
CA ASN B 535 15.61 -0.30 3.88
C ASN B 535 15.08 -1.06 2.68
N HIS B 536 15.85 -1.97 2.11
CA HIS B 536 15.50 -2.66 0.88
C HIS B 536 15.35 -4.17 1.08
N GLN B 537 14.77 -4.57 2.20
CA GLN B 537 14.57 -5.99 2.51
C GLN B 537 13.19 -6.16 3.14
N ASN B 538 12.20 -6.53 2.33
CA ASN B 538 10.82 -6.66 2.79
C ASN B 538 10.03 -7.61 1.90
N PRO B 539 10.06 -8.92 2.16
CA PRO B 539 9.35 -9.90 1.34
C PRO B 539 7.92 -10.17 1.78
N SER B 540 7.11 -9.12 1.85
CA SER B 540 5.73 -9.25 2.34
C SER B 540 4.68 -9.30 1.24
N PHE B 541 5.03 -8.89 0.01
CA PHE B 541 4.03 -8.85 -1.06
C PHE B 541 3.54 -10.25 -1.42
N ILE B 542 4.45 -11.23 -1.47
CA ILE B 542 4.04 -12.58 -1.85
C ILE B 542 3.11 -13.19 -0.81
N ASP B 543 3.19 -12.74 0.44
CA ASP B 543 2.24 -13.20 1.45
C ASP B 543 0.86 -12.65 1.19
N GLU B 544 0.77 -11.40 0.73
CA GLU B 544 -0.53 -10.80 0.44
C GLU B 544 -1.23 -11.50 -0.71
N VAL B 545 -0.46 -11.91 -1.73
CA VAL B 545 -1.06 -12.56 -2.90
C VAL B 545 -1.61 -13.93 -2.52
N LEU B 546 -0.96 -14.64 -1.62
CA LEU B 546 -1.37 -15.99 -1.24
C LEU B 546 -2.63 -16.02 -0.38
N ARG B 547 -3.14 -14.88 0.06
CA ARG B 547 -4.25 -14.84 0.99
C ARG B 547 -5.61 -14.80 0.29
N ARG B 548 -5.66 -14.64 -1.03
CA ARG B 548 -6.92 -14.73 -1.74
C ARG B 548 -7.41 -16.18 -1.76
N GLU B 549 -8.72 -16.36 -1.59
CA GLU B 549 -9.24 -17.71 -1.36
C GLU B 549 -10.31 -18.11 -2.35
N ASN B 550 -10.12 -17.78 -3.63
CA ASN B 550 -11.04 -18.19 -4.68
C ASN B 550 -10.27 -18.77 -5.87
N GLY B 551 -9.27 -19.59 -5.57
CA GLY B 551 -8.42 -20.14 -6.62
C GLY B 551 -7.58 -19.10 -7.33
N ILE B 552 -7.09 -18.10 -6.59
CA ILE B 552 -6.30 -17.00 -7.14
C ILE B 552 -5.03 -16.85 -6.32
N GLY B 553 -3.89 -16.72 -7.00
CA GLY B 553 -2.64 -16.47 -6.33
C GLY B 553 -1.63 -17.60 -6.46
N GLN B 554 -0.60 -17.41 -7.27
CA GLN B 554 0.43 -18.40 -7.49
C GLN B 554 1.80 -17.76 -7.42
N ILE B 555 2.76 -18.45 -6.80
CA ILE B 555 4.11 -17.96 -6.62
C ILE B 555 5.09 -18.97 -7.23
N PHE B 556 6.04 -18.47 -8.01
CA PHE B 556 7.08 -19.29 -8.63
C PHE B 556 8.44 -18.94 -8.03
N LEU B 557 9.20 -19.96 -7.64
CA LEU B 557 10.51 -19.79 -6.98
C LEU B 557 11.55 -20.60 -7.72
N PRO B 558 12.07 -20.08 -8.84
CA PRO B 558 13.00 -20.86 -9.65
C PRO B 558 14.34 -21.07 -8.97
N ALA B 559 15.04 -22.13 -9.38
CA ALA B 559 16.35 -22.46 -8.85
C ALA B 559 17.50 -21.92 -9.69
N ASP B 560 17.34 -21.84 -11.00
CA ASP B 560 18.38 -21.32 -11.89
C ASP B 560 17.72 -20.74 -13.12
N ASP B 561 18.53 -20.44 -14.15
CA ASP B 561 18.00 -19.80 -15.35
C ASP B 561 17.15 -20.76 -16.17
N ASN B 562 17.49 -22.05 -16.17
CA ASN B 562 16.67 -23.03 -16.87
C ASN B 562 15.27 -23.11 -16.28
N SER B 563 15.17 -23.10 -14.94
CA SER B 563 13.87 -23.13 -14.30
C SER B 563 13.11 -21.83 -14.52
N ALA B 564 13.84 -20.72 -14.71
CA ALA B 564 13.20 -19.42 -14.82
C ALA B 564 12.45 -19.27 -16.14
N VAL B 565 13.06 -19.70 -17.24
CA VAL B 565 12.47 -19.47 -18.56
C VAL B 565 11.20 -20.28 -18.75
N ALA B 566 11.15 -21.50 -18.22
CA ALA B 566 9.93 -22.28 -18.35
C ALA B 566 8.88 -21.85 -17.34
N ALA B 567 9.30 -21.14 -16.28
CA ALA B 567 8.33 -20.56 -15.36
C ALA B 567 7.59 -19.40 -16.00
N ILE B 568 8.33 -18.48 -16.64
CA ILE B 568 7.70 -17.35 -17.29
C ILE B 568 6.88 -17.81 -18.50
N SER B 569 7.30 -18.91 -19.13
CA SER B 569 6.52 -19.47 -20.23
C SER B 569 5.18 -20.00 -19.73
N LYS B 570 5.17 -20.65 -18.56
CA LYS B 570 3.93 -21.16 -18.00
C LYS B 570 3.01 -20.02 -17.56
N MET B 571 3.59 -18.96 -17.00
CA MET B 571 2.79 -17.81 -16.58
C MET B 571 2.07 -17.17 -17.76
N LEU B 572 2.74 -17.08 -18.90
CA LEU B 572 2.15 -16.45 -20.08
C LEU B 572 1.03 -17.28 -20.68
N LYS B 573 0.86 -18.53 -20.26
CA LYS B 573 -0.17 -19.41 -20.79
C LYS B 573 -1.37 -19.57 -19.86
N THR B 574 -1.31 -19.01 -18.66
CA THR B 574 -2.39 -19.14 -17.70
C THR B 574 -3.36 -17.96 -17.84
N ARG B 575 -4.63 -18.22 -17.55
CA ARG B 575 -5.70 -17.25 -17.75
C ARG B 575 -6.48 -17.05 -16.47
N ASN B 576 -6.90 -15.80 -16.22
CA ASN B 576 -7.78 -15.44 -15.11
C ASN B 576 -7.16 -15.79 -13.76
N ASN B 577 -5.98 -15.21 -13.50
CA ASN B 577 -5.28 -15.46 -12.24
C ASN B 577 -4.28 -14.33 -12.00
N ILE B 578 -3.50 -14.47 -10.93
CA ILE B 578 -2.44 -13.54 -10.57
C ILE B 578 -1.19 -14.34 -10.25
N ASN B 579 -0.07 -13.97 -10.87
CA ASN B 579 1.18 -14.73 -10.76
C ASN B 579 2.33 -13.82 -10.38
N VAL B 580 3.27 -14.35 -9.61
CA VAL B 580 4.46 -13.63 -9.16
C VAL B 580 5.68 -14.52 -9.35
N LEU B 581 6.75 -13.94 -9.90
CA LEU B 581 8.02 -14.63 -10.08
C LEU B 581 9.11 -13.90 -9.29
N VAL B 582 9.84 -14.65 -8.47
CA VAL B 582 10.90 -14.10 -7.64
C VAL B 582 12.19 -14.87 -7.88
N ALA B 583 13.25 -14.16 -8.29
CA ALA B 583 14.55 -14.78 -8.51
C ALA B 583 15.62 -13.70 -8.48
N GLY B 584 16.87 -14.12 -8.26
CA GLY B 584 17.98 -13.21 -8.20
C GLY B 584 18.53 -12.83 -9.57
N LYS B 585 19.52 -11.93 -9.55
CA LYS B 585 20.14 -11.43 -10.78
C LYS B 585 21.65 -11.56 -10.77
N THR B 586 22.22 -12.28 -9.81
CA THR B 586 23.66 -12.44 -9.67
C THR B 586 24.09 -13.81 -10.18
N PRO B 587 25.33 -13.97 -10.61
CA PRO B 587 25.81 -15.28 -11.08
C PRO B 587 25.65 -16.34 -10.00
N GLU B 588 25.09 -17.48 -10.37
CA GLU B 588 24.72 -18.51 -9.42
C GLU B 588 25.00 -19.88 -10.02
N PRO B 589 25.22 -20.91 -9.21
CA PRO B 589 25.37 -22.26 -9.75
C PRO B 589 24.11 -22.74 -10.47
N ARG B 590 24.31 -23.64 -11.42
CA ARG B 590 23.23 -24.26 -12.18
C ARG B 590 23.13 -25.72 -11.79
N TYR B 591 21.93 -26.17 -11.44
CA TYR B 591 21.71 -27.51 -10.94
C TYR B 591 20.95 -28.43 -11.88
N PHE B 592 19.99 -27.91 -12.63
CA PHE B 592 19.05 -28.73 -13.39
C PHE B 592 19.18 -28.44 -14.88
N SER B 593 18.92 -29.47 -15.68
CA SER B 593 18.87 -29.33 -17.13
C SER B 593 17.46 -28.99 -17.57
N LEU B 594 17.36 -28.10 -18.56
CA LEU B 594 16.04 -27.69 -19.05
C LEU B 594 15.40 -28.75 -19.94
N GLU B 595 16.21 -29.58 -20.60
CA GLU B 595 15.71 -30.46 -21.66
C GLU B 595 14.52 -31.30 -21.19
N SER B 596 14.73 -32.11 -20.17
CA SER B 596 13.64 -32.95 -19.68
C SER B 596 13.42 -32.82 -18.18
N ALA B 597 14.50 -32.64 -17.40
CA ALA B 597 14.38 -32.70 -15.95
C ALA B 597 13.51 -31.57 -15.40
N GLN B 598 13.81 -30.33 -15.81
CA GLN B 598 13.22 -29.20 -15.11
C GLN B 598 11.76 -29.00 -15.51
N LYS B 599 11.44 -29.22 -16.79
CA LYS B 599 10.05 -29.13 -17.23
C LYS B 599 9.19 -30.22 -16.61
N GLN B 600 9.76 -31.41 -16.45
CA GLN B 600 9.03 -32.48 -15.76
C GLN B 600 8.73 -32.10 -14.31
N LEU B 601 9.59 -31.28 -13.70
CA LEU B 601 9.36 -30.84 -12.34
C LEU B 601 8.10 -29.99 -12.24
N GLU B 602 7.81 -29.20 -13.28
CA GLU B 602 6.68 -28.28 -13.26
C GLU B 602 5.34 -28.99 -13.12
N ASN B 603 5.28 -30.29 -13.39
CA ASN B 603 4.09 -31.09 -13.14
C ASN B 603 4.15 -31.55 -11.68
N GLY B 604 3.89 -30.61 -10.77
CA GLY B 604 4.01 -30.82 -9.34
C GLY B 604 4.88 -29.78 -8.66
N GLY B 605 5.92 -29.31 -9.33
CA GLY B 605 6.79 -28.27 -8.79
C GLY B 605 7.62 -28.69 -7.60
N ILE B 606 8.20 -29.88 -7.62
CA ILE B 606 9.02 -30.36 -6.51
C ILE B 606 10.03 -31.38 -7.03
N PHE B 607 11.27 -31.26 -6.56
CA PHE B 607 12.35 -32.18 -6.90
C PHE B 607 12.82 -32.89 -5.65
N VAL B 608 13.06 -34.19 -5.75
CA VAL B 608 13.47 -35.02 -4.63
C VAL B 608 14.72 -35.79 -5.01
N PHE B 609 15.73 -35.76 -4.13
CA PHE B 609 16.98 -36.47 -4.35
C PHE B 609 17.31 -37.31 -3.14
N ASP B 610 17.65 -38.58 -3.37
CA ASP B 610 17.99 -39.52 -2.30
C ASP B 610 19.51 -39.68 -2.29
N SER B 611 20.17 -39.01 -1.36
CA SER B 611 21.62 -38.82 -1.44
C SER B 611 22.41 -40.09 -1.19
N TRP B 612 21.94 -40.96 -0.29
CA TRP B 612 22.74 -42.14 0.06
C TRP B 612 22.75 -43.19 -1.05
N LYS B 613 21.94 -43.03 -2.08
CA LYS B 613 21.97 -43.94 -3.23
C LYS B 613 22.13 -43.22 -4.56
N ASN B 614 22.27 -41.89 -4.56
CA ASN B 614 22.44 -41.11 -5.78
C ASN B 614 21.28 -41.33 -6.74
N GLN B 615 20.06 -41.41 -6.19
CA GLN B 615 18.87 -41.70 -6.96
C GLN B 615 17.93 -40.51 -6.93
N LYS B 616 17.55 -40.03 -8.12
CA LYS B 616 16.59 -38.95 -8.26
C LYS B 616 15.20 -39.56 -8.40
N ILE B 617 14.21 -38.93 -7.77
CA ILE B 617 12.85 -39.46 -7.72
C ILE B 617 11.92 -38.47 -8.42
N THR B 618 11.07 -39.00 -9.30
CA THR B 618 10.02 -38.22 -9.95
C THR B 618 8.65 -38.85 -9.85
N ASP B 619 8.54 -40.12 -9.50
CA ASP B 619 7.27 -40.79 -9.28
C ASP B 619 7.07 -40.93 -7.77
N TRP B 620 5.99 -40.34 -7.26
CA TRP B 620 5.76 -40.35 -5.82
C TRP B 620 5.33 -41.71 -5.30
N ASP B 621 4.91 -42.62 -6.16
CA ASP B 621 4.49 -43.94 -5.73
C ASP B 621 5.62 -44.96 -5.71
N SER B 622 6.81 -44.58 -6.19
CA SER B 622 7.95 -45.50 -6.14
C SER B 622 8.63 -45.46 -4.77
N ILE B 623 8.35 -44.43 -3.96
CA ILE B 623 8.95 -44.34 -2.64
C ILE B 623 8.45 -45.48 -1.76
N SER B 624 9.39 -46.15 -1.08
CA SER B 624 9.08 -47.32 -0.28
C SER B 624 9.24 -47.00 1.20
N GLU B 625 8.36 -47.58 2.01
CA GLU B 625 8.41 -47.34 3.46
C GLU B 625 9.58 -48.07 4.10
N ASP B 626 10.09 -49.12 3.46
CA ASP B 626 11.21 -49.87 4.04
C ASP B 626 12.47 -49.02 4.12
N ASP B 627 12.74 -48.22 3.09
CA ASP B 627 13.94 -47.40 3.00
C ASP B 627 13.53 -45.93 3.02
N GLU B 628 13.73 -45.28 4.17
CA GLU B 628 13.35 -43.89 4.36
C GLU B 628 14.51 -43.10 4.94
N PRO B 629 14.57 -41.79 4.71
CA PRO B 629 15.66 -40.99 5.25
C PRO B 629 15.57 -40.86 6.76
N ASP B 630 16.72 -40.60 7.38
CA ASP B 630 16.75 -40.24 8.79
C ASP B 630 16.49 -38.77 9.02
N LEU B 631 16.54 -37.96 7.97
CA LEU B 631 16.38 -36.51 8.08
C LEU B 631 16.10 -35.95 6.70
N ILE B 632 15.28 -34.90 6.66
CA ILE B 632 14.90 -34.24 5.42
C ILE B 632 15.40 -32.81 5.46
N LEU B 633 16.12 -32.41 4.42
CA LEU B 633 16.57 -31.03 4.22
C LEU B 633 15.77 -30.43 3.07
N ALA B 634 15.19 -29.26 3.30
CA ALA B 634 14.31 -28.65 2.31
C ALA B 634 14.62 -27.16 2.20
N ALA B 635 14.26 -26.59 1.06
CA ALA B 635 14.48 -25.18 0.81
C ALA B 635 13.51 -24.71 -0.27
N SER B 636 13.33 -23.39 -0.33
CA SER B 636 12.48 -22.77 -1.35
C SER B 636 13.01 -21.36 -1.58
N GLY B 637 13.67 -21.16 -2.71
CA GLY B 637 14.37 -19.93 -2.98
C GLY B 637 15.81 -20.22 -3.39
N ASP B 638 16.32 -19.49 -4.39
CA ASP B 638 17.63 -19.82 -4.94
C ASP B 638 18.74 -19.60 -3.91
N TYR B 639 18.68 -18.48 -3.18
CA TYR B 639 19.76 -18.17 -2.23
C TYR B 639 19.79 -19.15 -1.08
N VAL B 640 18.62 -19.56 -0.57
CA VAL B 640 18.58 -20.51 0.52
C VAL B 640 18.79 -21.94 0.06
N PHE B 641 18.60 -22.21 -1.24
CA PHE B 641 18.90 -23.54 -1.76
C PHE B 641 20.40 -23.77 -1.89
N LYS B 642 21.15 -22.72 -2.24
CA LYS B 642 22.59 -22.84 -2.33
C LYS B 642 23.22 -23.20 -0.99
N GLU B 643 22.74 -22.57 0.10
CA GLU B 643 23.24 -22.90 1.42
C GLU B 643 22.85 -24.31 1.82
N THR B 644 21.70 -24.79 1.34
CA THR B 644 21.24 -26.13 1.70
C THR B 644 22.04 -27.21 0.98
N VAL B 645 22.37 -26.97 -0.29
CA VAL B 645 23.21 -27.93 -1.03
C VAL B 645 24.60 -28.01 -0.41
N ALA B 646 25.18 -26.85 -0.06
CA ALA B 646 26.50 -26.84 0.54
C ALA B 646 26.51 -27.55 1.89
N ALA B 647 25.44 -27.37 2.68
CA ALA B 647 25.35 -28.04 3.97
C ALA B 647 25.27 -29.56 3.81
N LEU B 648 24.58 -30.03 2.77
CA LEU B 648 24.50 -31.46 2.52
C LEU B 648 25.88 -32.03 2.17
N GLN B 649 26.67 -31.27 1.40
CA GLN B 649 28.01 -31.72 1.05
C GLN B 649 28.88 -31.90 2.29
N VAL B 650 28.78 -30.96 3.23
CA VAL B 650 29.54 -31.05 4.47
C VAL B 650 29.11 -32.28 5.26
N LEU B 651 27.80 -32.53 5.35
CA LEU B 651 27.31 -33.64 6.14
C LEU B 651 27.59 -34.99 5.47
N LEU B 652 27.63 -35.02 4.14
CA LEU B 652 27.98 -36.26 3.45
C LEU B 652 29.41 -36.66 3.74
N HIS B 653 30.31 -35.67 3.84
CA HIS B 653 31.72 -35.95 4.10
C HIS B 653 31.92 -36.48 5.52
N ASP B 654 31.34 -35.81 6.51
CA ASP B 654 31.66 -36.10 7.91
C ASP B 654 30.91 -37.32 8.42
N VAL B 655 29.58 -37.25 8.45
CA VAL B 655 28.74 -38.32 8.98
C VAL B 655 28.13 -39.08 7.81
N ALA B 656 28.54 -40.34 7.64
CA ALA B 656 28.07 -41.16 6.53
C ALA B 656 26.86 -42.01 6.89
N GLN B 657 26.63 -42.27 8.16
CA GLN B 657 25.53 -43.13 8.57
C GLN B 657 24.17 -42.44 8.49
N VAL B 658 24.14 -41.11 8.42
CA VAL B 658 22.89 -40.35 8.41
C VAL B 658 22.41 -40.24 6.96
N LYS B 659 21.30 -40.91 6.64
CA LYS B 659 20.70 -40.79 5.32
C LYS B 659 19.88 -39.51 5.24
N ILE B 660 20.13 -38.72 4.20
CA ILE B 660 19.50 -37.42 4.02
C ILE B 660 18.77 -37.40 2.69
N ARG B 661 17.55 -36.86 2.70
CA ARG B 661 16.76 -36.65 1.49
C ARG B 661 16.68 -35.15 1.23
N LEU B 662 16.89 -34.77 -0.02
CA LEU B 662 16.94 -33.36 -0.42
C LEU B 662 15.67 -33.02 -1.19
N VAL B 663 15.05 -31.91 -0.83
CA VAL B 663 13.78 -31.47 -1.42
C VAL B 663 13.88 -29.99 -1.76
N TYR B 664 13.41 -29.63 -2.95
CA TYR B 664 13.28 -28.23 -3.35
C TYR B 664 11.87 -28.00 -3.88
N ILE B 665 11.29 -26.86 -3.52
CA ILE B 665 9.93 -26.50 -3.90
C ILE B 665 10.00 -25.33 -4.86
N GLN B 666 9.40 -25.50 -6.04
CA GLN B 666 9.48 -24.47 -7.08
C GLN B 666 8.24 -23.59 -7.16
N ALA B 667 7.11 -24.00 -6.58
CA ALA B 667 5.89 -23.22 -6.70
C ALA B 667 4.99 -23.47 -5.49
N LEU B 668 4.23 -22.44 -5.13
CA LEU B 668 3.27 -22.49 -4.03
C LEU B 668 1.99 -21.80 -4.46
N CYS B 669 0.86 -22.37 -4.07
CA CYS B 669 -0.45 -21.82 -4.40
C CYS B 669 -1.29 -21.67 -3.15
N GLY B 670 -2.41 -20.97 -3.28
CA GLY B 670 -3.32 -20.74 -2.17
C GLY B 670 -4.02 -21.98 -1.66
N LYS B 671 -3.92 -23.10 -2.38
CA LYS B 671 -4.54 -24.34 -1.97
C LYS B 671 -3.55 -25.32 -1.34
N GLY B 672 -2.26 -25.07 -1.44
CA GLY B 672 -1.27 -25.94 -0.85
C GLY B 672 0.05 -25.84 -1.61
N ILE B 673 0.72 -26.98 -1.73
CA ILE B 673 2.02 -27.05 -2.38
C ILE B 673 1.82 -27.41 -3.85
N GLY B 674 2.39 -26.60 -4.74
CA GLY B 674 2.33 -26.84 -6.17
C GLY B 674 1.57 -25.73 -6.89
N THR B 675 0.96 -26.09 -8.00
CA THR B 675 0.14 -25.19 -8.79
C THR B 675 -1.34 -25.53 -8.61
N PHE B 676 -2.19 -24.63 -9.09
CA PHE B 676 -3.63 -24.90 -9.05
C PHE B 676 -4.00 -26.10 -9.91
N GLU B 677 -3.37 -26.20 -11.09
CA GLU B 677 -3.63 -27.34 -11.97
C GLU B 677 -3.19 -28.65 -11.32
N ASN B 678 -2.04 -28.63 -10.64
CA ASN B 678 -1.49 -29.83 -10.00
C ASN B 678 -1.02 -29.44 -8.59
N THR B 679 -1.87 -29.69 -7.60
CA THR B 679 -1.59 -29.33 -6.22
C THR B 679 -1.31 -30.60 -5.43
N LEU B 680 -0.22 -30.59 -4.66
CA LEU B 680 0.19 -31.77 -3.92
C LEU B 680 -0.87 -32.16 -2.89
N SER B 681 -1.17 -33.45 -2.82
CA SER B 681 -2.20 -33.97 -1.93
C SER B 681 -1.61 -34.31 -0.57
N LYS B 682 -2.52 -34.60 0.38
CA LYS B 682 -2.09 -34.94 1.73
C LYS B 682 -1.42 -36.31 1.77
N SER B 683 -1.93 -37.25 0.98
CA SER B 683 -1.33 -38.59 0.94
C SER B 683 0.09 -38.55 0.40
N ASP B 684 0.31 -37.75 -0.66
CA ASP B 684 1.65 -37.66 -1.24
C ASP B 684 2.62 -36.97 -0.30
N PHE B 685 2.16 -35.98 0.46
CA PHE B 685 3.03 -35.29 1.41
C PHE B 685 3.63 -36.27 2.42
N VAL B 686 2.84 -37.23 2.86
CA VAL B 686 3.33 -38.26 3.78
C VAL B 686 4.36 -39.15 3.09
N LYS B 687 4.18 -39.40 1.79
CA LYS B 687 5.15 -40.21 1.06
C LYS B 687 6.50 -39.52 0.94
N ILE B 688 6.50 -38.22 0.66
CA ILE B 688 7.74 -37.48 0.51
C ILE B 688 8.40 -37.21 1.86
N PHE B 689 7.68 -36.49 2.73
CA PHE B 689 8.14 -36.25 4.10
C PHE B 689 7.59 -37.37 4.97
N THR B 690 8.48 -38.14 5.59
CA THR B 690 8.07 -39.27 6.41
C THR B 690 7.18 -38.78 7.54
N LYS B 691 6.29 -39.67 8.02
CA LYS B 691 5.27 -39.29 9.01
C LYS B 691 5.89 -38.59 10.22
N ASP B 692 6.93 -39.17 10.80
CA ASP B 692 7.60 -38.59 11.97
C ASP B 692 9.12 -38.60 11.76
N LYS B 693 9.62 -37.56 11.10
CA LYS B 693 11.05 -37.34 10.93
C LYS B 693 11.33 -35.85 10.92
N PRO B 694 12.48 -35.42 11.42
CA PRO B 694 12.78 -33.98 11.44
C PRO B 694 12.85 -33.41 10.03
N VAL B 695 12.37 -32.18 9.88
CA VAL B 695 12.42 -31.45 8.62
C VAL B 695 13.00 -30.08 8.91
N ILE B 696 14.16 -29.78 8.32
CA ILE B 696 14.78 -28.47 8.42
C ILE B 696 14.48 -27.73 7.11
N PHE B 697 13.74 -26.64 7.21
CA PHE B 697 13.23 -25.93 6.05
C PHE B 697 13.72 -24.48 6.10
N ALA B 698 14.39 -24.06 5.05
CA ALA B 698 14.84 -22.68 4.89
C ALA B 698 14.01 -22.02 3.80
N PHE B 699 13.56 -20.79 4.07
CA PHE B 699 12.61 -20.11 3.21
C PHE B 699 13.13 -18.74 2.81
N HIS B 700 12.71 -18.30 1.62
CA HIS B 700 13.17 -17.02 1.10
C HIS B 700 12.52 -15.84 1.80
N GLY B 701 11.27 -16.00 2.24
CA GLY B 701 10.55 -14.92 2.88
C GLY B 701 10.31 -15.13 4.36
N TYR B 702 9.25 -14.53 4.89
CA TYR B 702 8.94 -14.63 6.31
C TYR B 702 8.60 -16.06 6.69
N ALA B 703 8.98 -16.45 7.90
CA ALA B 703 8.72 -17.80 8.38
C ALA B 703 7.23 -18.06 8.60
N LYS B 704 6.45 -17.02 8.90
CA LYS B 704 5.03 -17.21 9.17
C LYS B 704 4.23 -17.44 7.89
N THR B 705 4.73 -16.95 6.75
CA THR B 705 4.06 -17.19 5.49
C THR B 705 4.00 -18.68 5.16
N LEU B 706 5.10 -19.40 5.38
CA LEU B 706 5.12 -20.83 5.14
C LEU B 706 4.39 -21.61 6.23
N LYS B 707 4.35 -21.08 7.46
CA LYS B 707 3.68 -21.77 8.55
C LYS B 707 2.18 -21.90 8.28
N SER B 708 1.58 -20.86 7.70
CA SER B 708 0.14 -20.90 7.40
C SER B 708 -0.17 -21.98 6.37
N ILE B 709 0.72 -22.15 5.37
CA ILE B 709 0.51 -23.18 4.36
C ILE B 709 0.68 -24.56 4.95
N LEU B 710 1.72 -24.76 5.76
CA LEU B 710 2.03 -26.07 6.32
C LEU B 710 1.14 -26.44 7.51
N PHE B 711 0.21 -25.58 7.89
CA PHE B 711 -0.69 -25.88 9.00
C PHE B 711 -1.58 -27.09 8.69
N ASP B 712 -2.03 -27.22 7.44
CA ASP B 712 -2.97 -28.25 7.05
C ASP B 712 -2.30 -29.56 6.65
N TYR B 713 -0.99 -29.65 6.75
CA TYR B 713 -0.27 -30.85 6.37
C TYR B 713 0.03 -31.69 7.60
N GLU B 714 0.70 -32.82 7.42
CA GLU B 714 0.82 -33.82 8.46
C GLU B 714 1.94 -33.49 9.44
N ASN B 715 1.64 -33.62 10.73
CA ASN B 715 2.56 -33.45 11.86
C ASN B 715 3.39 -32.17 11.76
N PRO B 716 2.78 -30.99 11.87
CA PRO B 716 3.56 -29.75 11.77
C PRO B 716 4.43 -29.46 12.99
N ALA B 717 4.39 -30.31 14.03
CA ALA B 717 5.18 -30.06 15.23
C ALA B 717 6.65 -30.36 15.03
N ARG B 718 6.98 -31.27 14.11
CA ARG B 718 8.36 -31.69 13.89
C ARG B 718 9.07 -30.88 12.81
N ILE B 719 8.46 -29.83 12.27
CA ILE B 719 9.02 -29.08 11.16
C ILE B 719 9.62 -27.79 11.71
N GLN B 720 10.91 -27.58 11.45
CA GLN B 720 11.61 -26.36 11.85
C GLN B 720 11.75 -25.46 10.63
N ILE B 721 11.30 -24.21 10.76
CA ILE B 721 11.26 -23.28 9.65
C ILE B 721 12.06 -22.05 10.02
N ASN B 722 12.94 -21.61 9.10
CA ASN B 722 13.73 -20.42 9.26
C ASN B 722 13.70 -19.61 7.98
N GLY B 723 13.70 -18.30 8.10
CA GLY B 723 13.66 -17.42 6.95
C GLY B 723 14.17 -16.05 7.32
N TYR B 724 13.73 -15.05 6.57
CA TYR B 724 14.10 -13.68 6.86
C TYR B 724 13.48 -13.22 8.17
N GLU B 725 14.27 -12.51 8.99
CA GLU B 725 13.86 -12.14 10.33
C GLU B 725 14.12 -10.67 10.62
N GLU B 726 14.10 -9.82 9.59
CA GLU B 726 14.24 -8.37 9.75
C GLU B 726 15.53 -8.00 10.48
N LYS B 727 16.64 -8.65 10.10
CA LYS B 727 17.95 -8.37 10.67
C LYS B 727 18.96 -8.28 9.53
N GLY B 728 19.60 -7.13 9.39
CA GLY B 728 20.61 -6.99 8.36
C GLY B 728 21.05 -5.54 8.23
N SER B 729 22.10 -5.36 7.44
CA SER B 729 22.69 -4.06 7.17
C SER B 729 23.60 -4.22 5.94
N THR B 730 24.38 -3.19 5.64
CA THR B 730 25.32 -3.24 4.53
C THR B 730 26.52 -4.10 4.92
N THR B 731 26.62 -5.30 4.33
CA THR B 731 27.68 -6.24 4.67
C THR B 731 27.80 -7.25 3.53
N THR B 732 28.67 -8.24 3.71
CA THR B 732 28.91 -9.27 2.71
C THR B 732 27.74 -10.24 2.64
N PRO B 733 27.57 -10.92 1.49
CA PRO B 733 26.43 -11.83 1.35
C PRO B 733 26.40 -12.95 2.38
N PHE B 734 27.56 -13.47 2.78
CA PHE B 734 27.57 -14.55 3.77
C PHE B 734 27.14 -14.03 5.14
N ASP B 735 27.48 -12.79 5.48
CA ASP B 735 27.09 -12.23 6.76
C ASP B 735 25.57 -12.10 6.88
N MET B 736 24.91 -11.71 5.78
CA MET B 736 23.45 -11.61 5.79
C MET B 736 22.80 -12.96 6.05
N LEU B 737 23.33 -14.01 5.43
CA LEU B 737 22.79 -15.35 5.66
C LEU B 737 22.99 -15.78 7.11
N ALA B 738 24.17 -15.48 7.67
CA ALA B 738 24.46 -15.90 9.04
C ALA B 738 23.68 -15.08 10.06
N ARG B 739 23.43 -13.80 9.74
CA ARG B 739 22.67 -12.95 10.67
C ARG B 739 21.27 -13.49 10.89
N ASN B 740 20.61 -13.94 9.83
CA ASN B 740 19.27 -14.51 9.91
C ASN B 740 19.29 -16.01 10.16
N LYS B 741 20.46 -16.59 10.42
CA LYS B 741 20.60 -18.00 10.80
C LYS B 741 20.15 -18.93 9.67
N VAL B 742 20.51 -18.59 8.44
CA VAL B 742 20.21 -19.46 7.30
C VAL B 742 21.47 -19.73 6.49
N SER B 743 22.63 -19.66 7.15
CA SER B 743 23.88 -19.98 6.50
C SER B 743 24.09 -21.50 6.47
N ARG B 744 25.11 -21.94 5.72
CA ARG B 744 25.34 -23.37 5.57
C ARG B 744 25.73 -24.02 6.89
N TYR B 745 26.51 -23.31 7.72
CA TYR B 745 26.90 -23.86 9.02
C TYR B 745 25.77 -23.77 10.03
N ASP B 746 24.87 -22.78 9.89
CA ASP B 746 23.67 -22.76 10.73
C ASP B 746 22.80 -23.97 10.45
N ILE B 747 22.64 -24.33 9.18
CA ILE B 747 21.78 -25.45 8.81
C ILE B 747 22.38 -26.78 9.29
N THR B 748 23.70 -26.93 9.19
CA THR B 748 24.31 -28.21 9.54
C THR B 748 24.35 -28.43 11.05
N VAL B 749 24.38 -27.35 11.83
CA VAL B 749 24.28 -27.49 13.29
C VAL B 749 22.87 -27.90 13.69
N ARG B 750 21.86 -27.29 13.06
CA ARG B 750 20.48 -27.64 13.35
C ARG B 750 20.20 -29.11 13.01
N ALA B 751 20.72 -29.58 11.88
CA ALA B 751 20.48 -30.96 11.48
C ALA B 751 21.09 -31.94 12.47
N LEU B 752 22.29 -31.64 12.97
CA LEU B 752 22.95 -32.53 13.92
C LEU B 752 22.19 -32.58 15.25
N LYS B 753 21.66 -31.44 15.69
CA LYS B 753 20.89 -31.40 16.93
C LYS B 753 19.65 -32.27 16.83
N SER B 754 18.93 -32.19 15.70
CA SER B 754 17.71 -32.96 15.51
C SER B 754 17.95 -34.46 15.44
N VAL B 755 19.03 -34.89 14.81
CA VAL B 755 19.30 -36.31 14.64
C VAL B 755 19.85 -36.88 15.95
N SER B 756 19.25 -37.97 16.41
CA SER B 756 19.62 -38.62 17.66
C SER B 756 19.62 -37.65 18.82
N GLU B 757 20.61 -37.77 19.71
CA GLU B 757 20.70 -36.85 20.84
C GLU B 757 21.28 -35.50 20.41
N GLY B 758 22.18 -35.51 19.42
CA GLY B 758 22.81 -34.30 18.97
C GLY B 758 24.10 -33.94 19.69
N ASP B 759 24.50 -34.72 20.69
CA ASP B 759 25.71 -34.44 21.45
C ASP B 759 26.57 -35.67 21.72
N LYS B 760 26.19 -36.86 21.24
CA LYS B 760 26.96 -38.06 21.52
C LYS B 760 28.35 -37.99 20.90
N VAL B 761 28.41 -37.70 19.59
CA VAL B 761 29.68 -37.60 18.88
C VAL B 761 29.70 -36.26 18.15
N PHE B 762 28.51 -35.72 17.89
CA PHE B 762 28.41 -34.49 17.12
C PHE B 762 28.73 -33.26 17.95
N GLY B 763 28.94 -33.42 19.25
CA GLY B 763 29.30 -32.30 20.10
C GLY B 763 30.59 -31.64 19.66
N SER B 764 31.59 -32.44 19.32
CA SER B 764 32.83 -31.88 18.78
C SER B 764 32.61 -31.31 17.39
N LEU B 765 31.75 -31.96 16.58
CA LEU B 765 31.47 -31.47 15.24
C LEU B 765 30.74 -30.13 15.29
N VAL B 766 29.82 -29.97 16.24
CA VAL B 766 29.12 -28.69 16.39
C VAL B 766 30.11 -27.58 16.73
N LYS B 767 31.10 -27.89 17.57
CA LYS B 767 32.13 -26.90 17.91
C LYS B 767 32.93 -26.50 16.68
N GLU B 768 33.31 -27.47 15.85
CA GLU B 768 34.12 -27.17 14.68
C GLU B 768 33.35 -26.31 13.67
N TYR B 769 32.10 -26.67 13.42
CA TYR B 769 31.31 -25.90 12.45
C TYR B 769 31.04 -24.48 12.95
N ARG B 770 30.82 -24.33 14.26
CA ARG B 770 30.68 -22.99 14.83
C ARG B 770 31.97 -22.19 14.67
N LYS B 771 33.11 -22.86 14.83
CA LYS B 771 34.40 -22.19 14.64
C LYS B 771 34.59 -21.73 13.20
N ARG B 772 34.18 -22.56 12.24
CA ARG B 772 34.30 -22.17 10.83
C ARG B 772 33.49 -20.93 10.52
N GLN B 773 32.27 -20.85 11.06
CA GLN B 773 31.45 -19.66 10.85
C GLN B 773 32.09 -18.44 11.48
N ASP B 774 32.70 -18.60 12.66
CA ASP B 774 33.37 -17.49 13.32
C ASP B 774 34.53 -16.96 12.48
N ASP B 775 35.33 -17.88 11.91
CA ASP B 775 36.48 -17.45 11.11
C ASP B 775 36.03 -16.67 9.87
N ALA B 776 34.99 -17.15 9.20
CA ALA B 776 34.54 -16.50 7.97
C ALA B 776 34.03 -15.08 8.24
N LEU B 777 33.28 -14.90 9.33
CA LEU B 777 32.78 -13.56 9.66
C LEU B 777 33.91 -12.62 10.04
N ARG B 778 34.95 -13.15 10.68
CA ARG B 778 36.11 -12.33 11.02
C ARG B 778 36.85 -11.87 9.78
N PHE B 779 36.97 -12.75 8.78
CA PHE B 779 37.65 -12.38 7.54
C PHE B 779 36.95 -11.22 6.84
N ALA B 780 35.61 -11.27 6.78
CA ALA B 780 34.86 -10.21 6.11
C ALA B 780 35.05 -8.88 6.81
N GLN B 781 35.09 -8.87 8.14
CA GLN B 781 35.25 -7.63 8.87
C GLN B 781 36.58 -6.96 8.57
N GLU B 782 37.66 -7.74 8.49
CA GLU B 782 38.98 -7.16 8.28
C GLU B 782 39.19 -6.76 6.82
N ASN B 783 38.66 -7.53 5.87
CA ASN B 783 39.01 -7.36 4.47
C ASN B 783 37.89 -6.82 3.60
N SER B 784 36.65 -6.78 4.09
CA SER B 784 35.50 -6.34 3.32
C SER B 784 35.26 -7.20 2.09
N VAL B 785 35.68 -8.47 2.15
CA VAL B 785 35.55 -9.41 1.05
C VAL B 785 35.35 -10.80 1.63
N ASP B 786 34.51 -11.60 0.98
CA ASP B 786 34.22 -12.94 1.47
C ASP B 786 35.45 -13.82 1.45
N ALA B 787 35.49 -14.78 2.36
CA ALA B 787 36.65 -15.65 2.52
C ALA B 787 36.83 -16.52 1.27
N PRO B 788 38.08 -16.87 0.94
CA PRO B 788 38.30 -17.70 -0.25
C PRO B 788 37.69 -19.09 -0.16
N GLU B 789 37.51 -19.63 1.04
CA GLU B 789 36.92 -20.96 1.18
C GLU B 789 35.49 -20.99 0.66
N ILE B 790 34.73 -19.93 0.93
CA ILE B 790 33.34 -19.88 0.48
C ILE B 790 33.24 -19.36 -0.95
N GLU B 791 34.15 -18.46 -1.34
CA GLU B 791 34.08 -17.87 -2.68
C GLU B 791 34.29 -18.91 -3.77
N ASN B 792 35.23 -19.83 -3.56
CA ASN B 792 35.58 -20.83 -4.56
C ASN B 792 34.99 -22.20 -4.26
N TRP B 793 33.80 -22.23 -3.67
CA TRP B 793 33.18 -23.49 -3.30
C TRP B 793 32.77 -24.27 -4.55
N ASP B 794 32.83 -25.60 -4.45
CA ASP B 794 32.45 -26.50 -5.53
C ASP B 794 31.12 -27.13 -5.15
N TYR B 795 30.08 -26.83 -5.91
CA TYR B 795 28.72 -27.26 -5.58
C TYR B 795 28.34 -28.53 -6.33
N LEU B 796 27.17 -29.06 -5.98
CA LEU B 796 26.61 -30.23 -6.65
C LEU B 796 25.79 -29.82 -7.86
N ARG B 797 25.61 -30.77 -8.76
CA ARG B 797 24.82 -30.56 -9.96
C ARG B 797 24.08 -31.84 -10.30
N PHE B 798 22.86 -31.70 -10.83
CA PHE B 798 22.04 -32.84 -11.22
C PHE B 798 21.72 -32.83 -12.70
N PHE B 799 22.66 -32.36 -13.52
CA PHE B 799 22.47 -32.30 -14.97
C PHE B 799 22.28 -33.70 -15.56
N1' TPP C . 10.70 3.03 -5.84
C2' TPP C . 10.67 3.44 -4.56
CM2 TPP C . 9.34 3.62 -3.93
N3' TPP C . 11.74 3.70 -3.81
C4' TPP C . 12.96 3.53 -4.37
N4' TPP C . 14.02 3.79 -3.60
C5' TPP C . 13.10 3.11 -5.72
C6' TPP C . 11.91 2.87 -6.38
C7' TPP C . 14.42 2.91 -6.40
N3 TPP C . 15.22 4.14 -6.49
C2 TPP C . 16.21 4.44 -5.66
S1 TPP C . 16.93 5.92 -6.03
C5 TPP C . 15.85 6.15 -7.37
C4 TPP C . 15.00 5.11 -7.48
CM4 TPP C . 13.92 4.92 -8.48
C6 TPP C . 15.93 7.38 -8.22
C7 TPP C . 15.89 8.67 -7.42
O7 TPP C . 15.83 9.78 -8.33
PA TPP C . 15.99 11.28 -7.91
O1A TPP C . 15.63 11.44 -6.48
O2A TPP C . 15.19 12.15 -8.87
O3A TPP C . 17.52 11.59 -8.18
PB TPP C . 18.79 12.20 -7.46
O1B TPP C . 19.82 12.63 -8.45
O2B TPP C . 18.23 13.34 -6.64
O3B TPP C . 19.26 11.09 -6.53
N1' TPP D . -11.03 6.16 1.58
C2' TPP D . -10.95 5.43 0.46
CM2 TPP D . -9.59 5.12 -0.07
N3' TPP D . -11.99 4.97 -0.24
C4' TPP D . -13.22 5.24 0.22
N4' TPP D . -14.26 4.76 -0.49
C5' TPP D . -13.42 6.00 1.40
C6' TPP D . -12.26 6.42 2.03
C7' TPP D . -14.77 6.34 1.97
N3 TPP D . -15.60 7.16 1.06
C2 TPP D . -16.53 6.67 0.27
S1 TPP D . -17.29 7.85 -0.64
C5 TPP D . -16.31 9.08 0.08
C4 TPP D . -15.45 8.54 0.97
CM4 TPP D . -14.45 9.25 1.80
C6 TPP D . -16.47 10.53 -0.32
C7 TPP D . -16.28 10.76 -1.79
O7 TPP D . -16.25 12.18 -2.03
PA TPP D . -16.36 12.85 -3.45
O1A TPP D . -15.23 12.42 -4.29
O2A TPP D . -16.52 14.35 -3.28
O3A TPP D . -17.74 12.30 -4.00
PB TPP D . -19.23 12.80 -4.24
O1B TPP D . -19.57 13.94 -3.35
O2B TPP D . -20.08 11.55 -4.00
O3B TPP D . -19.28 13.16 -5.73
#